data_8JD4
#
_entry.id   8JD4
#
_cell.length_a   1.00
_cell.length_b   1.00
_cell.length_c   1.00
_cell.angle_alpha   90.00
_cell.angle_beta   90.00
_cell.angle_gamma   90.00
#
_symmetry.space_group_name_H-M   'P 1'
#
loop_
_entity.id
_entity.type
_entity.pdbx_description
1 polymer 'Metabotropic glutamate receptor 2,Peptidyl-prolyl cis-trans isomerase FKBP1A'
2 polymer 'Metabotropic glutamate receptor 4,Serine/threonine-protein kinase mTOR'
3 non-polymer 2-acetamido-2-deoxy-beta-D-glucopyranose
4 non-polymer 'GLUTAMIC ACID'
#
loop_
_entity_poly.entity_id
_entity_poly.type
_entity_poly.pdbx_seq_one_letter_code
_entity_poly.pdbx_strand_id
1 'polypeptide(L)'
;DYKDDDDGAPEGPAKKVLTLEGDLVLGGLFPVHQKGGPAEDCGPVNEHRGIQRLEAMLFALDRINRDPHLLPGVRLGAHI
LDSCSKDTHALEQALDFVRASLSRGADGSRHICPDGSYATHGDAPTAITGVIGGSYSDVSIQVANLLRLFQIPQISYAST
SAKLSDKSRYDYFARTVPPDFFQAKAMAEILRFFNWTYVSTVASEGDYGETGIEAFELEARARNICVATSEKVGRAMSRA
AFEGVVRALLQKPSARVAVLFTRSEDARELLAASQRLNASFTWVASDGWGALESVVAGSEGAAEGAITIELASYPISDFA
SYFQSLDPWNNSRNPWFREFWEQRFRCSFRQRDCAAHSLRAVPFEQESKIMFVVNAVYAMAHALHNMHRALCPNTTRLCD
AMRPVNGRRLYKDFVLNVKFDAPFRPADTHNEVRFDRFGDGIGRYNIFTYLRAGSGRYRYQKVGYWAEGLTLDTSLIPWA
SPSAGPLPASRCSEPCLQNEVKSVQPGEVCCWLCIPCQPYEYRLDEFTCADCGLGYWPNASLTGCFELPQEYIRWGDAWA
VGPVTIACLGALATLFVLGVFVRHNATPVVKASGRELCYILLGGVFLCYCMTFIFIAKPSTAVCTLRRLGLGTAFSVCYS
ALLTKTNRIARIFGGAREGAQRPRFISPASQVAICLALISGQLLIVVAWLVVEAPGTGKETAPERREVVTLRCNHRDASM
LGSLAYNVLLIALCTLYAFKTRKCPENFNEAKFIGFTMYTTCIIWLAFLPIFYVTSSDYRVQTTTMCVSVSLSGSVVLGC
LFAPKLHIILFQPQKNVVSHRAPTSRFGSAAARASSSLGQGSGSQFVPTVCNGREVVDSTTSSLLEVLFQGPGVQVETIS
PGDGRTFPKRGQTCVVHYTGMLEDGKKFDSSRDRNKPFKFMLGKQEVIRGWEEGVAQMSVGQRAKLTISPDYAYGATGHP
GIIPPHATLVFDVELLKLEFAAAHHHHHHHHHH
;
2
2 'polypeptide(L)'
;DYKDDDDGAPWSHPQFEKGSGSWSHPQFEKKPKGHPHMNSIRIDGDITLGGLFPVHGRGSEGKPCGELKKEKGIHRLEAM
LFALDRINNDPDLLPNITLGARILDTCSRDTHALEQSLTFVQALIEKDGTEVRCGSGGPPIITKPERVVGVIGASGSSVS
IMVANILRLFKIPQISYASTAPDLSDNSRYDFFSRVVPSDTYQAQAMVDIVRALKWNYVSTVASEGSYGESGVEAFIQKS
REDGGVCIAQSVKIPREPKAGEFDKIIRRLLETSNARAVIIFANEDDIRRVLEAARRANQTGHFFWMGSDSWGSKIAPVL
HLEEVAEGAVTILPKRMSVRGFDRYFSSRTLDNNRRNIWFAEFWEDNFHCKLSRHALKKGSHVKKCTNRERIGQDSAYEQ
EGKVQFVIDAVYAMGHALHAMHRDLCPGRVGLCPRMDPVDGTQLLKYIRNVNFSGIAGNPVTFNENGDAPGRYDIYQYQL
RNDSAEYKVIGSWTDHLHLRIERMHWPGSGQQLPRSICSLPCQPGERKKTVKGMPCCWHCEPCTGYQYQVDRYTCKTCPY
DMRPTENRTGCRPIPIIKLEWGSPWAVLPLFLAVVGIAATLFVVITFVRYNDTPIVKASGRELSYVLLAGIFLCYATTFL
MIAEPDLGTCSLRRIFLGLGMSISYAALLTKTNRIYRIFEQGKRSVSAPRFISPASQLAITFSLISLQLLGICVWFVVDP
SHSVVDFQDQRTLDPRFARGVLKCDISDLSLICLLGYSMLLMVTCTVYAIKTRGVPETFNEAKPIGFTMYTTCIVWLAFI
PIFFGTSQSADKLYIQTTTLTVSVSLSASVSLGMLYMPKVYIILFHPEQNVPKRKRSLKAVVTAATMSNKFTQKGNFRPN
GEAKSELCENLEAPALATKQTYVTYTNHAILEVLFQGPAILWHEMWHEGLEEASRLYFGERNVKGMFEVLEPLHAMMERG
PQTLKETSFNQAYGRDLMEAQEWCRKYMKSGNVKDLTQAWDLYYHVFRRISKQ
;
4
#
loop_
_chem_comp.id
_chem_comp.type
_chem_comp.name
_chem_comp.formula
NAG D-saccharide, beta linking 2-acetamido-2-deoxy-beta-D-glucopyranose 'C8 H15 N O6'
#
# COMPACT_ATOMS: atom_id res chain seq x y z
N LYS A 15 12.60 50.90 22.46
CA LYS A 15 11.69 51.12 21.33
C LYS A 15 11.91 52.48 20.71
N LYS A 16 12.89 52.59 19.82
CA LYS A 16 13.19 53.85 19.17
C LYS A 16 12.13 54.18 18.12
N VAL A 17 12.02 55.47 17.82
CA VAL A 17 11.02 55.99 16.89
C VAL A 17 11.73 56.76 15.78
N LEU A 18 11.26 56.57 14.55
CA LEU A 18 11.75 57.33 13.39
C LEU A 18 10.65 58.31 13.01
N THR A 19 10.81 59.57 13.43
CA THR A 19 9.82 60.61 13.20
C THR A 19 10.37 61.62 12.21
N LEU A 20 9.60 61.94 11.18
CA LEU A 20 9.97 62.92 10.17
C LEU A 20 8.91 64.01 10.13
N GLU A 21 9.35 65.26 10.12
CA GLU A 21 8.43 66.39 10.10
C GLU A 21 7.70 66.46 8.76
N GLY A 22 6.43 66.83 8.82
CA GLY A 22 5.63 66.96 7.62
C GLY A 22 4.21 67.32 7.98
N ASP A 23 3.47 67.79 6.96
CA ASP A 23 2.07 68.13 7.17
C ASP A 23 1.25 66.91 7.56
N LEU A 24 1.47 65.79 6.86
CA LEU A 24 0.85 64.52 7.20
C LEU A 24 1.90 63.42 7.08
N VAL A 25 1.88 62.49 8.03
CA VAL A 25 2.94 61.50 8.15
C VAL A 25 2.41 60.13 7.73
N LEU A 26 3.34 59.26 7.33
CA LEU A 26 3.05 57.89 6.94
C LEU A 26 3.73 56.94 7.90
N GLY A 27 2.98 55.96 8.41
CA GLY A 27 3.54 55.01 9.33
C GLY A 27 4.39 53.95 8.64
N GLY A 28 5.27 53.33 9.42
CA GLY A 28 6.12 52.26 8.93
C GLY A 28 6.24 51.12 9.92
N LEU A 29 6.30 49.89 9.43
CA LEU A 29 6.30 48.71 10.28
C LEU A 29 7.33 47.70 9.79
N PHE A 30 8.54 48.17 9.53
CA PHE A 30 9.56 47.27 9.02
C PHE A 30 10.15 46.43 10.16
N PRO A 31 10.51 45.17 9.89
CA PRO A 31 11.16 44.32 10.91
C PRO A 31 12.67 44.55 10.98
N VAL A 32 13.05 45.65 11.62
CA VAL A 32 14.46 46.03 11.68
C VAL A 32 15.25 45.01 12.48
N HIS A 33 14.69 44.49 13.57
CA HIS A 33 15.38 43.59 14.47
C HIS A 33 14.75 42.20 14.40
N GLN A 34 15.59 41.17 14.40
CA GLN A 34 15.11 39.80 14.46
C GLN A 34 14.64 39.48 15.87
N LYS A 35 13.74 38.50 15.97
CA LYS A 35 13.22 38.09 17.27
C LYS A 35 14.32 37.45 18.10
N GLY A 36 14.34 37.77 19.40
CA GLY A 36 15.32 37.25 20.31
C GLY A 36 14.82 36.06 21.11
N GLY A 37 15.48 35.79 22.22
CA GLY A 37 15.10 34.72 23.10
C GLY A 37 13.98 35.13 24.04
N PRO A 38 13.70 34.30 25.04
CA PRO A 38 12.65 34.65 26.01
C PRO A 38 12.95 35.94 26.77
N ALA A 39 14.23 36.24 27.04
CA ALA A 39 14.56 37.41 27.85
C ALA A 39 14.36 38.70 27.06
N GLU A 40 14.81 38.75 25.81
CA GLU A 40 14.78 39.96 25.01
C GLU A 40 13.66 39.90 23.98
N ASP A 41 12.95 41.02 23.83
CA ASP A 41 11.86 41.08 22.85
C ASP A 41 12.36 40.87 21.44
N CYS A 42 13.47 41.50 21.08
CA CYS A 42 14.07 41.35 19.76
C CYS A 42 15.56 41.62 19.85
N GLY A 43 16.33 40.89 19.05
CA GLY A 43 17.77 40.91 19.15
C GLY A 43 18.47 41.61 17.99
N PRO A 44 19.25 40.83 17.23
CA PRO A 44 20.12 41.44 16.22
C PRO A 44 19.33 42.10 15.09
N VAL A 45 19.95 43.11 14.49
CA VAL A 45 19.38 43.79 13.33
C VAL A 45 19.73 43.00 12.07
N ASN A 46 18.73 42.77 11.23
CA ASN A 46 18.92 42.03 9.99
C ASN A 46 19.37 42.95 8.87
N GLU A 47 20.22 42.41 7.99
CA GLU A 47 20.89 43.24 6.99
C GLU A 47 19.93 43.74 5.92
N HIS A 48 19.09 42.85 5.39
CA HIS A 48 18.30 43.13 4.19
C HIS A 48 16.83 43.43 4.49
N ARG A 49 16.17 42.56 5.25
CA ARG A 49 14.72 42.69 5.41
C ARG A 49 14.33 43.92 6.22
N GLY A 50 15.18 44.34 7.15
CA GLY A 50 14.83 45.46 8.01
C GLY A 50 15.44 46.78 7.61
N ILE A 51 16.73 46.81 7.33
CA ILE A 51 17.43 48.07 7.07
C ILE A 51 17.18 48.53 5.63
N GLN A 52 17.33 47.61 4.67
CA GLN A 52 17.24 48.00 3.26
C GLN A 52 15.83 48.48 2.91
N ARG A 53 14.80 47.80 3.43
CA ARG A 53 13.43 48.23 3.13
C ARG A 53 13.10 49.56 3.80
N LEU A 54 13.59 49.77 5.02
CA LEU A 54 13.40 51.06 5.68
C LEU A 54 14.07 52.19 4.90
N GLU A 55 15.30 51.95 4.45
CA GLU A 55 15.99 52.96 3.63
C GLU A 55 15.29 53.15 2.29
N ALA A 56 14.68 52.10 1.74
CA ALA A 56 13.93 52.25 0.51
C ALA A 56 12.71 53.14 0.71
N MET A 57 12.00 52.96 1.82
CA MET A 57 10.86 53.83 2.11
C MET A 57 11.33 55.27 2.33
N LEU A 58 12.44 55.46 3.03
CA LEU A 58 12.96 56.80 3.24
C LEU A 58 13.36 57.46 1.92
N PHE A 59 14.00 56.69 1.03
CA PHE A 59 14.38 57.20 -0.28
C PHE A 59 13.15 57.57 -1.11
N ALA A 60 12.12 56.72 -1.08
CA ALA A 60 10.90 57.01 -1.82
C ALA A 60 10.22 58.27 -1.28
N LEU A 61 10.20 58.44 0.04
CA LEU A 61 9.64 59.65 0.63
C LEU A 61 10.45 60.87 0.23
N ASP A 62 11.78 60.72 0.17
CA ASP A 62 12.63 61.84 -0.26
C ASP A 62 12.34 62.24 -1.69
N ARG A 63 12.17 61.27 -2.60
CA ARG A 63 11.88 61.60 -3.98
C ARG A 63 10.49 62.21 -4.15
N ILE A 64 9.52 61.75 -3.36
CA ILE A 64 8.17 62.30 -3.46
C ILE A 64 8.14 63.76 -3.03
N ASN A 65 8.90 64.10 -1.99
CA ASN A 65 8.88 65.48 -1.48
C ASN A 65 9.41 66.46 -2.52
N ARG A 66 10.46 66.08 -3.24
CA ARG A 66 11.03 66.94 -4.27
C ARG A 66 10.37 66.78 -5.63
N ASP A 67 9.40 65.88 -5.74
CA ASP A 67 8.73 65.66 -7.02
C ASP A 67 7.66 66.74 -7.22
N PRO A 68 7.72 67.50 -8.32
CA PRO A 68 6.70 68.54 -8.54
C PRO A 68 5.36 68.00 -9.01
N HIS A 69 5.32 66.83 -9.66
CA HIS A 69 4.08 66.27 -10.17
C HIS A 69 3.32 65.45 -9.13
N LEU A 70 3.91 65.22 -7.96
CA LEU A 70 3.30 64.41 -6.90
C LEU A 70 3.43 65.16 -5.58
N LEU A 71 2.32 65.74 -5.12
CA LEU A 71 2.26 66.51 -3.87
C LEU A 71 3.31 67.62 -3.86
N PRO A 72 3.16 68.65 -4.69
CA PRO A 72 4.18 69.70 -4.74
C PRO A 72 4.08 70.69 -3.59
N GLY A 73 2.87 70.91 -3.09
CA GLY A 73 2.63 71.88 -2.04
C GLY A 73 2.50 71.33 -0.64
N VAL A 74 2.51 70.01 -0.47
CA VAL A 74 2.38 69.38 0.83
C VAL A 74 3.50 68.37 1.02
N ARG A 75 4.07 68.34 2.21
CA ARG A 75 5.19 67.48 2.54
C ARG A 75 4.71 66.23 3.26
N LEU A 76 5.37 65.10 2.97
CA LEU A 76 5.03 63.82 3.57
C LEU A 76 6.01 63.47 4.67
N GLY A 77 5.48 63.17 5.86
CA GLY A 77 6.29 62.78 6.99
C GLY A 77 6.40 61.27 7.13
N ALA A 78 7.00 60.85 8.25
CA ALA A 78 7.19 59.44 8.53
C ALA A 78 7.09 59.18 10.02
N HIS A 79 6.50 58.05 10.39
CA HIS A 79 6.40 57.61 11.77
C HIS A 79 6.75 56.13 11.86
N ILE A 80 7.85 55.75 11.22
CA ILE A 80 8.22 54.35 11.11
C ILE A 80 8.64 53.80 12.47
N LEU A 81 8.16 52.60 12.79
CA LEU A 81 8.50 51.91 14.02
C LEU A 81 8.96 50.50 13.72
N ASP A 82 9.76 49.95 14.63
CA ASP A 82 10.30 48.61 14.50
C ASP A 82 9.32 47.59 15.07
N SER A 83 8.99 46.57 14.29
CA SER A 83 8.11 45.50 14.75
C SER A 83 8.85 44.40 15.49
N CYS A 84 10.18 44.34 15.37
CA CYS A 84 11.02 43.34 16.02
C CYS A 84 10.62 41.91 15.62
N SER A 85 10.02 41.76 14.45
CA SER A 85 9.62 40.45 13.90
C SER A 85 8.69 39.69 14.84
N LYS A 86 7.86 40.42 15.58
CA LYS A 86 6.87 39.80 16.48
C LYS A 86 5.55 40.54 16.34
N ASP A 87 4.47 39.78 16.52
CA ASP A 87 3.13 40.37 16.38
C ASP A 87 2.73 41.20 17.59
N THR A 88 3.17 40.83 18.80
CA THR A 88 2.82 41.60 19.98
C THR A 88 3.51 42.95 19.98
N HIS A 89 4.82 42.97 19.69
CA HIS A 89 5.55 44.23 19.60
C HIS A 89 4.99 45.10 18.49
N ALA A 90 4.68 44.49 17.34
CA ALA A 90 4.07 45.24 16.24
C ALA A 90 2.71 45.79 16.64
N LEU A 91 1.96 45.06 17.48
CA LEU A 91 0.66 45.57 17.92
C LEU A 91 0.82 46.74 18.89
N GLU A 92 1.87 46.71 19.73
CA GLU A 92 2.17 47.88 20.55
C GLU A 92 2.53 49.08 19.68
N GLN A 93 3.33 48.87 18.63
CA GLN A 93 3.61 49.96 17.70
C GLN A 93 2.35 50.41 16.96
N ALA A 94 1.40 49.50 16.74
CA ALA A 94 0.12 49.89 16.15
C ALA A 94 -0.68 50.76 17.09
N LEU A 95 -0.63 50.47 18.40
CA LEU A 95 -1.19 51.40 19.37
C LEU A 95 -0.50 52.75 19.28
N ASP A 96 0.81 52.75 19.13
CA ASP A 96 1.52 54.02 18.92
C ASP A 96 0.99 54.74 17.68
N PHE A 97 0.61 53.99 16.65
CA PHE A 97 -0.01 54.60 15.47
C PHE A 97 -1.37 55.21 15.79
N VAL A 98 -2.20 54.51 16.55
CA VAL A 98 -3.60 54.91 16.75
C VAL A 98 -3.72 55.79 17.98
N ARG A 99 -2.59 56.24 18.53
CA ARG A 99 -2.62 57.12 19.69
C ARG A 99 -3.32 58.44 19.36
N ALA A 100 -3.03 59.01 18.18
CA ALA A 100 -3.65 60.26 17.79
C ALA A 100 -5.15 60.11 17.59
N SER A 101 -5.58 59.00 16.97
CA SER A 101 -6.99 58.78 16.69
C SER A 101 -7.80 58.42 17.93
N LEU A 102 -7.15 58.11 19.05
CA LEU A 102 -7.86 57.77 20.27
C LEU A 102 -7.38 58.63 21.44
N ALA A 127 -1.74 63.29 13.06
CA ALA A 127 -2.40 61.99 13.00
C ALA A 127 -1.73 61.11 11.95
N ILE A 128 -2.17 59.85 11.87
CA ILE A 128 -1.64 58.88 10.92
C ILE A 128 -2.66 58.70 9.80
N THR A 129 -2.33 59.21 8.63
CA THR A 129 -3.21 59.02 7.47
C THR A 129 -3.10 57.62 6.89
N GLY A 130 -1.94 56.99 7.02
CA GLY A 130 -1.74 55.65 6.50
C GLY A 130 -0.42 55.10 6.97
N VAL A 131 -0.27 53.78 6.86
CA VAL A 131 0.93 53.09 7.28
C VAL A 131 1.43 52.21 6.14
N ILE A 132 2.73 52.27 5.91
CA ILE A 132 3.41 51.41 4.93
C ILE A 132 4.21 50.39 5.73
N GLY A 133 3.60 49.23 5.98
CA GLY A 133 4.26 48.23 6.79
C GLY A 133 3.49 46.92 6.75
N GLY A 134 3.98 45.96 7.52
CA GLY A 134 3.36 44.65 7.53
C GLY A 134 4.12 43.60 6.74
N SER A 135 5.44 43.55 6.92
CA SER A 135 6.26 42.58 6.19
C SER A 135 5.83 41.16 6.48
N TYR A 136 5.56 40.83 7.74
CA TYR A 136 5.13 39.50 8.12
C TYR A 136 3.61 39.39 8.09
N SER A 137 3.12 38.22 7.65
CA SER A 137 1.68 38.04 7.49
C SER A 137 0.95 38.11 8.83
N ASP A 138 1.49 37.44 9.86
CA ASP A 138 0.86 37.51 11.18
C ASP A 138 0.93 38.92 11.74
N VAL A 139 2.06 39.60 11.54
CA VAL A 139 2.17 41.00 11.93
C VAL A 139 1.14 41.85 11.21
N SER A 140 1.00 41.63 9.89
CA SER A 140 0.03 42.39 9.10
C SER A 140 -1.38 42.19 9.62
N ILE A 141 -1.74 40.93 9.91
CA ILE A 141 -3.09 40.63 10.38
C ILE A 141 -3.34 41.25 11.75
N GLN A 142 -2.37 41.12 12.66
CA GLN A 142 -2.53 41.68 13.99
C GLN A 142 -2.68 43.19 13.96
N VAL A 143 -1.89 43.86 13.12
CA VAL A 143 -1.97 45.31 13.04
C VAL A 143 -3.26 45.75 12.35
N ALA A 144 -3.67 45.03 11.29
CA ALA A 144 -4.89 45.39 10.59
C ALA A 144 -6.12 45.18 11.45
N ASN A 145 -6.09 44.21 12.37
CA ASN A 145 -7.22 44.01 13.27
C ASN A 145 -7.48 45.26 14.09
N LEU A 146 -6.42 45.91 14.59
CA LEU A 146 -6.58 47.15 15.34
C LEU A 146 -6.86 48.33 14.43
N LEU A 147 -6.24 48.37 13.25
CA LEU A 147 -6.43 49.49 12.34
C LEU A 147 -7.83 49.54 11.74
N ARG A 148 -8.53 48.40 11.68
CA ARG A 148 -9.89 48.40 11.16
C ARG A 148 -10.82 49.23 12.03
N LEU A 149 -10.61 49.19 13.35
CA LEU A 149 -11.47 49.94 14.26
C LEU A 149 -11.35 51.44 14.05
N PHE A 150 -10.13 51.92 13.81
CA PHE A 150 -9.87 53.35 13.67
C PHE A 150 -9.89 53.83 12.22
N GLN A 151 -10.24 52.94 11.28
CA GLN A 151 -10.34 53.28 9.86
C GLN A 151 -9.05 53.90 9.33
N ILE A 152 -7.92 53.26 9.62
CA ILE A 152 -6.61 53.67 9.13
C ILE A 152 -6.20 52.72 8.02
N PRO A 153 -6.12 53.18 6.78
CA PRO A 153 -5.73 52.28 5.69
C PRO A 153 -4.31 51.77 5.83
N GLN A 154 -4.10 50.53 5.39
CA GLN A 154 -2.80 49.87 5.48
C GLN A 154 -2.45 49.28 4.13
N ILE A 155 -1.24 49.54 3.66
CA ILE A 155 -0.71 48.95 2.43
C ILE A 155 0.53 48.16 2.80
N SER A 156 0.55 46.89 2.44
CA SER A 156 1.66 45.99 2.74
C SER A 156 2.53 45.80 1.51
N TYR A 157 3.80 45.45 1.77
CA TYR A 157 4.78 45.25 0.71
C TYR A 157 5.31 43.84 0.61
N ALA A 158 5.13 43.01 1.64
CA ALA A 158 5.69 41.66 1.66
C ALA A 158 4.73 40.57 2.10
N SER A 159 3.67 40.90 2.85
CA SER A 159 2.76 39.88 3.36
C SER A 159 1.93 39.30 2.22
N THR A 160 2.07 37.99 1.99
CA THR A 160 1.39 37.31 0.89
C THR A 160 0.39 36.28 1.38
N SER A 161 -0.09 36.40 2.61
CA SER A 161 -1.03 35.42 3.14
C SER A 161 -2.34 35.45 2.36
N ALA A 162 -2.88 34.27 2.09
CA ALA A 162 -4.11 34.16 1.31
C ALA A 162 -5.35 34.57 2.10
N LYS A 163 -5.29 34.54 3.43
CA LYS A 163 -6.43 34.91 4.25
C LYS A 163 -6.57 36.42 4.41
N LEU A 164 -5.58 37.20 3.99
CA LEU A 164 -5.68 38.65 4.03
C LEU A 164 -6.55 39.21 2.90
N SER A 165 -6.92 38.38 1.93
CA SER A 165 -7.79 38.80 0.84
C SER A 165 -9.26 38.88 1.26
N ASP A 166 -9.60 38.41 2.45
CA ASP A 166 -10.97 38.46 2.95
C ASP A 166 -11.33 39.91 3.27
N LYS A 167 -12.06 40.55 2.36
CA LYS A 167 -12.40 41.96 2.54
C LYS A 167 -13.39 42.19 3.67
N SER A 168 -14.19 41.18 4.00
CA SER A 168 -15.12 41.32 5.12
C SER A 168 -14.36 41.49 6.44
N ARG A 169 -13.28 40.75 6.63
CA ARG A 169 -12.48 40.84 7.85
C ARG A 169 -11.43 41.95 7.79
N TYR A 170 -10.91 42.24 6.59
CA TYR A 170 -9.90 43.29 6.40
C TYR A 170 -10.39 44.18 5.25
N ASP A 171 -11.21 45.17 5.59
CA ASP A 171 -11.76 46.10 4.60
C ASP A 171 -10.94 47.38 4.48
N TYR A 172 -9.82 47.48 5.18
CA TYR A 172 -8.93 48.64 5.08
C TYR A 172 -7.50 48.22 4.77
N PHE A 173 -7.30 47.01 4.26
CA PHE A 173 -5.97 46.47 4.00
C PHE A 173 -5.76 46.32 2.50
N ALA A 174 -4.56 46.68 2.05
CA ALA A 174 -4.16 46.51 0.66
C ALA A 174 -2.72 46.05 0.61
N ARG A 175 -2.33 45.49 -0.52
CA ARG A 175 -0.96 45.03 -0.69
C ARG A 175 -0.59 45.04 -2.17
N THR A 176 0.68 45.26 -2.44
CA THR A 176 1.22 45.25 -3.80
C THR A 176 1.76 43.89 -4.20
N VAL A 177 1.60 42.87 -3.36
CA VAL A 177 2.07 41.53 -3.65
C VAL A 177 0.88 40.60 -3.83
N PRO A 178 1.00 39.56 -4.66
CA PRO A 178 -0.12 38.63 -4.85
C PRO A 178 -0.26 37.70 -3.65
N PRO A 179 -1.42 37.05 -3.50
CA PRO A 179 -1.58 36.09 -2.40
C PRO A 179 -0.77 34.82 -2.61
N ASP A 180 -0.89 33.88 -1.68
CA ASP A 180 -0.11 32.65 -1.73
C ASP A 180 -0.75 31.57 -2.60
N PHE A 181 -1.96 31.79 -3.11
CA PHE A 181 -2.61 30.79 -3.93
C PHE A 181 -1.86 30.60 -5.26
N PHE A 182 -1.44 31.70 -5.88
CA PHE A 182 -0.66 31.60 -7.11
C PHE A 182 0.69 30.94 -6.84
N GLN A 183 1.30 31.21 -5.69
CA GLN A 183 2.57 30.58 -5.33
C GLN A 183 2.40 29.08 -5.15
N ALA A 184 1.32 28.66 -4.49
CA ALA A 184 1.04 27.24 -4.34
C ALA A 184 0.81 26.58 -5.70
N LYS A 185 0.09 27.26 -6.59
CA LYS A 185 -0.09 26.74 -7.94
C LYS A 185 1.25 26.60 -8.65
N ALA A 186 2.13 27.59 -8.48
CA ALA A 186 3.41 27.58 -9.16
C ALA A 186 4.27 26.41 -8.72
N MET A 187 4.36 26.19 -7.40
CA MET A 187 5.19 25.07 -6.96
C MET A 187 4.51 23.73 -7.18
N ALA A 188 3.18 23.68 -7.23
CA ALA A 188 2.52 22.45 -7.65
C ALA A 188 2.87 22.10 -9.09
N GLU A 189 2.87 23.10 -9.97
CA GLU A 189 3.31 22.86 -11.35
C GLU A 189 4.77 22.47 -11.41
N ILE A 190 5.60 23.07 -10.55
CA ILE A 190 7.02 22.70 -10.50
C ILE A 190 7.18 21.25 -10.10
N LEU A 191 6.44 20.81 -9.07
CA LEU A 191 6.50 19.42 -8.64
C LEU A 191 6.02 18.48 -9.73
N ARG A 192 4.95 18.87 -10.44
CA ARG A 192 4.47 18.04 -11.54
C ARG A 192 5.47 17.97 -12.68
N PHE A 193 6.26 19.03 -12.88
CA PHE A 193 7.24 19.04 -13.96
C PHE A 193 8.31 17.98 -13.76
N PHE A 194 8.80 17.82 -12.53
CA PHE A 194 9.83 16.85 -12.21
C PHE A 194 9.27 15.52 -11.71
N ASN A 195 7.99 15.24 -11.98
CA ASN A 195 7.37 13.95 -11.67
C ASN A 195 7.40 13.68 -10.17
N TRP A 196 7.37 14.74 -9.37
CA TRP A 196 7.54 14.64 -7.93
C TRP A 196 6.16 14.45 -7.30
N THR A 197 5.85 13.21 -6.91
CA THR A 197 4.51 12.92 -6.34
C THR A 197 4.62 12.80 -4.82
N TYR A 198 5.20 11.70 -4.33
CA TYR A 198 5.34 11.49 -2.86
C TYR A 198 6.27 12.57 -2.30
N VAL A 199 5.69 13.65 -1.75
CA VAL A 199 6.53 14.78 -1.26
C VAL A 199 6.26 15.02 0.23
N SER A 200 7.20 15.64 0.94
CA SER A 200 7.03 15.94 2.35
C SER A 200 6.79 17.43 2.52
N THR A 201 5.92 17.78 3.47
CA THR A 201 5.51 19.16 3.69
C THR A 201 6.05 19.66 5.03
N VAL A 202 6.75 20.79 4.99
CA VAL A 202 7.25 21.46 6.19
C VAL A 202 6.74 22.89 6.18
N ALA A 203 6.11 23.30 7.28
CA ALA A 203 5.53 24.63 7.38
C ALA A 203 5.77 25.19 8.78
N SER A 204 5.72 26.52 8.87
CA SER A 204 5.86 27.22 10.15
C SER A 204 4.47 27.66 10.63
N GLU A 205 4.20 27.41 11.91
CA GLU A 205 2.89 27.77 12.46
C GLU A 205 2.70 29.28 12.44
N GLY A 206 1.46 29.69 12.21
CA GLY A 206 1.13 31.09 12.14
C GLY A 206 0.09 31.33 11.07
N ASP A 207 0.00 32.58 10.63
CA ASP A 207 -0.97 32.98 9.62
C ASP A 207 -0.40 32.97 8.20
N TYR A 208 0.86 32.57 8.04
CA TYR A 208 1.48 32.51 6.72
C TYR A 208 1.82 31.09 6.30
N GLY A 209 2.56 30.35 7.13
CA GLY A 209 2.92 28.98 6.77
C GLY A 209 1.71 28.06 6.72
N GLU A 210 0.76 28.23 7.64
CA GLU A 210 -0.37 27.32 7.70
C GLU A 210 -1.24 27.45 6.45
N THR A 211 -1.92 28.59 6.28
CA THR A 211 -2.83 28.75 5.15
C THR A 211 -2.12 28.43 3.85
N GLY A 212 -0.84 28.73 3.77
CA GLY A 212 -0.05 28.29 2.64
C GLY A 212 -0.01 26.78 2.49
N ILE A 213 0.16 26.06 3.61
CA ILE A 213 0.31 24.61 3.49
C ILE A 213 -1.02 23.96 3.11
N GLU A 214 -2.14 24.42 3.69
CA GLU A 214 -3.42 23.88 3.21
C GLU A 214 -3.68 24.26 1.75
N ALA A 215 -3.31 25.47 1.33
CA ALA A 215 -3.49 25.82 -0.08
C ALA A 215 -2.66 24.93 -0.99
N PHE A 216 -1.42 24.65 -0.60
CA PHE A 216 -0.55 23.80 -1.41
C PHE A 216 -1.06 22.38 -1.48
N GLU A 217 -1.52 21.82 -0.35
CA GLU A 217 -2.08 20.47 -0.38
C GLU A 217 -3.35 20.41 -1.21
N LEU A 218 -4.21 21.44 -1.11
CA LEU A 218 -5.42 21.47 -1.91
C LEU A 218 -5.10 21.53 -3.40
N GLU A 219 -4.10 22.33 -3.77
CA GLU A 219 -3.70 22.40 -5.18
C GLU A 219 -3.08 21.09 -5.65
N ALA A 220 -2.24 20.47 -4.82
CA ALA A 220 -1.56 19.24 -5.21
C ALA A 220 -2.50 18.05 -5.25
N ARG A 221 -3.62 18.10 -4.53
CA ARG A 221 -4.59 17.01 -4.60
C ARG A 221 -5.16 16.87 -6.00
N ALA A 222 -5.43 18.00 -6.67
CA ALA A 222 -5.95 17.95 -8.03
C ALA A 222 -4.89 17.53 -9.04
N ARG A 223 -3.61 17.63 -8.69
CA ARG A 223 -2.52 17.25 -9.59
C ARG A 223 -2.00 15.85 -9.31
N ASN A 224 -2.70 15.07 -8.48
CA ASN A 224 -2.31 13.71 -8.12
C ASN A 224 -0.92 13.68 -7.50
N ILE A 225 -0.76 14.47 -6.44
CA ILE A 225 0.49 14.57 -5.70
C ILE A 225 0.22 14.16 -4.26
N CYS A 226 1.01 13.20 -3.76
CA CYS A 226 0.81 12.66 -2.42
C CYS A 226 1.70 13.36 -1.41
N VAL A 227 1.33 13.23 -0.14
CA VAL A 227 2.05 13.86 0.97
C VAL A 227 2.53 12.77 1.91
N ALA A 228 3.83 12.78 2.21
CA ALA A 228 4.40 11.78 3.11
C ALA A 228 4.18 12.16 4.58
N THR A 229 4.73 13.31 4.99
CA THR A 229 4.62 13.79 6.35
C THR A 229 4.22 15.26 6.35
N SER A 230 3.57 15.69 7.43
CA SER A 230 3.13 17.08 7.58
C SER A 230 3.40 17.50 9.02
N GLU A 231 4.58 18.06 9.26
CA GLU A 231 4.96 18.57 10.57
C GLU A 231 5.06 20.09 10.51
N LYS A 232 4.93 20.71 11.69
CA LYS A 232 4.88 22.16 11.81
C LYS A 232 6.09 22.67 12.57
N VAL A 233 6.49 23.90 12.27
CA VAL A 233 7.63 24.56 12.90
C VAL A 233 7.09 25.58 13.89
N GLY A 234 7.46 25.43 15.17
CA GLY A 234 6.97 26.32 16.19
C GLY A 234 7.65 27.68 16.17
N ARG A 235 6.97 28.65 16.78
CA ARG A 235 7.54 30.00 16.86
C ARG A 235 8.66 30.08 17.88
N ALA A 236 8.59 29.28 18.95
CA ALA A 236 9.61 29.26 20.00
C ALA A 236 10.04 27.81 20.19
N MET A 237 11.02 27.39 19.40
CA MET A 237 11.52 26.03 19.43
C MET A 237 13.04 26.04 19.37
N SER A 238 13.65 25.07 20.03
CA SER A 238 15.09 25.01 20.16
C SER A 238 15.71 24.21 19.01
N ARG A 239 17.05 24.16 18.99
CA ARG A 239 17.75 23.45 17.93
C ARG A 239 17.52 21.94 18.04
N ALA A 240 17.31 21.43 19.26
CA ALA A 240 17.01 20.01 19.42
C ALA A 240 15.67 19.67 18.77
N ALA A 241 14.68 20.56 18.89
CA ALA A 241 13.41 20.34 18.22
C ALA A 241 13.57 20.37 16.70
N PHE A 242 14.44 21.24 16.19
CA PHE A 242 14.71 21.25 14.75
C PHE A 242 15.37 19.95 14.31
N GLU A 243 16.30 19.43 15.11
CA GLU A 243 16.90 18.14 14.80
C GLU A 243 15.86 17.03 14.82
N GLY A 244 14.93 17.08 15.78
CA GLY A 244 13.85 16.12 15.80
C GLY A 244 12.96 16.19 14.56
N VAL A 245 12.68 17.41 14.10
CA VAL A 245 11.90 17.58 12.87
C VAL A 245 12.64 16.99 11.68
N VAL A 246 13.96 17.25 11.59
CA VAL A 246 14.75 16.71 10.49
C VAL A 246 14.75 15.18 10.53
N ARG A 247 14.89 14.61 11.73
CA ARG A 247 14.85 13.15 11.87
C ARG A 247 13.48 12.61 11.46
N ALA A 248 12.41 13.32 11.81
CA ALA A 248 11.07 12.92 11.38
C ALA A 248 10.95 12.98 9.86
N LEU A 249 11.64 13.92 9.22
CA LEU A 249 11.68 13.94 7.75
C LEU A 249 12.34 12.68 7.21
N LEU A 250 13.37 12.18 7.90
CA LEU A 250 14.09 10.99 7.46
C LEU A 250 13.34 9.70 7.77
N GLN A 251 12.23 9.76 8.49
CA GLN A 251 11.46 8.55 8.79
C GLN A 251 10.85 7.94 7.53
N LYS A 252 10.78 8.70 6.43
CA LYS A 252 10.27 8.22 5.14
C LYS A 252 11.38 8.36 4.12
N PRO A 253 12.25 7.34 3.93
CA PRO A 253 13.28 7.40 2.90
C PRO A 253 12.62 7.50 1.51
N SER A 254 11.36 7.08 1.41
CA SER A 254 10.63 7.11 0.11
C SER A 254 10.55 8.55 -0.41
N ALA A 255 10.29 9.51 0.47
CA ALA A 255 10.24 10.94 0.07
C ALA A 255 11.66 11.50 0.01
N ARG A 256 11.95 12.31 -1.02
CA ARG A 256 13.28 12.89 -1.15
C ARG A 256 13.28 14.42 -1.14
N VAL A 257 12.17 15.05 -1.55
CA VAL A 257 12.07 16.50 -1.64
C VAL A 257 11.05 16.99 -0.62
N ALA A 258 11.35 18.10 0.02
CA ALA A 258 10.48 18.71 1.02
C ALA A 258 10.20 20.16 0.66
N VAL A 259 8.93 20.55 0.72
CA VAL A 259 8.52 21.93 0.46
C VAL A 259 8.57 22.71 1.76
N LEU A 260 9.01 23.97 1.68
CA LEU A 260 9.25 24.80 2.86
C LEU A 260 8.33 26.01 2.84
N PHE A 261 7.46 26.11 3.84
CA PHE A 261 6.67 27.31 4.13
C PHE A 261 7.10 27.95 5.44
N THR A 262 8.40 27.89 5.73
CA THR A 262 8.94 28.47 6.94
C THR A 262 9.51 29.85 6.66
N ARG A 263 9.67 30.63 7.74
CA ARG A 263 10.27 31.94 7.62
C ARG A 263 11.78 31.82 7.41
N SER A 264 12.45 32.96 7.24
CA SER A 264 13.88 32.95 6.96
C SER A 264 14.66 32.33 8.10
N GLU A 265 14.34 32.71 9.34
CA GLU A 265 15.02 32.14 10.49
C GLU A 265 14.72 30.66 10.65
N ASP A 266 13.46 30.26 10.45
CA ASP A 266 13.10 28.85 10.56
C ASP A 266 13.76 28.02 9.46
N ALA A 267 13.80 28.55 8.24
CA ALA A 267 14.47 27.84 7.15
C ALA A 267 15.97 27.71 7.43
N ARG A 268 16.59 28.77 7.94
CA ARG A 268 18.01 28.71 8.27
C ARG A 268 18.28 27.67 9.35
N GLU A 269 17.45 27.64 10.38
CA GLU A 269 17.62 26.65 11.44
C GLU A 269 17.41 25.23 10.93
N LEU A 270 16.42 25.03 10.05
CA LEU A 270 16.19 23.72 9.47
C LEU A 270 17.39 23.28 8.62
N LEU A 271 17.95 24.19 7.84
CA LEU A 271 19.13 23.86 7.04
C LEU A 271 20.31 23.53 7.93
N ALA A 272 20.51 24.28 9.02
CA ALA A 272 21.59 23.99 9.94
C ALA A 272 21.42 22.62 10.59
N ALA A 273 20.19 22.28 10.99
CA ALA A 273 19.92 20.98 11.57
C ALA A 273 20.16 19.86 10.56
N SER A 274 19.75 20.07 9.30
CA SER A 274 19.98 19.08 8.27
C SER A 274 21.47 18.87 8.03
N GLN A 275 22.25 19.95 8.03
CA GLN A 275 23.70 19.81 7.88
C GLN A 275 24.31 19.08 9.07
N ARG A 276 23.83 19.37 10.28
CA ARG A 276 24.38 18.74 11.47
C ARG A 276 24.15 17.23 11.46
N LEU A 277 23.00 16.79 10.96
CA LEU A 277 22.67 15.38 10.89
C LEU A 277 23.18 14.72 9.60
N ASN A 278 23.94 15.44 8.79
CA ASN A 278 24.50 14.92 7.54
C ASN A 278 23.41 14.37 6.62
N ALA A 279 22.28 15.07 6.57
CA ALA A 279 21.16 14.70 5.72
C ALA A 279 21.15 15.60 4.49
N SER A 280 21.19 15.00 3.30
CA SER A 280 21.16 15.74 2.05
C SER A 280 19.72 15.78 1.54
N PHE A 281 19.22 16.99 1.29
CA PHE A 281 17.84 17.19 0.86
C PHE A 281 17.80 18.18 -0.29
N THR A 282 16.77 18.05 -1.11
CA THR A 282 16.44 19.05 -2.12
C THR A 282 15.17 19.76 -1.68
N TRP A 283 15.18 21.09 -1.77
CA TRP A 283 14.13 21.92 -1.19
C TRP A 283 13.37 22.67 -2.28
N VAL A 284 12.07 22.77 -2.09
CA VAL A 284 11.21 23.62 -2.92
C VAL A 284 10.52 24.59 -1.97
N ALA A 285 11.13 25.75 -1.77
CA ALA A 285 10.70 26.70 -0.75
C ALA A 285 9.87 27.82 -1.34
N SER A 286 9.18 28.53 -0.46
CA SER A 286 8.32 29.64 -0.84
C SER A 286 9.13 30.94 -0.81
N ASP A 287 8.43 32.08 -0.89
CA ASP A 287 9.08 33.38 -0.89
C ASP A 287 9.76 33.72 0.43
N GLY A 288 9.47 32.97 1.50
CA GLY A 288 10.16 33.21 2.76
C GLY A 288 11.65 32.99 2.66
N TRP A 289 12.06 31.95 1.94
CA TRP A 289 13.47 31.74 1.67
C TRP A 289 13.95 32.65 0.53
N GLY A 290 13.35 32.49 -0.65
CA GLY A 290 13.70 33.33 -1.79
C GLY A 290 15.16 33.20 -2.16
N ALA A 291 15.80 34.33 -2.43
CA ALA A 291 17.22 34.40 -2.75
C ALA A 291 18.00 35.07 -1.63
N LEU A 292 17.61 34.83 -0.39
CA LEU A 292 18.26 35.45 0.76
C LEU A 292 19.53 34.68 1.11
N GLU A 293 20.67 35.38 1.08
CA GLU A 293 21.95 34.74 1.39
C GLU A 293 22.12 34.45 2.87
N SER A 294 21.39 35.16 3.73
CA SER A 294 21.50 34.92 5.17
C SER A 294 20.95 33.55 5.55
N VAL A 295 19.97 33.05 4.79
CA VAL A 295 19.42 31.72 5.07
C VAL A 295 20.46 30.64 4.81
N VAL A 296 21.27 30.81 3.77
CA VAL A 296 22.28 29.82 3.41
C VAL A 296 23.65 30.18 3.98
N ALA A 297 23.70 31.05 4.98
CA ALA A 297 24.95 31.45 5.61
C ALA A 297 25.38 30.35 6.57
N GLY A 298 26.51 29.70 6.28
CA GLY A 298 27.00 28.61 7.09
C GLY A 298 26.39 27.26 6.81
N SER A 299 25.46 27.18 5.86
CA SER A 299 24.82 25.92 5.50
C SER A 299 24.83 25.74 3.98
N GLU A 300 25.97 26.03 3.35
CA GLU A 300 26.07 25.93 1.90
C GLU A 300 25.97 24.49 1.41
N GLY A 301 26.51 23.54 2.18
CA GLY A 301 26.50 22.15 1.74
C GLY A 301 25.11 21.55 1.68
N ALA A 302 24.27 21.85 2.66
CA ALA A 302 22.94 21.26 2.74
C ALA A 302 21.92 21.95 1.83
N ALA A 303 22.25 23.11 1.28
CA ALA A 303 21.34 23.84 0.41
C ALA A 303 21.57 23.56 -1.06
N GLU A 304 22.50 22.67 -1.41
CA GLU A 304 22.82 22.42 -2.80
C GLU A 304 21.62 21.81 -3.51
N GLY A 305 21.32 22.34 -4.70
CA GLY A 305 20.22 21.84 -5.51
C GLY A 305 18.84 22.28 -5.06
N ALA A 306 18.75 23.18 -4.07
CA ALA A 306 17.46 23.64 -3.58
C ALA A 306 16.85 24.62 -4.57
N ILE A 307 15.57 24.42 -4.86
CA ILE A 307 14.81 25.31 -5.74
C ILE A 307 13.99 26.25 -4.86
N THR A 308 14.24 27.55 -5.01
CA THR A 308 13.50 28.57 -4.26
C THR A 308 12.92 29.57 -5.25
N ILE A 309 11.64 29.87 -5.10
CA ILE A 309 10.97 30.85 -5.95
C ILE A 309 10.81 32.15 -5.17
N GLU A 310 10.73 33.25 -5.90
CA GLU A 310 10.65 34.56 -5.28
C GLU A 310 9.81 35.47 -6.17
N LEU A 311 9.32 36.55 -5.58
CA LEU A 311 8.52 37.51 -6.33
C LEU A 311 9.37 38.16 -7.42
N ALA A 312 8.77 38.36 -8.60
CA ALA A 312 9.47 38.92 -9.74
C ALA A 312 9.59 40.42 -9.56
N SER A 313 10.80 40.91 -9.30
CA SER A 313 11.05 42.32 -9.12
C SER A 313 12.38 42.68 -9.79
N TYR A 314 12.51 43.96 -10.14
CA TYR A 314 13.73 44.44 -10.77
C TYR A 314 14.49 45.36 -9.82
N PRO A 315 15.82 45.37 -9.87
CA PRO A 315 16.58 46.28 -9.01
C PRO A 315 16.36 47.73 -9.39
N ILE A 316 16.48 48.60 -8.38
CA ILE A 316 16.34 50.03 -8.56
C ILE A 316 17.73 50.64 -8.64
N SER A 317 18.03 51.29 -9.77
CA SER A 317 19.37 51.87 -9.95
C SER A 317 19.62 53.00 -8.97
N ASP A 318 18.61 53.84 -8.72
CA ASP A 318 18.80 54.98 -7.81
C ASP A 318 18.93 54.53 -6.37
N PHE A 319 18.24 53.46 -5.97
CA PHE A 319 18.30 53.01 -4.59
C PHE A 319 19.69 52.50 -4.23
N ALA A 320 20.37 51.85 -5.17
CA ALA A 320 21.73 51.37 -4.90
C ALA A 320 22.66 52.55 -4.63
N SER A 321 22.58 53.61 -5.43
CA SER A 321 23.41 54.78 -5.20
C SER A 321 23.03 55.47 -3.89
N TYR A 322 21.74 55.52 -3.57
CA TYR A 322 21.32 56.15 -2.32
C TYR A 322 21.84 55.37 -1.12
N PHE A 323 21.78 54.05 -1.17
CA PHE A 323 22.20 53.23 -0.02
C PHE A 323 23.72 53.21 0.11
N GLN A 324 24.44 53.14 -1.01
CA GLN A 324 25.90 53.10 -0.94
C GLN A 324 26.49 54.43 -0.47
N SER A 325 25.72 55.51 -0.50
CA SER A 325 26.17 56.83 -0.07
C SER A 325 25.69 57.17 1.34
N LEU A 326 25.58 56.18 2.21
CA LEU A 326 25.07 56.36 3.56
C LEU A 326 26.21 56.21 4.57
N ASP A 327 26.28 57.13 5.52
CA ASP A 327 27.26 57.09 6.59
C ASP A 327 26.57 57.28 7.92
N PRO A 328 27.08 56.66 8.99
CA PRO A 328 26.42 56.80 10.30
C PRO A 328 26.34 58.22 10.81
N TRP A 329 27.37 59.04 10.56
CA TRP A 329 27.32 60.43 11.00
C TRP A 329 26.34 61.24 10.16
N ASN A 330 26.38 61.06 8.84
CA ASN A 330 25.54 61.85 7.95
C ASN A 330 24.07 61.44 8.09
N ASN A 331 23.81 60.14 8.26
CA ASN A 331 22.45 59.62 8.33
C ASN A 331 22.01 59.51 9.80
N SER A 332 21.84 60.66 10.42
CA SER A 332 21.29 60.73 11.77
C SER A 332 19.78 60.53 11.79
N ARG A 333 19.13 60.52 10.63
CA ARG A 333 17.69 60.30 10.57
C ARG A 333 17.32 58.91 11.06
N ASN A 334 18.09 57.90 10.69
CA ASN A 334 17.79 56.53 11.07
C ASN A 334 18.36 56.25 12.47
N PRO A 335 17.53 55.91 13.45
CA PRO A 335 18.06 55.60 14.78
C PRO A 335 18.73 54.23 14.86
N TRP A 336 18.40 53.31 13.97
CA TRP A 336 18.96 51.97 13.99
C TRP A 336 20.16 51.81 13.07
N PHE A 337 20.62 52.88 12.43
CA PHE A 337 21.72 52.77 11.49
C PHE A 337 23.04 52.50 12.20
N ARG A 338 23.20 52.98 13.44
CA ARG A 338 24.43 52.71 14.18
C ARG A 338 24.60 51.23 14.47
N GLU A 339 23.52 50.55 14.86
CA GLU A 339 23.58 49.10 15.08
C GLU A 339 23.91 48.37 13.78
N PHE A 340 23.32 48.83 12.67
CA PHE A 340 23.62 48.23 11.37
C PHE A 340 25.09 48.37 11.03
N TRP A 341 25.65 49.57 11.24
CA TRP A 341 27.07 49.80 10.96
C TRP A 341 27.95 48.94 11.85
N GLU A 342 27.59 48.82 13.14
CA GLU A 342 28.39 48.01 14.06
C GLU A 342 28.35 46.53 13.67
N GLN A 343 27.18 46.01 13.32
CA GLN A 343 27.08 44.58 13.02
C GLN A 343 27.66 44.24 11.65
N ARG A 344 27.44 45.08 10.65
CA ARG A 344 27.91 44.77 9.30
C ARG A 344 29.42 44.94 9.21
N PHE A 345 29.90 46.15 9.48
CA PHE A 345 31.34 46.41 9.62
C PHE A 345 31.69 46.18 11.09
N ARG A 346 32.37 45.08 11.37
CA ARG A 346 32.68 44.71 12.75
C ARG A 346 33.62 45.72 13.40
N CYS A 347 33.08 46.54 14.30
CA CYS A 347 33.84 47.57 15.00
C CYS A 347 32.99 48.08 16.15
N SER A 348 33.51 49.05 16.88
CA SER A 348 32.80 49.67 17.99
C SER A 348 32.95 51.18 17.89
N PHE A 349 31.84 51.90 18.07
CA PHE A 349 31.88 53.36 18.03
C PHE A 349 32.70 53.92 19.19
N ARG A 350 32.62 53.29 20.36
CA ARG A 350 33.42 53.74 21.49
C ARG A 350 34.91 53.58 21.20
N GLN A 351 35.29 52.47 20.57
CA GLN A 351 36.70 52.25 20.21
C GLN A 351 37.15 53.17 19.08
N ARG A 352 36.22 53.79 18.36
CA ARG A 352 36.52 54.72 17.27
C ARG A 352 37.35 54.05 16.18
N ASP A 353 36.82 52.96 15.66
CA ASP A 353 37.47 52.21 14.58
C ASP A 353 36.45 51.82 13.53
N CYS A 354 35.44 52.67 13.31
CA CYS A 354 34.39 52.41 12.34
C CYS A 354 34.43 53.32 11.13
N ALA A 355 35.25 54.38 11.16
CA ALA A 355 35.31 55.32 10.05
C ALA A 355 36.08 54.77 8.85
N ALA A 356 36.92 53.75 9.07
CA ALA A 356 37.71 53.19 7.96
C ALA A 356 36.81 52.51 6.94
N HIS A 357 35.78 51.80 7.40
CA HIS A 357 34.90 51.06 6.49
C HIS A 357 33.95 51.99 5.76
N SER A 358 33.50 51.54 4.60
CA SER A 358 32.53 52.28 3.80
C SER A 358 31.66 51.29 3.04
N LEU A 359 30.45 51.73 2.70
CA LEU A 359 29.52 50.87 1.98
C LEU A 359 29.81 50.79 0.49
N ARG A 360 30.59 51.73 -0.05
CA ARG A 360 30.91 51.70 -1.48
C ARG A 360 31.92 50.61 -1.81
N ALA A 361 32.95 50.45 -0.96
CA ALA A 361 33.99 49.47 -1.24
C ALA A 361 33.42 48.04 -1.22
N VAL A 362 32.60 47.73 -0.23
CA VAL A 362 32.03 46.39 -0.10
C VAL A 362 30.95 46.21 -1.17
N PRO A 363 30.75 45.00 -1.69
CA PRO A 363 29.68 44.79 -2.67
C PRO A 363 28.31 44.97 -2.04
N PHE A 364 27.37 45.43 -2.86
CA PHE A 364 26.01 45.70 -2.42
C PHE A 364 25.03 44.91 -3.29
N GLU A 365 24.09 44.23 -2.63
CA GLU A 365 23.05 43.46 -3.32
C GLU A 365 21.70 43.95 -2.85
N GLN A 366 20.85 44.36 -3.79
CA GLN A 366 19.54 44.88 -3.45
C GLN A 366 18.62 43.77 -2.99
N GLU A 367 17.83 44.05 -1.95
CA GLU A 367 16.82 43.10 -1.51
C GLU A 367 15.66 43.10 -2.49
N SER A 368 15.04 41.92 -2.64
CA SER A 368 14.07 41.73 -3.72
C SER A 368 12.84 42.62 -3.55
N LYS A 369 12.34 42.77 -2.32
CA LYS A 369 11.08 43.46 -2.08
C LYS A 369 11.24 44.97 -1.94
N ILE A 370 12.39 45.53 -2.36
CA ILE A 370 12.55 46.99 -2.37
C ILE A 370 11.56 47.62 -3.34
N MET A 371 11.38 47.01 -4.51
CA MET A 371 10.43 47.52 -5.49
C MET A 371 9.03 47.58 -4.92
N PHE A 372 8.66 46.57 -4.13
CA PHE A 372 7.30 46.54 -3.57
C PHE A 372 7.11 47.63 -2.52
N VAL A 373 8.13 47.90 -1.70
CA VAL A 373 8.04 48.99 -0.73
C VAL A 373 7.91 50.33 -1.45
N VAL A 374 8.72 50.53 -2.49
CA VAL A 374 8.64 51.78 -3.25
C VAL A 374 7.28 51.92 -3.90
N ASN A 375 6.75 50.82 -4.46
CA ASN A 375 5.44 50.85 -5.08
C ASN A 375 4.34 51.18 -4.09
N ALA A 376 4.41 50.60 -2.88
CA ALA A 376 3.40 50.91 -1.87
C ALA A 376 3.45 52.37 -1.45
N VAL A 377 4.66 52.90 -1.22
CA VAL A 377 4.78 54.30 -0.83
C VAL A 377 4.27 55.21 -1.93
N TYR A 378 4.63 54.92 -3.18
CA TYR A 378 4.18 55.75 -4.29
C TYR A 378 2.68 55.63 -4.51
N ALA A 379 2.10 54.45 -4.27
CA ALA A 379 0.65 54.31 -4.39
C ALA A 379 -0.07 55.13 -3.34
N MET A 380 0.44 55.13 -2.09
CA MET A 380 -0.17 55.97 -1.06
C MET A 380 -0.03 57.44 -1.42
N ALA A 381 1.13 57.85 -1.93
CA ALA A 381 1.33 59.25 -2.33
C ALA A 381 0.40 59.63 -3.46
N HIS A 382 0.22 58.74 -4.45
CA HIS A 382 -0.68 59.02 -5.56
C HIS A 382 -2.13 59.10 -5.11
N ALA A 383 -2.51 58.24 -4.15
CA ALA A 383 -3.86 58.33 -3.59
C ALA A 383 -4.07 59.68 -2.90
N LEU A 384 -3.07 60.11 -2.11
CA LEU A 384 -3.19 61.41 -1.45
C LEU A 384 -3.27 62.54 -2.47
N HIS A 385 -2.48 62.47 -3.54
CA HIS A 385 -2.52 63.49 -4.57
C HIS A 385 -3.87 63.54 -5.27
N ASN A 386 -4.42 62.37 -5.61
CA ASN A 386 -5.73 62.34 -6.26
C ASN A 386 -6.82 62.86 -5.34
N MET A 387 -6.77 62.49 -4.06
CA MET A 387 -7.77 62.98 -3.13
C MET A 387 -7.65 64.48 -2.92
N HIS A 388 -6.43 65.02 -2.94
CA HIS A 388 -6.26 66.45 -2.83
C HIS A 388 -6.70 67.19 -4.09
N ARG A 389 -6.55 66.56 -5.25
CA ARG A 389 -6.99 67.15 -6.51
C ARG A 389 -8.49 67.00 -6.73
N ALA A 390 -9.15 66.13 -5.96
CA ALA A 390 -10.60 65.99 -6.04
C ALA A 390 -11.34 66.54 -4.82
N LEU A 391 -10.65 67.00 -3.78
CA LEU A 391 -11.29 67.58 -2.62
C LEU A 391 -10.80 68.97 -2.27
N CYS A 392 -9.63 69.39 -2.75
CA CYS A 392 -9.09 70.73 -2.54
C CYS A 392 -8.67 71.29 -3.89
N PRO A 393 -9.63 71.59 -4.78
CA PRO A 393 -9.27 71.92 -6.17
C PRO A 393 -8.67 73.31 -6.33
N ASN A 394 -8.82 74.20 -5.36
CA ASN A 394 -8.36 75.58 -5.53
C ASN A 394 -6.92 75.75 -5.07
N THR A 395 -6.64 75.46 -3.80
CA THR A 395 -5.29 75.64 -3.27
C THR A 395 -4.41 74.44 -3.60
N THR A 396 -3.10 74.66 -3.47
CA THR A 396 -2.12 73.60 -3.68
C THR A 396 -1.69 72.92 -2.39
N ARG A 397 -1.74 73.62 -1.26
CA ARG A 397 -1.42 73.03 0.03
C ARG A 397 -2.62 72.27 0.56
N LEU A 398 -2.45 71.63 1.72
CA LEU A 398 -3.52 70.87 2.34
C LEU A 398 -4.62 71.83 2.79
N CYS A 399 -5.82 71.67 2.23
CA CYS A 399 -6.92 72.58 2.50
C CYS A 399 -7.63 72.20 3.80
N ASP A 400 -8.55 73.05 4.23
CA ASP A 400 -9.23 72.86 5.52
C ASP A 400 -10.26 71.74 5.48
N ALA A 401 -10.69 71.32 4.29
CA ALA A 401 -11.67 70.25 4.18
C ALA A 401 -11.04 68.87 4.32
N MET A 402 -9.71 68.78 4.44
CA MET A 402 -9.02 67.51 4.49
C MET A 402 -8.17 67.36 5.75
N ARG A 403 -8.27 68.30 6.70
CA ARG A 403 -7.49 68.18 7.93
C ARG A 403 -7.81 66.89 8.68
N PRO A 404 -9.08 66.52 8.91
CA PRO A 404 -9.37 65.12 9.25
C PRO A 404 -9.37 64.28 7.98
N VAL A 405 -8.42 63.36 7.88
CA VAL A 405 -8.33 62.49 6.71
C VAL A 405 -9.32 61.34 6.88
N ASN A 406 -10.20 61.18 5.89
CA ASN A 406 -11.21 60.14 5.93
C ASN A 406 -10.59 58.81 5.51
N GLY A 407 -10.61 57.83 6.41
CA GLY A 407 -10.02 56.54 6.10
C GLY A 407 -10.77 55.80 4.99
N ARG A 408 -12.10 55.79 5.06
CA ARG A 408 -12.89 55.10 4.05
C ARG A 408 -12.74 55.77 2.69
N ARG A 409 -12.77 57.10 2.65
CA ARG A 409 -12.61 57.80 1.37
C ARG A 409 -11.23 57.55 0.79
N LEU A 410 -10.19 57.58 1.62
CA LEU A 410 -8.85 57.30 1.11
C LEU A 410 -8.73 55.86 0.61
N TYR A 411 -9.33 54.91 1.33
CA TYR A 411 -9.28 53.51 0.91
C TYR A 411 -9.97 53.32 -0.43
N LYS A 412 -11.17 53.89 -0.59
CA LYS A 412 -11.85 53.82 -1.87
C LYS A 412 -11.21 54.70 -2.93
N ASP A 413 -10.27 55.56 -2.55
CA ASP A 413 -9.50 56.33 -3.52
C ASP A 413 -8.27 55.62 -4.02
N PHE A 414 -7.63 54.76 -3.21
CA PHE A 414 -6.51 54.00 -3.78
C PHE A 414 -6.85 52.57 -4.15
N VAL A 415 -8.06 52.08 -3.83
CA VAL A 415 -8.45 50.79 -4.40
C VAL A 415 -8.74 50.93 -5.89
N LEU A 416 -9.37 52.03 -6.30
CA LEU A 416 -9.72 52.27 -7.69
C LEU A 416 -8.73 53.19 -8.40
N ASN A 417 -8.52 54.38 -7.88
CA ASN A 417 -7.75 55.41 -8.60
C ASN A 417 -6.25 55.27 -8.36
N VAL A 418 -5.72 54.09 -8.62
CA VAL A 418 -4.27 53.84 -8.65
C VAL A 418 -3.97 53.05 -9.92
N LYS A 419 -3.56 53.75 -10.97
CA LYS A 419 -3.14 53.11 -12.21
C LYS A 419 -2.09 54.01 -12.85
N PHE A 420 -0.83 53.73 -12.61
CA PHE A 420 0.27 54.55 -13.11
C PHE A 420 1.47 53.67 -13.35
N ASP A 421 2.38 54.16 -14.19
CA ASP A 421 3.61 53.43 -14.48
C ASP A 421 4.44 53.27 -13.22
N ALA A 422 4.95 52.07 -13.00
CA ALA A 422 5.73 51.79 -11.80
C ALA A 422 6.98 52.67 -11.78
N PRO A 423 7.30 53.31 -10.66
CA PRO A 423 8.48 54.19 -10.63
C PRO A 423 9.77 53.40 -10.81
N PHE A 424 10.74 54.06 -11.46
CA PHE A 424 12.08 53.52 -11.64
C PHE A 424 12.07 52.20 -12.41
N ARG A 425 11.28 52.17 -13.49
CA ARG A 425 11.33 51.03 -14.39
C ARG A 425 12.70 50.99 -15.08
N PRO A 426 13.31 49.81 -15.24
CA PRO A 426 14.73 49.76 -15.63
C PRO A 426 15.06 50.44 -16.94
N ALA A 427 14.55 49.94 -18.06
CA ALA A 427 14.75 50.67 -19.30
C ALA A 427 13.50 50.83 -20.15
N ASP A 428 12.69 49.77 -20.28
CA ASP A 428 11.53 49.85 -21.15
C ASP A 428 10.33 49.03 -20.65
N THR A 429 10.34 48.56 -19.41
CA THR A 429 9.30 47.66 -18.95
C THR A 429 7.96 48.38 -18.83
N HIS A 430 6.89 47.59 -18.75
CA HIS A 430 5.53 48.11 -18.71
C HIS A 430 4.83 47.79 -17.39
N ASN A 431 5.59 47.67 -16.31
CA ASN A 431 4.98 47.40 -15.01
C ASN A 431 4.18 48.61 -14.53
N GLU A 432 2.99 48.33 -13.98
CA GLU A 432 2.12 49.35 -13.45
C GLU A 432 1.61 48.91 -12.08
N VAL A 433 1.39 49.89 -11.19
CA VAL A 433 0.86 49.61 -9.88
C VAL A 433 -0.66 49.52 -9.98
N ARG A 434 -1.22 48.35 -9.66
CA ARG A 434 -2.63 48.10 -9.79
C ARG A 434 -3.16 47.42 -8.53
N PHE A 435 -4.44 47.68 -8.23
CA PHE A 435 -5.12 47.08 -7.10
C PHE A 435 -6.44 46.50 -7.59
N ASP A 436 -6.63 45.20 -7.41
CA ASP A 436 -7.86 44.54 -7.82
C ASP A 436 -8.94 44.77 -6.77
N ARG A 437 -10.07 44.07 -6.91
CA ARG A 437 -11.17 44.23 -5.96
C ARG A 437 -10.78 43.69 -4.58
N PHE A 438 -9.85 42.75 -4.51
CA PHE A 438 -9.37 42.21 -3.26
C PHE A 438 -8.17 42.96 -2.70
N GLY A 439 -7.64 43.93 -3.44
CA GLY A 439 -6.50 44.69 -2.97
C GLY A 439 -5.17 43.98 -3.08
N ASP A 440 -5.08 42.92 -3.86
CA ASP A 440 -3.85 42.15 -4.02
C ASP A 440 -3.10 42.63 -5.26
N GLY A 441 -2.02 41.93 -5.60
CA GLY A 441 -1.21 42.25 -6.74
C GLY A 441 -1.37 41.26 -7.88
N ILE A 442 -0.35 41.21 -8.73
CA ILE A 442 -0.33 40.34 -9.90
C ILE A 442 0.48 39.10 -9.58
N GLY A 443 -0.08 37.93 -9.88
CA GLY A 443 0.59 36.68 -9.58
C GLY A 443 1.75 36.37 -10.49
N ARG A 444 2.81 37.18 -10.39
CA ARG A 444 4.01 37.02 -11.19
C ARG A 444 5.16 36.60 -10.28
N TYR A 445 5.80 35.48 -10.61
CA TYR A 445 6.82 34.90 -9.75
C TYR A 445 8.06 34.54 -10.56
N ASN A 446 9.20 34.54 -9.88
CA ASN A 446 10.48 34.13 -10.46
C ASN A 446 10.99 32.90 -9.73
N ILE A 447 11.65 32.02 -10.47
CA ILE A 447 12.14 30.76 -9.93
C ILE A 447 13.67 30.78 -9.93
N PHE A 448 14.26 30.44 -8.79
CA PHE A 448 15.70 30.42 -8.63
C PHE A 448 16.15 29.03 -8.17
N THR A 449 17.45 28.82 -8.22
CA THR A 449 18.05 27.60 -7.67
C THR A 449 19.47 27.93 -7.22
N TYR A 450 19.98 27.10 -6.32
CA TYR A 450 21.22 27.38 -5.61
C TYR A 450 22.34 26.56 -6.20
N LEU A 451 23.42 27.22 -6.62
CA LEU A 451 24.46 26.61 -7.43
C LEU A 451 25.80 26.59 -6.69
N ARG A 452 26.81 26.05 -7.37
CA ARG A 452 28.18 26.05 -6.91
C ARG A 452 29.07 27.02 -7.67
N ALA A 453 28.81 27.20 -8.97
CA ALA A 453 29.55 28.17 -9.81
C ALA A 453 31.05 27.89 -9.80
N GLY A 454 31.43 26.63 -9.93
CA GLY A 454 32.84 26.26 -9.97
C GLY A 454 33.56 26.58 -8.69
N SER A 455 34.40 27.62 -8.73
CA SER A 455 35.03 28.10 -7.51
C SER A 455 33.96 28.63 -6.55
N GLY A 456 34.28 28.57 -5.25
CA GLY A 456 33.29 28.87 -4.23
C GLY A 456 32.69 30.26 -4.33
N ARG A 457 31.46 30.31 -4.77
CA ARG A 457 30.66 31.53 -4.79
C ARG A 457 29.27 31.32 -4.21
N TYR A 458 28.64 30.19 -4.49
CA TYR A 458 27.36 29.79 -3.90
C TYR A 458 26.30 30.88 -4.11
N ARG A 459 25.99 31.10 -5.39
CA ARG A 459 25.06 32.14 -5.80
C ARG A 459 23.71 31.55 -6.17
N TYR A 460 22.76 32.45 -6.40
CA TYR A 460 21.41 32.08 -6.85
C TYR A 460 21.29 32.38 -8.33
N GLN A 461 20.71 31.45 -9.08
CA GLN A 461 20.53 31.59 -10.52
C GLN A 461 19.07 31.40 -10.88
N LYS A 462 18.53 32.34 -11.65
CA LYS A 462 17.16 32.22 -12.12
C LYS A 462 17.09 31.18 -13.23
N VAL A 463 16.16 30.23 -13.11
CA VAL A 463 16.05 29.14 -14.06
C VAL A 463 14.61 28.99 -14.54
N GLY A 464 13.81 30.03 -14.39
CA GLY A 464 12.45 30.00 -14.86
C GLY A 464 11.61 31.10 -14.24
N TYR A 465 10.33 31.07 -14.57
CA TYR A 465 9.38 32.06 -14.07
C TYR A 465 7.98 31.48 -14.17
N TRP A 466 7.04 32.08 -13.43
CA TRP A 466 5.64 31.65 -13.42
C TRP A 466 4.76 32.86 -13.71
N ALA A 467 4.54 33.14 -14.99
CA ALA A 467 3.60 34.17 -15.41
C ALA A 467 2.28 33.50 -15.80
N GLU A 468 1.62 32.96 -14.77
CA GLU A 468 0.40 32.15 -14.92
C GLU A 468 0.66 30.87 -15.71
N GLY A 469 1.93 30.48 -15.83
CA GLY A 469 2.31 29.27 -16.54
C GLY A 469 3.77 28.93 -16.32
N LEU A 470 4.05 27.66 -16.08
CA LEU A 470 5.42 27.24 -15.76
C LEU A 470 6.30 27.32 -16.98
N THR A 471 7.47 27.94 -16.82
CA THR A 471 8.43 28.13 -17.91
C THR A 471 9.83 27.80 -17.40
N LEU A 472 9.98 26.61 -16.83
CA LEU A 472 11.27 26.20 -16.30
C LEU A 472 12.30 26.04 -17.42
N ASP A 473 13.56 26.27 -17.08
CA ASP A 473 14.69 26.11 -17.99
C ASP A 473 15.65 25.11 -17.35
N THR A 474 15.47 23.83 -17.67
CA THR A 474 16.27 22.77 -17.05
C THR A 474 17.74 22.82 -17.47
N SER A 475 18.06 23.57 -18.52
CA SER A 475 19.46 23.65 -18.97
C SER A 475 20.33 24.37 -17.94
N LEU A 476 19.78 25.36 -17.25
CA LEU A 476 20.54 26.15 -16.29
C LEU A 476 20.59 25.55 -14.90
N ILE A 477 19.92 24.42 -14.67
CA ILE A 477 19.91 23.74 -13.38
C ILE A 477 20.99 22.67 -13.43
N PRO A 478 22.06 22.78 -12.63
CA PRO A 478 23.14 21.79 -12.74
C PRO A 478 22.90 20.53 -11.91
N TRP A 479 21.67 20.02 -11.93
CA TRP A 479 21.42 18.65 -11.50
C TRP A 479 20.32 17.99 -12.31
N ALA A 480 19.77 18.65 -13.33
CA ALA A 480 18.73 18.09 -14.18
C ALA A 480 19.20 17.86 -15.61
N SER A 481 20.46 18.17 -15.92
CA SER A 481 20.96 17.94 -17.25
C SER A 481 21.09 16.45 -17.53
N PRO A 482 20.97 16.03 -18.79
CA PRO A 482 21.10 14.60 -19.11
C PRO A 482 22.46 14.02 -18.75
N SER A 483 23.50 14.83 -18.70
CA SER A 483 24.84 14.38 -18.35
C SER A 483 25.10 14.42 -16.85
N ALA A 484 24.04 14.43 -16.03
CA ALA A 484 24.18 14.47 -14.59
C ALA A 484 23.64 13.24 -13.89
N GLY A 485 23.09 12.28 -14.64
CA GLY A 485 22.54 11.08 -14.05
C GLY A 485 21.04 11.16 -13.89
N PRO A 486 20.45 10.16 -13.23
CA PRO A 486 19.01 10.19 -13.00
C PRO A 486 18.60 11.37 -12.14
N LEU A 487 17.41 11.91 -12.42
CA LEU A 487 16.92 13.05 -11.67
C LEU A 487 16.57 12.63 -10.24
N PRO A 488 16.73 13.52 -9.27
CA PRO A 488 16.29 13.23 -7.91
C PRO A 488 14.79 12.95 -7.88
N ALA A 489 14.45 11.71 -7.54
CA ALA A 489 13.08 11.23 -7.58
C ALA A 489 12.51 11.10 -6.18
N SER A 490 11.29 11.61 -5.98
CA SER A 490 10.61 11.48 -4.66
C SER A 490 9.23 10.83 -4.87
N ARG A 491 9.18 9.50 -4.96
CA ARG A 491 7.90 8.80 -5.24
C ARG A 491 7.58 7.84 -4.08
N CYS A 492 6.32 7.40 -3.97
CA CYS A 492 5.90 6.49 -2.88
C CYS A 492 5.98 5.03 -3.35
N SER A 493 5.37 4.73 -4.50
CA SER A 493 5.34 3.34 -5.02
C SER A 493 6.33 3.20 -6.18
N GLU A 494 7.29 2.27 -6.06
CA GLU A 494 8.27 2.04 -7.15
C GLU A 494 7.53 1.53 -8.39
N PRO A 495 7.83 2.05 -9.60
CA PRO A 495 7.19 1.54 -10.82
C PRO A 495 7.66 0.12 -11.14
N CYS A 496 7.07 -0.52 -12.16
CA CYS A 496 7.43 -1.88 -12.52
C CYS A 496 6.91 -2.20 -13.92
N LEU A 497 7.67 -3.04 -14.63
CA LEU A 497 7.34 -3.37 -16.00
C LEU A 497 5.99 -4.07 -16.07
N GLN A 498 5.06 -3.49 -16.84
CA GLN A 498 3.67 -3.94 -16.82
C GLN A 498 3.53 -5.38 -17.31
N ASN A 499 4.25 -5.75 -18.36
CA ASN A 499 4.08 -7.07 -18.96
C ASN A 499 4.51 -8.17 -17.99
N GLU A 500 5.65 -8.00 -17.33
CA GLU A 500 6.15 -9.01 -16.41
C GLU A 500 5.36 -9.02 -15.10
N VAL A 501 5.05 -7.86 -14.55
CA VAL A 501 4.36 -7.73 -13.28
C VAL A 501 3.26 -6.69 -13.42
N LYS A 502 2.07 -7.01 -12.91
CA LYS A 502 0.89 -6.18 -13.08
C LYS A 502 0.61 -5.38 -11.81
N SER A 503 -0.22 -4.35 -11.97
CA SER A 503 -0.60 -3.49 -10.85
C SER A 503 -1.65 -4.19 -9.98
N VAL A 504 -1.99 -3.52 -8.88
CA VAL A 504 -2.98 -4.06 -7.95
C VAL A 504 -4.22 -3.17 -7.82
N GLN A 505 -4.14 -1.88 -8.18
CA GLN A 505 -5.24 -0.93 -8.04
C GLN A 505 -5.74 -0.92 -6.60
N PRO A 506 -4.98 -0.38 -5.65
CA PRO A 506 -5.40 -0.41 -4.24
C PRO A 506 -6.57 0.50 -3.92
N GLY A 507 -7.05 1.30 -4.87
CA GLY A 507 -8.12 2.23 -4.60
C GLY A 507 -7.70 3.55 -3.99
N GLU A 508 -6.42 3.86 -4.00
CA GLU A 508 -5.88 5.10 -3.44
C GLU A 508 -5.33 5.97 -4.56
N VAL A 509 -4.76 7.11 -4.18
CA VAL A 509 -4.23 8.04 -5.17
C VAL A 509 -2.85 7.61 -5.65
N CYS A 510 -2.07 6.98 -4.75
CA CYS A 510 -0.72 6.49 -5.12
C CYS A 510 -0.32 5.34 -4.17
N CYS A 511 0.98 5.12 -3.98
CA CYS A 511 1.46 4.07 -3.04
C CYS A 511 0.77 2.72 -3.38
N TRP A 512 0.91 2.27 -4.62
CA TRP A 512 0.30 0.98 -5.04
C TRP A 512 1.34 -0.15 -4.91
N LEU A 513 1.00 -1.36 -5.33
CA LEU A 513 1.93 -2.47 -5.28
C LEU A 513 2.01 -3.19 -6.63
N CYS A 514 3.11 -3.93 -6.82
CA CYS A 514 3.36 -4.70 -8.04
C CYS A 514 3.30 -6.18 -7.69
N ILE A 515 2.19 -6.81 -8.04
CA ILE A 515 2.00 -8.25 -7.87
C ILE A 515 1.97 -8.88 -9.26
N PRO A 516 2.93 -9.75 -9.59
CA PRO A 516 2.96 -10.33 -10.94
C PRO A 516 1.81 -11.29 -11.18
N CYS A 517 1.41 -11.39 -12.43
CA CYS A 517 0.40 -12.35 -12.85
C CYS A 517 1.05 -13.71 -13.10
N GLN A 518 0.23 -14.75 -13.02
CA GLN A 518 0.72 -16.10 -13.25
C GLN A 518 1.18 -16.27 -14.69
N PRO A 519 2.07 -17.24 -14.96
CA PRO A 519 2.63 -17.38 -16.31
C PRO A 519 1.59 -17.60 -17.40
N TYR A 520 0.38 -18.04 -17.05
CA TYR A 520 -0.69 -18.19 -18.02
C TYR A 520 -1.62 -16.98 -18.07
N GLU A 521 -1.07 -15.79 -17.80
CA GLU A 521 -1.81 -14.54 -17.88
C GLU A 521 -1.01 -13.51 -18.65
N TYR A 522 -1.63 -12.91 -19.67
CA TYR A 522 -1.01 -11.86 -20.46
C TYR A 522 -1.46 -10.49 -19.96
N ARG A 523 -0.51 -9.57 -19.83
CA ARG A 523 -0.78 -8.23 -19.31
C ARG A 523 -1.38 -7.39 -20.44
N LEU A 524 -2.63 -7.69 -20.78
CA LEU A 524 -3.32 -6.92 -21.80
C LEU A 524 -3.59 -5.49 -21.34
N ASP A 525 -3.94 -5.34 -20.06
CA ASP A 525 -4.23 -4.02 -19.50
C ASP A 525 -3.48 -3.86 -18.18
N GLU A 526 -3.16 -2.61 -17.84
CA GLU A 526 -2.45 -2.34 -16.61
C GLU A 526 -3.29 -2.68 -15.38
N PHE A 527 -4.60 -2.42 -15.43
CA PHE A 527 -5.47 -2.68 -14.28
C PHE A 527 -5.54 -4.18 -13.99
N THR A 528 -5.67 -5.01 -15.03
CA THR A 528 -5.77 -6.44 -14.85
C THR A 528 -5.24 -7.15 -16.08
N CYS A 529 -4.58 -8.28 -15.88
CA CYS A 529 -4.03 -9.07 -16.97
C CYS A 529 -5.10 -10.00 -17.55
N ALA A 530 -4.86 -10.44 -18.78
CA ALA A 530 -5.77 -11.29 -19.51
C ALA A 530 -5.03 -12.57 -19.96
N ASP A 531 -5.68 -13.36 -20.81
CA ASP A 531 -5.14 -14.63 -21.25
C ASP A 531 -5.27 -14.77 -22.76
N CYS A 532 -4.26 -15.39 -23.37
CA CYS A 532 -4.28 -15.66 -24.81
C CYS A 532 -5.21 -16.81 -25.19
N GLY A 533 -5.68 -17.59 -24.22
CA GLY A 533 -6.46 -18.78 -24.51
C GLY A 533 -5.59 -20.03 -24.59
N LEU A 534 -6.28 -21.17 -24.65
CA LEU A 534 -5.58 -22.45 -24.69
C LEU A 534 -4.78 -22.59 -25.98
N GLY A 535 -3.55 -23.10 -25.86
CA GLY A 535 -2.70 -23.31 -26.99
C GLY A 535 -1.79 -22.15 -27.35
N TYR A 536 -1.98 -20.99 -26.73
CA TYR A 536 -1.19 -19.80 -27.02
C TYR A 536 -0.41 -19.41 -25.77
N TRP A 537 0.88 -19.13 -25.95
CA TRP A 537 1.75 -18.78 -24.83
C TRP A 537 1.94 -17.27 -24.81
N PRO A 538 1.55 -16.58 -23.73
CA PRO A 538 1.71 -15.12 -23.69
C PRO A 538 3.16 -14.68 -23.58
N ASN A 539 3.86 -14.64 -24.71
CA ASN A 539 5.25 -14.20 -24.76
C ASN A 539 5.36 -13.01 -25.73
N ALA A 540 6.60 -12.58 -25.98
CA ALA A 540 6.90 -11.49 -26.90
C ALA A 540 6.22 -10.19 -26.51
N SER A 541 5.21 -9.78 -27.26
CA SER A 541 4.55 -8.50 -27.01
C SER A 541 3.73 -8.51 -25.72
N LEU A 542 3.29 -9.69 -25.26
CA LEU A 542 2.52 -9.90 -24.04
C LEU A 542 1.10 -9.35 -24.13
N THR A 543 0.72 -8.70 -25.22
CA THR A 543 -0.66 -8.26 -25.43
C THR A 543 -1.36 -9.15 -26.46
N GLY A 544 -0.81 -9.25 -27.66
CA GLY A 544 -1.20 -10.25 -28.62
C GLY A 544 -0.04 -11.19 -28.86
N CYS A 545 -0.19 -12.45 -28.50
CA CYS A 545 0.94 -13.36 -28.40
C CYS A 545 0.97 -14.39 -29.53
N PHE A 546 -0.05 -15.26 -29.61
CA PHE A 546 -0.22 -16.20 -30.73
C PHE A 546 1.04 -17.04 -30.98
N GLU A 547 1.73 -17.44 -29.91
CA GLU A 547 2.78 -18.44 -30.03
C GLU A 547 2.22 -19.81 -29.65
N LEU A 548 2.27 -20.75 -30.59
CA LEU A 548 1.79 -22.10 -30.38
C LEU A 548 2.86 -23.10 -30.78
N PRO A 549 3.43 -23.86 -29.85
CA PRO A 549 4.46 -24.85 -30.22
C PRO A 549 3.84 -26.15 -30.72
N GLN A 550 4.53 -26.77 -31.66
CA GLN A 550 4.07 -27.98 -32.34
C GLN A 550 5.15 -29.05 -32.35
N GLU A 551 5.76 -29.29 -31.19
CA GLU A 551 6.76 -30.34 -31.07
C GLU A 551 6.15 -31.70 -31.34
N TYR A 552 6.89 -32.55 -32.04
CA TYR A 552 6.43 -33.87 -32.45
C TYR A 552 7.33 -34.95 -31.84
N ILE A 553 7.00 -36.21 -32.14
CA ILE A 553 7.77 -37.33 -31.62
C ILE A 553 9.18 -37.35 -32.21
N ARG A 554 9.33 -36.85 -33.44
CA ARG A 554 10.60 -36.79 -34.15
C ARG A 554 11.12 -38.18 -34.53
N TRP A 555 11.94 -38.26 -35.56
CA TRP A 555 12.49 -39.52 -36.02
C TRP A 555 13.78 -39.90 -35.29
N GLY A 556 14.27 -39.05 -34.39
CA GLY A 556 15.49 -39.34 -33.66
C GLY A 556 15.29 -39.39 -32.17
N ASP A 557 14.13 -39.87 -31.73
CA ASP A 557 13.85 -39.99 -30.30
C ASP A 557 14.75 -41.05 -29.67
N ALA A 558 15.04 -40.87 -28.39
CA ALA A 558 15.91 -41.81 -27.68
C ALA A 558 15.28 -43.20 -27.62
N TRP A 559 13.99 -43.27 -27.31
CA TRP A 559 13.32 -44.57 -27.29
C TRP A 559 13.08 -45.11 -28.70
N ALA A 560 12.84 -44.22 -29.66
CA ALA A 560 12.55 -44.63 -31.03
C ALA A 560 13.81 -44.86 -31.86
N VAL A 561 15.01 -44.65 -31.28
CA VAL A 561 16.25 -44.87 -32.03
C VAL A 561 16.38 -46.33 -32.42
N GLY A 562 15.86 -47.24 -31.59
CA GLY A 562 15.93 -48.66 -31.87
C GLY A 562 15.14 -49.11 -33.08
N PRO A 563 13.80 -48.99 -33.01
CA PRO A 563 12.97 -49.55 -34.09
C PRO A 563 13.21 -48.93 -35.46
N VAL A 564 13.62 -47.67 -35.54
CA VAL A 564 13.83 -47.03 -36.83
C VAL A 564 14.95 -47.72 -37.59
N THR A 565 15.99 -48.17 -36.88
CA THR A 565 17.05 -48.94 -37.51
C THR A 565 16.58 -50.35 -37.85
N ILE A 566 15.78 -50.95 -36.96
CA ILE A 566 15.26 -52.30 -37.22
C ILE A 566 14.30 -52.29 -38.39
N ALA A 567 13.42 -51.29 -38.47
CA ALA A 567 12.48 -51.21 -39.58
C ALA A 567 13.21 -51.02 -40.91
N CYS A 568 14.24 -50.18 -40.92
CA CYS A 568 15.04 -50.00 -42.14
C CYS A 568 15.77 -51.29 -42.50
N LEU A 569 16.29 -52.01 -41.49
CA LEU A 569 16.95 -53.28 -41.75
C LEU A 569 15.98 -54.31 -42.33
N GLY A 570 14.75 -54.35 -41.81
CA GLY A 570 13.76 -55.26 -42.35
C GLY A 570 13.41 -54.95 -43.79
N ALA A 571 13.28 -53.66 -44.12
CA ALA A 571 13.03 -53.28 -45.50
C ALA A 571 14.19 -53.66 -46.41
N LEU A 572 15.43 -53.48 -45.92
CA LEU A 572 16.59 -53.88 -46.71
C LEU A 572 16.62 -55.38 -46.94
N ALA A 573 16.27 -56.16 -45.92
CA ALA A 573 16.18 -57.62 -46.09
C ALA A 573 15.07 -57.98 -47.06
N THR A 574 13.94 -57.28 -46.99
CA THR A 574 12.86 -57.52 -47.93
C THR A 574 13.28 -57.19 -49.36
N LEU A 575 14.05 -56.10 -49.54
CA LEU A 575 14.52 -55.75 -50.87
C LEU A 575 15.44 -56.82 -51.43
N PHE A 576 16.32 -57.38 -50.60
CA PHE A 576 17.17 -58.48 -51.04
C PHE A 576 16.34 -59.70 -51.41
N VAL A 577 15.32 -60.02 -50.61
CA VAL A 577 14.44 -61.13 -50.94
C VAL A 577 13.63 -60.84 -52.19
N LEU A 578 13.22 -59.58 -52.37
CA LEU A 578 12.51 -59.19 -53.59
C LEU A 578 13.42 -59.22 -54.80
N GLY A 579 14.70 -58.86 -54.63
CA GLY A 579 15.62 -58.84 -55.76
C GLY A 579 15.89 -60.20 -56.34
N VAL A 580 16.10 -61.21 -55.48
CA VAL A 580 16.37 -62.56 -55.97
C VAL A 580 15.14 -63.15 -56.64
N PHE A 581 13.94 -62.73 -56.22
CA PHE A 581 12.72 -63.21 -56.86
C PHE A 581 12.65 -62.76 -58.31
N VAL A 582 13.05 -61.52 -58.59
CA VAL A 582 13.06 -61.04 -59.97
C VAL A 582 14.12 -61.77 -60.78
N ARG A 583 15.26 -62.07 -60.16
CA ARG A 583 16.31 -62.79 -60.87
C ARG A 583 15.91 -64.21 -61.21
N HIS A 584 15.08 -64.83 -60.36
CA HIS A 584 14.62 -66.20 -60.60
C HIS A 584 13.64 -66.25 -61.76
N GLY A 594 4.92 -71.17 -55.12
CA GLY A 594 4.03 -70.37 -55.94
C GLY A 594 4.57 -69.00 -56.26
N ARG A 595 4.61 -68.67 -57.55
CA ARG A 595 5.11 -67.36 -57.97
C ARG A 595 4.21 -66.24 -57.46
N GLU A 596 2.88 -66.44 -57.53
CA GLU A 596 1.96 -65.43 -57.04
C GLU A 596 2.02 -65.30 -55.52
N LEU A 597 2.15 -66.44 -54.82
CA LEU A 597 2.16 -66.42 -53.36
C LEU A 597 3.42 -65.72 -52.83
N CYS A 598 4.59 -66.05 -53.40
CA CYS A 598 5.83 -65.46 -52.91
C CYS A 598 5.88 -63.96 -53.20
N TYR A 599 5.42 -63.55 -54.39
CA TYR A 599 5.46 -62.13 -54.74
C TYR A 599 4.57 -61.31 -53.82
N ILE A 600 3.38 -61.83 -53.49
CA ILE A 600 2.49 -61.11 -52.58
C ILE A 600 3.11 -61.01 -51.19
N LEU A 601 3.71 -62.09 -50.69
CA LEU A 601 4.31 -62.08 -49.37
C LEU A 601 5.48 -61.10 -49.30
N LEU A 602 6.32 -61.08 -50.34
CA LEU A 602 7.42 -60.12 -50.37
C LEU A 602 6.89 -58.69 -50.42
N GLY A 603 5.86 -58.44 -51.22
CA GLY A 603 5.24 -57.13 -51.22
C GLY A 603 4.53 -56.81 -49.92
N GLY A 604 3.95 -57.82 -49.27
CA GLY A 604 3.27 -57.59 -48.01
C GLY A 604 4.21 -57.14 -46.90
N VAL A 605 5.45 -57.63 -46.91
CA VAL A 605 6.42 -57.19 -45.91
C VAL A 605 6.98 -55.81 -46.23
N PHE A 606 6.84 -55.37 -47.49
CA PHE A 606 7.45 -54.10 -47.90
C PHE A 606 6.76 -52.91 -47.24
N LEU A 607 5.43 -52.87 -47.29
CA LEU A 607 4.71 -51.71 -46.78
C LEU A 607 4.64 -51.67 -45.26
N CYS A 608 4.84 -52.82 -44.59
CA CYS A 608 4.86 -52.82 -43.13
C CYS A 608 6.03 -51.98 -42.61
N TYR A 609 7.20 -52.10 -43.24
CA TYR A 609 8.32 -51.23 -42.87
C TYR A 609 8.14 -49.82 -43.43
N CYS A 610 7.46 -49.69 -44.57
CA CYS A 610 7.25 -48.37 -45.16
C CYS A 610 6.38 -47.51 -44.27
N MET A 611 5.29 -48.06 -43.72
CA MET A 611 4.43 -47.29 -42.85
C MET A 611 5.09 -46.96 -41.52
N THR A 612 6.09 -47.75 -41.11
CA THR A 612 6.83 -47.42 -39.89
C THR A 612 7.56 -46.09 -40.02
N PHE A 613 8.16 -45.84 -41.19
CA PHE A 613 8.79 -44.56 -41.43
C PHE A 613 7.79 -43.42 -41.53
N ILE A 614 6.54 -43.71 -41.91
CA ILE A 614 5.52 -42.67 -41.99
C ILE A 614 5.13 -42.21 -40.58
N PHE A 615 4.97 -43.15 -39.65
CA PHE A 615 4.53 -42.80 -38.31
C PHE A 615 5.57 -41.94 -37.58
N ILE A 616 6.85 -42.29 -37.72
CA ILE A 616 7.89 -41.62 -36.95
C ILE A 616 8.07 -40.18 -37.42
N ALA A 617 7.94 -39.93 -38.72
CA ALA A 617 8.25 -38.63 -39.29
C ALA A 617 7.34 -37.53 -38.75
N LYS A 618 6.04 -37.60 -39.07
CA LYS A 618 5.07 -36.62 -38.63
C LYS A 618 3.66 -37.05 -39.02
N PRO A 619 2.65 -36.68 -38.23
CA PRO A 619 1.27 -36.94 -38.62
C PRO A 619 0.65 -35.77 -39.35
N SER A 620 -0.25 -36.09 -40.28
CA SER A 620 -0.95 -35.09 -41.06
C SER A 620 -2.35 -35.60 -41.38
N THR A 621 -3.11 -34.78 -42.12
CA THR A 621 -4.48 -35.16 -42.46
C THR A 621 -4.51 -36.41 -43.33
N ALA A 622 -3.62 -36.48 -44.34
CA ALA A 622 -3.54 -37.67 -45.17
C ALA A 622 -2.82 -38.81 -44.48
N VAL A 623 -1.84 -38.50 -43.61
CA VAL A 623 -1.08 -39.54 -42.94
C VAL A 623 -1.96 -40.33 -41.99
N CYS A 624 -2.81 -39.64 -41.22
CA CYS A 624 -3.67 -40.33 -40.26
C CYS A 624 -4.64 -41.27 -40.96
N THR A 625 -5.22 -40.85 -42.08
CA THR A 625 -6.15 -41.70 -42.81
C THR A 625 -5.46 -42.95 -43.33
N LEU A 626 -4.25 -42.80 -43.89
CA LEU A 626 -3.53 -43.94 -44.41
C LEU A 626 -2.96 -44.81 -43.29
N ARG A 627 -2.72 -44.23 -42.12
CA ARG A 627 -2.15 -45.00 -41.01
C ARG A 627 -3.09 -46.10 -40.56
N ARG A 628 -4.38 -45.78 -40.42
CA ARG A 628 -5.35 -46.78 -39.97
C ARG A 628 -5.60 -47.82 -41.05
N LEU A 629 -5.82 -47.38 -42.29
CA LEU A 629 -6.10 -48.32 -43.37
C LEU A 629 -4.89 -49.17 -43.70
N GLY A 630 -3.69 -48.57 -43.72
CA GLY A 630 -2.50 -49.30 -44.09
C GLY A 630 -2.13 -50.39 -43.09
N LEU A 631 -2.21 -50.08 -41.80
CA LEU A 631 -1.83 -51.05 -40.78
C LEU A 631 -2.77 -52.24 -40.78
N GLY A 632 -4.08 -52.01 -40.89
CA GLY A 632 -5.03 -53.11 -40.90
C GLY A 632 -4.91 -53.98 -42.13
N THR A 633 -4.75 -53.36 -43.30
CA THR A 633 -4.68 -54.12 -44.54
C THR A 633 -3.39 -54.96 -44.62
N ALA A 634 -2.27 -54.37 -44.22
CA ALA A 634 -0.99 -55.07 -44.33
C ALA A 634 -0.95 -56.32 -43.47
N PHE A 635 -1.46 -56.22 -42.23
CA PHE A 635 -1.50 -57.39 -41.36
C PHE A 635 -2.42 -58.47 -41.92
N SER A 636 -3.57 -58.08 -42.47
CA SER A 636 -4.51 -59.05 -43.00
C SER A 636 -4.00 -59.70 -44.28
N VAL A 637 -3.42 -58.90 -45.18
CA VAL A 637 -2.99 -59.44 -46.47
C VAL A 637 -1.83 -60.41 -46.29
N CYS A 638 -0.95 -60.14 -45.32
CA CYS A 638 0.16 -61.05 -45.07
C CYS A 638 -0.32 -62.40 -44.56
N TYR A 639 -1.30 -62.40 -43.65
CA TYR A 639 -1.84 -63.65 -43.14
C TYR A 639 -2.69 -64.35 -44.19
N SER A 640 -3.46 -63.58 -44.97
CA SER A 640 -4.30 -64.17 -46.00
C SER A 640 -3.45 -64.83 -47.09
N ALA A 641 -2.33 -64.20 -47.47
CA ALA A 641 -1.44 -64.80 -48.45
C ALA A 641 -0.83 -66.09 -47.92
N LEU A 642 -0.53 -66.13 -46.62
CA LEU A 642 -0.05 -67.37 -46.01
C LEU A 642 -1.11 -68.46 -46.09
N LEU A 643 -2.38 -68.09 -45.90
CA LEU A 643 -3.46 -69.07 -46.00
C LEU A 643 -3.54 -69.67 -47.40
N THR A 644 -3.25 -68.87 -48.42
CA THR A 644 -3.25 -69.37 -49.79
C THR A 644 -2.19 -70.46 -49.97
N LYS A 645 -1.03 -70.30 -49.33
CA LYS A 645 0.01 -71.33 -49.40
C LYS A 645 -0.43 -72.61 -48.72
N THR A 646 -1.22 -72.51 -47.64
CA THR A 646 -1.70 -73.71 -46.96
C THR A 646 -2.60 -74.53 -47.88
N ASN A 647 -3.48 -73.87 -48.62
CA ASN A 647 -4.39 -74.56 -49.53
C ASN A 647 -3.64 -75.10 -50.74
N SER A 670 -8.29 -67.63 -59.74
CA SER A 670 -9.05 -68.65 -59.05
C SER A 670 -8.91 -68.49 -57.53
N GLN A 671 -8.00 -69.27 -56.94
CA GLN A 671 -7.77 -69.16 -55.50
C GLN A 671 -7.19 -67.80 -55.14
N VAL A 672 -6.29 -67.27 -55.96
CA VAL A 672 -5.72 -65.95 -55.70
C VAL A 672 -6.80 -64.89 -55.84
N ALA A 673 -7.68 -65.01 -56.83
CA ALA A 673 -8.74 -64.04 -57.01
C ALA A 673 -9.69 -64.03 -55.82
N ILE A 674 -9.97 -65.20 -55.24
CA ILE A 674 -10.91 -65.28 -54.13
C ILE A 674 -10.34 -64.58 -52.89
N CYS A 675 -9.07 -64.83 -52.57
CA CYS A 675 -8.50 -64.27 -51.35
C CYS A 675 -8.33 -62.76 -51.45
N LEU A 676 -7.95 -62.25 -52.63
CA LEU A 676 -7.94 -60.80 -52.82
C LEU A 676 -9.35 -60.22 -52.73
N ALA A 677 -10.34 -60.93 -53.29
CA ALA A 677 -11.72 -60.48 -53.17
C ALA A 677 -12.15 -60.44 -51.69
N LEU A 678 -11.76 -61.45 -50.92
CA LEU A 678 -12.02 -61.42 -49.49
C LEU A 678 -11.25 -60.29 -48.82
N ILE A 679 -10.01 -60.05 -49.26
CA ILE A 679 -9.22 -58.94 -48.72
C ILE A 679 -9.87 -57.60 -49.07
N SER A 680 -10.47 -57.51 -50.26
CA SER A 680 -11.16 -56.28 -50.64
C SER A 680 -12.33 -55.98 -49.71
N GLY A 681 -13.01 -57.03 -49.24
CA GLY A 681 -14.08 -56.83 -48.28
C GLY A 681 -13.58 -56.28 -46.96
N GLN A 682 -12.36 -56.64 -46.56
CA GLN A 682 -11.79 -56.08 -45.33
C GLN A 682 -11.58 -54.58 -45.46
N LEU A 683 -11.17 -54.12 -46.64
CA LEU A 683 -11.00 -52.68 -46.85
C LEU A 683 -12.31 -51.94 -46.71
N LEU A 684 -13.41 -52.52 -47.22
CA LEU A 684 -14.71 -51.88 -47.10
C LEU A 684 -15.12 -51.71 -45.63
N ILE A 685 -14.88 -52.74 -44.81
CA ILE A 685 -15.16 -52.63 -43.39
C ILE A 685 -14.24 -51.62 -42.73
N VAL A 686 -12.98 -51.54 -43.19
CA VAL A 686 -12.04 -50.59 -42.63
C VAL A 686 -12.48 -49.16 -42.92
N VAL A 687 -12.96 -48.91 -44.14
CA VAL A 687 -13.42 -47.56 -44.50
C VAL A 687 -14.62 -47.16 -43.64
N ALA A 688 -15.56 -48.09 -43.43
CA ALA A 688 -16.73 -47.79 -42.61
C ALA A 688 -16.32 -47.46 -41.18
N TRP A 689 -15.39 -48.23 -40.62
CA TRP A 689 -14.90 -47.92 -39.28
C TRP A 689 -14.14 -46.61 -39.25
N LEU A 690 -13.33 -46.34 -40.28
CA LEU A 690 -12.58 -45.09 -40.33
C LEU A 690 -13.48 -43.90 -40.56
N VAL A 691 -14.57 -44.07 -41.31
CA VAL A 691 -15.47 -42.95 -41.59
C VAL A 691 -16.12 -42.45 -40.31
N VAL A 692 -16.47 -43.36 -39.41
CA VAL A 692 -17.09 -42.98 -38.13
C VAL A 692 -16.05 -42.57 -37.09
N GLU A 693 -14.78 -42.51 -37.45
CA GLU A 693 -13.72 -42.17 -36.51
C GLU A 693 -13.09 -40.80 -36.79
N ALA A 694 -13.63 -40.03 -37.74
CA ALA A 694 -13.11 -38.71 -38.11
C ALA A 694 -11.62 -38.80 -38.43
N PRO A 695 -11.25 -39.38 -39.56
CA PRO A 695 -9.82 -39.61 -39.84
C PRO A 695 -9.00 -38.34 -40.05
N GLY A 696 -9.62 -37.16 -40.00
CA GLY A 696 -8.85 -35.94 -40.11
C GLY A 696 -7.95 -35.72 -38.91
N THR A 697 -6.82 -35.07 -39.17
CA THR A 697 -5.84 -34.83 -38.12
C THR A 697 -6.34 -33.76 -37.14
N GLY A 698 -5.80 -33.80 -35.93
CA GLY A 698 -6.16 -32.84 -34.90
C GLY A 698 -5.08 -32.65 -33.86
N LYS A 699 -4.74 -31.40 -33.58
CA LYS A 699 -3.72 -31.07 -32.58
C LYS A 699 -4.39 -31.03 -31.21
N GLU A 700 -4.45 -32.20 -30.58
CA GLU A 700 -5.09 -32.29 -29.27
C GLU A 700 -4.24 -31.57 -28.22
N THR A 701 -4.90 -30.80 -27.36
CA THR A 701 -4.25 -30.05 -26.31
C THR A 701 -4.34 -30.79 -24.98
N ALA A 702 -3.27 -30.69 -24.19
CA ALA A 702 -3.23 -31.32 -22.89
C ALA A 702 -4.25 -30.67 -21.95
N PRO A 703 -4.72 -31.42 -20.95
CA PRO A 703 -5.68 -30.81 -19.99
C PRO A 703 -5.15 -29.56 -19.33
N GLU A 704 -3.94 -29.60 -18.79
CA GLU A 704 -3.29 -28.42 -18.25
C GLU A 704 -2.33 -27.85 -19.31
N ARG A 705 -1.54 -26.85 -18.91
CA ARG A 705 -0.85 -26.01 -19.88
C ARG A 705 0.61 -26.38 -20.11
N ARG A 706 1.28 -27.02 -19.14
CA ARG A 706 2.73 -27.18 -19.23
C ARG A 706 3.16 -28.06 -20.40
N GLU A 707 2.25 -28.78 -21.03
CA GLU A 707 2.55 -29.56 -22.22
C GLU A 707 2.23 -28.73 -23.46
N VAL A 708 2.27 -29.37 -24.63
CA VAL A 708 1.95 -28.75 -25.91
C VAL A 708 1.07 -29.70 -26.69
N VAL A 709 0.65 -29.27 -27.89
CA VAL A 709 -0.16 -30.12 -28.74
C VAL A 709 0.67 -31.32 -29.20
N THR A 710 0.03 -32.48 -29.26
CA THR A 710 0.71 -33.73 -29.58
C THR A 710 0.37 -34.26 -30.96
N LEU A 711 -0.58 -33.65 -31.65
CA LEU A 711 -0.99 -34.05 -33.00
C LEU A 711 -1.43 -35.51 -33.03
N ARG A 712 -2.50 -35.79 -32.28
CA ARG A 712 -3.08 -37.12 -32.18
C ARG A 712 -4.26 -37.22 -33.13
N CYS A 713 -4.23 -38.23 -34.02
CA CYS A 713 -5.30 -38.38 -35.00
C CYS A 713 -6.61 -38.73 -34.33
N ASN A 714 -6.61 -39.73 -33.46
CA ASN A 714 -7.81 -40.17 -32.76
C ASN A 714 -7.40 -41.06 -31.60
N HIS A 715 -8.39 -41.58 -30.88
CA HIS A 715 -8.12 -42.46 -29.77
C HIS A 715 -7.67 -43.83 -30.27
N ARG A 716 -6.61 -44.36 -29.66
CA ARG A 716 -6.08 -45.66 -30.04
C ARG A 716 -6.85 -46.82 -29.42
N ASP A 717 -7.79 -46.54 -28.51
CA ASP A 717 -8.59 -47.56 -27.86
C ASP A 717 -9.88 -47.88 -28.59
N ALA A 718 -10.09 -47.28 -29.77
CA ALA A 718 -11.31 -47.48 -30.53
C ALA A 718 -11.31 -48.87 -31.16
N SER A 719 -12.34 -49.16 -31.95
CA SER A 719 -12.50 -50.47 -32.58
C SER A 719 -11.74 -50.60 -33.89
N MET A 720 -11.04 -49.55 -34.32
CA MET A 720 -10.28 -49.63 -35.57
C MET A 720 -9.19 -50.68 -35.47
N LEU A 721 -8.46 -50.70 -34.35
CA LEU A 721 -7.42 -51.71 -34.17
C LEU A 721 -8.03 -53.07 -33.88
N GLY A 722 -9.13 -53.11 -33.13
CA GLY A 722 -9.76 -54.38 -32.82
C GLY A 722 -10.34 -55.07 -34.04
N SER A 723 -10.99 -54.32 -34.92
CA SER A 723 -11.57 -54.91 -36.12
C SER A 723 -10.49 -55.49 -37.03
N LEU A 724 -9.38 -54.77 -37.19
CA LEU A 724 -8.27 -55.28 -37.99
C LEU A 724 -7.68 -56.54 -37.38
N ALA A 725 -7.53 -56.55 -36.04
CA ALA A 725 -7.00 -57.73 -35.37
C ALA A 725 -7.93 -58.94 -35.47
N TYR A 726 -9.24 -58.69 -35.45
CA TYR A 726 -10.20 -59.79 -35.53
C TYR A 726 -10.07 -60.52 -36.87
N ASN A 727 -9.96 -59.79 -37.97
CA ASN A 727 -9.74 -60.41 -39.27
C ASN A 727 -8.39 -61.12 -39.32
N VAL A 728 -7.36 -60.49 -38.75
CA VAL A 728 -6.04 -61.11 -38.69
C VAL A 728 -6.08 -62.39 -37.86
N LEU A 729 -6.78 -62.34 -36.72
CA LEU A 729 -6.92 -63.53 -35.88
C LEU A 729 -7.66 -64.64 -36.61
N LEU A 730 -8.72 -64.27 -37.35
CA LEU A 730 -9.43 -65.27 -38.14
C LEU A 730 -8.52 -65.85 -39.22
N ILE A 731 -7.72 -65.01 -39.88
CA ILE A 731 -6.76 -65.50 -40.85
C ILE A 731 -5.67 -66.32 -40.15
N ALA A 732 -5.25 -65.89 -38.96
CA ALA A 732 -4.30 -66.68 -38.19
C ALA A 732 -4.90 -68.01 -37.79
N LEU A 733 -6.17 -68.02 -37.38
CA LEU A 733 -6.85 -69.28 -37.08
C LEU A 733 -7.03 -70.13 -38.34
N CYS A 734 -7.16 -69.49 -39.50
CA CYS A 734 -7.23 -70.23 -40.75
C CYS A 734 -5.92 -70.98 -41.02
N THR A 735 -4.79 -70.33 -40.74
CA THR A 735 -3.50 -71.01 -40.86
C THR A 735 -3.33 -72.10 -39.80
N LEU A 736 -4.02 -71.98 -38.67
CA LEU A 736 -3.96 -73.04 -37.66
C LEU A 736 -4.58 -74.34 -38.16
N TYR A 737 -5.50 -74.24 -39.14
CA TYR A 737 -6.05 -75.45 -39.73
C TYR A 737 -4.99 -76.25 -40.49
N ALA A 738 -3.98 -75.57 -41.02
CA ALA A 738 -2.88 -76.28 -41.68
C ALA A 738 -2.08 -77.10 -40.68
N PHE A 739 -1.98 -76.63 -39.43
CA PHE A 739 -1.32 -77.43 -38.40
C PHE A 739 -2.06 -78.73 -38.15
N LYS A 740 -3.40 -78.67 -38.14
CA LYS A 740 -4.18 -79.90 -38.01
C LYS A 740 -3.98 -80.81 -39.22
N THR A 741 -3.84 -80.22 -40.41
CA THR A 741 -3.57 -81.01 -41.60
C THR A 741 -2.23 -81.74 -41.49
N ARG A 742 -1.22 -81.05 -40.97
CA ARG A 742 0.10 -81.66 -40.79
C ARG A 742 0.06 -82.79 -39.77
N GLU A 750 5.94 -76.97 -46.21
CA GLU A 750 6.38 -76.26 -45.02
C GLU A 750 5.24 -76.09 -44.02
N ALA A 751 4.51 -77.19 -43.78
CA ALA A 751 3.40 -77.14 -42.85
C ALA A 751 3.87 -76.86 -41.43
N LYS A 752 5.00 -77.44 -41.03
CA LYS A 752 5.55 -77.17 -39.70
C LYS A 752 6.05 -75.72 -39.61
N PHE A 753 6.63 -75.21 -40.69
CA PHE A 753 7.21 -73.86 -40.65
C PHE A 753 6.15 -72.80 -40.46
N ILE A 754 5.02 -72.91 -41.16
CA ILE A 754 3.97 -71.90 -41.07
C ILE A 754 3.35 -71.92 -39.68
N GLY A 755 3.18 -73.11 -39.10
CA GLY A 755 2.64 -73.19 -37.74
C GLY A 755 3.52 -72.50 -36.72
N PHE A 756 4.83 -72.55 -36.92
CA PHE A 756 5.75 -71.84 -36.04
C PHE A 756 5.56 -70.32 -36.17
N THR A 757 5.32 -69.84 -37.38
CA THR A 757 5.14 -68.41 -37.59
C THR A 757 3.92 -67.88 -36.84
N MET A 758 2.80 -68.61 -36.93
CA MET A 758 1.59 -68.18 -36.21
C MET A 758 1.79 -68.22 -34.71
N TYR A 759 2.46 -69.26 -34.21
CA TYR A 759 2.72 -69.34 -32.77
C TYR A 759 3.58 -68.17 -32.30
N THR A 760 4.63 -67.85 -33.05
CA THR A 760 5.46 -66.70 -32.70
C THR A 760 4.68 -65.39 -32.87
N THR A 761 3.86 -65.29 -33.91
CA THR A 761 3.09 -64.08 -34.14
C THR A 761 2.10 -63.82 -33.02
N CYS A 762 1.46 -64.87 -32.52
CA CYS A 762 0.52 -64.71 -31.41
C CYS A 762 1.25 -64.26 -30.15
N ILE A 763 2.43 -64.82 -29.89
CA ILE A 763 3.16 -64.49 -28.66
C ILE A 763 3.65 -63.05 -28.70
N ILE A 764 4.23 -62.61 -29.82
CA ILE A 764 4.72 -61.24 -29.90
C ILE A 764 3.55 -60.26 -29.84
N TRP A 765 2.40 -60.63 -30.41
CA TRP A 765 1.19 -59.82 -30.24
C TRP A 765 0.72 -59.87 -28.79
N LEU A 766 0.80 -61.05 -28.16
CA LEU A 766 0.42 -61.16 -26.75
C LEU A 766 1.39 -60.42 -25.84
N ALA A 767 2.66 -60.32 -26.24
CA ALA A 767 3.62 -59.58 -25.44
C ALA A 767 3.43 -58.08 -25.57
N PHE A 768 2.83 -57.63 -26.68
CA PHE A 768 2.59 -56.20 -26.87
C PHE A 768 1.50 -55.68 -25.93
N LEU A 769 0.54 -56.54 -25.57
CA LEU A 769 -0.57 -56.09 -24.74
C LEU A 769 -0.14 -55.55 -23.38
N PRO A 770 0.74 -56.22 -22.61
CA PRO A 770 1.20 -55.59 -21.36
C PRO A 770 1.87 -54.24 -21.57
N ILE A 771 2.62 -54.09 -22.66
CA ILE A 771 3.32 -52.83 -22.91
C ILE A 771 2.31 -51.71 -23.13
N PHE A 772 1.27 -51.97 -23.94
CA PHE A 772 0.25 -50.96 -24.18
C PHE A 772 -0.57 -50.67 -22.93
N TYR A 773 -0.78 -51.68 -22.09
CA TYR A 773 -1.62 -51.51 -20.91
C TYR A 773 -0.97 -50.59 -19.89
N VAL A 774 0.29 -50.83 -19.56
CA VAL A 774 0.95 -50.05 -18.52
C VAL A 774 1.20 -48.62 -18.97
N THR A 775 1.59 -48.44 -20.23
CA THR A 775 1.95 -47.13 -20.75
C THR A 775 0.71 -46.37 -21.24
N SER A 776 -0.18 -46.09 -20.29
CA SER A 776 -1.35 -45.25 -20.60
C SER A 776 -0.92 -43.84 -21.00
N SER A 777 0.05 -43.28 -20.26
CA SER A 777 0.65 -42.01 -20.62
C SER A 777 1.91 -42.26 -21.44
N ASP A 778 2.67 -41.18 -21.71
CA ASP A 778 3.92 -41.25 -22.45
C ASP A 778 3.68 -41.87 -23.83
N TYR A 779 2.92 -41.15 -24.64
CA TYR A 779 2.51 -41.64 -25.96
C TYR A 779 3.70 -41.91 -26.88
N ARG A 780 4.87 -41.34 -26.59
CA ARG A 780 6.04 -41.55 -27.43
C ARG A 780 6.45 -43.01 -27.47
N VAL A 781 6.45 -43.68 -26.31
CA VAL A 781 6.83 -45.08 -26.28
C VAL A 781 5.73 -45.95 -26.90
N GLN A 782 4.47 -45.49 -26.82
CA GLN A 782 3.38 -46.26 -27.41
C GLN A 782 3.54 -46.40 -28.92
N THR A 783 3.89 -45.29 -29.60
CA THR A 783 4.17 -45.36 -31.02
C THR A 783 5.48 -46.08 -31.30
N THR A 784 6.46 -45.96 -30.38
CA THR A 784 7.73 -46.65 -30.57
C THR A 784 7.56 -48.16 -30.51
N THR A 785 6.86 -48.66 -29.48
CA THR A 785 6.64 -50.09 -29.36
C THR A 785 5.71 -50.62 -30.44
N MET A 786 4.78 -49.78 -30.91
CA MET A 786 3.94 -50.18 -32.04
C MET A 786 4.79 -50.43 -33.29
N CYS A 787 5.78 -49.57 -33.53
CA CYS A 787 6.71 -49.80 -34.63
C CYS A 787 7.58 -51.03 -34.38
N VAL A 788 7.92 -51.30 -33.11
CA VAL A 788 8.73 -52.47 -32.79
C VAL A 788 7.99 -53.76 -33.16
N SER A 789 6.70 -53.83 -32.80
CA SER A 789 5.94 -55.06 -33.05
C SER A 789 5.81 -55.35 -34.53
N VAL A 790 5.48 -54.34 -35.34
CA VAL A 790 5.30 -54.57 -36.77
C VAL A 790 6.63 -54.85 -37.46
N SER A 791 7.72 -54.23 -36.99
CA SER A 791 9.02 -54.42 -37.64
C SER A 791 9.49 -55.86 -37.52
N LEU A 792 9.47 -56.41 -36.31
CA LEU A 792 9.93 -57.78 -36.10
C LEU A 792 8.91 -58.82 -36.54
N SER A 793 7.64 -58.43 -36.69
CA SER A 793 6.63 -59.37 -37.19
C SER A 793 6.94 -59.78 -38.62
N GLY A 794 7.32 -58.81 -39.47
CA GLY A 794 7.71 -59.15 -40.83
C GLY A 794 8.98 -59.95 -40.88
N SER A 795 9.93 -59.67 -39.98
CA SER A 795 11.17 -60.43 -39.93
C SER A 795 10.91 -61.89 -39.57
N VAL A 796 9.97 -62.13 -38.65
CA VAL A 796 9.62 -63.50 -38.30
C VAL A 796 9.03 -64.24 -39.49
N VAL A 797 8.13 -63.57 -40.23
CA VAL A 797 7.54 -64.18 -41.42
C VAL A 797 8.62 -64.45 -42.46
N LEU A 798 9.51 -63.49 -42.68
CA LEU A 798 10.58 -63.65 -43.67
C LEU A 798 11.75 -64.47 -43.14
N GLY A 799 11.82 -64.70 -41.83
CA GLY A 799 12.93 -65.46 -41.27
C GLY A 799 12.58 -66.90 -40.97
N CYS A 800 11.31 -67.27 -41.15
CA CYS A 800 10.86 -68.63 -40.91
C CYS A 800 10.16 -69.27 -42.09
N LEU A 801 9.66 -68.49 -43.05
CA LEU A 801 9.00 -69.04 -44.23
C LEU A 801 9.86 -68.98 -45.49
N PHE A 802 10.87 -68.11 -45.52
CA PHE A 802 11.76 -68.00 -46.67
C PHE A 802 13.21 -68.30 -46.34
N ALA A 803 13.64 -68.12 -45.10
CA ALA A 803 15.01 -68.44 -44.74
C ALA A 803 15.35 -69.91 -44.95
N PRO A 804 14.53 -70.89 -44.52
CA PRO A 804 14.83 -72.28 -44.90
C PRO A 804 14.81 -72.50 -46.41
N LYS A 805 13.95 -71.79 -47.13
CA LYS A 805 13.93 -71.91 -48.59
C LYS A 805 15.23 -71.40 -49.20
N LEU A 806 15.74 -70.29 -48.69
CA LEU A 806 17.01 -69.74 -49.18
C LEU A 806 18.18 -70.66 -48.84
N HIS A 807 18.07 -71.48 -47.80
CA HIS A 807 19.16 -72.38 -47.43
C HIS A 807 19.41 -73.41 -48.52
N ILE A 808 18.36 -73.92 -49.14
CA ILE A 808 18.51 -74.96 -50.15
C ILE A 808 19.04 -74.44 -51.48
N ILE A 809 18.99 -73.13 -51.70
CA ILE A 809 19.43 -72.54 -52.95
C ILE A 809 20.70 -71.71 -52.78
N LEU A 810 20.85 -71.00 -51.66
CA LEU A 810 22.04 -70.19 -51.40
C LEU A 810 23.06 -70.94 -50.57
N PHE A 811 22.69 -71.38 -49.36
CA PHE A 811 23.62 -72.12 -48.53
C PHE A 811 23.95 -73.48 -49.13
N GLN A 812 22.95 -74.16 -49.70
CA GLN A 812 23.16 -75.47 -50.31
C GLN A 812 22.64 -75.49 -51.74
N ASN B 39 -25.69 49.19 22.11
CA ASN B 39 -26.64 48.32 22.79
C ASN B 39 -25.91 47.37 23.74
N SER B 40 -25.89 47.74 25.02
CA SER B 40 -25.18 46.96 26.03
C SER B 40 -25.84 47.19 27.39
N ILE B 41 -25.52 46.31 28.34
CA ILE B 41 -26.04 46.41 29.69
C ILE B 41 -25.05 47.21 30.53
N ARG B 42 -25.53 48.27 31.15
CA ARG B 42 -24.72 49.14 31.99
C ARG B 42 -25.21 49.05 33.44
N ILE B 43 -24.29 48.74 34.35
CA ILE B 43 -24.59 48.67 35.77
C ILE B 43 -23.59 49.54 36.52
N ASP B 44 -24.10 50.39 37.40
CA ASP B 44 -23.26 51.29 38.16
C ASP B 44 -22.77 50.63 39.45
N GLY B 45 -21.50 50.83 39.75
CA GLY B 45 -20.92 50.26 40.96
C GLY B 45 -19.55 50.85 41.20
N ASP B 46 -19.00 50.50 42.37
CA ASP B 46 -17.65 50.97 42.72
C ASP B 46 -16.61 50.40 41.77
N ILE B 47 -16.74 49.12 41.43
CA ILE B 47 -15.81 48.43 40.53
C ILE B 47 -16.61 47.83 39.39
N THR B 48 -16.20 48.09 38.17
CA THR B 48 -16.91 47.63 36.98
C THR B 48 -16.23 46.41 36.40
N LEU B 49 -17.01 45.37 36.10
CA LEU B 49 -16.53 44.13 35.51
C LEU B 49 -17.04 44.00 34.10
N GLY B 50 -16.14 43.75 33.15
CA GLY B 50 -16.54 43.56 31.78
C GLY B 50 -17.15 42.20 31.52
N GLY B 51 -17.91 42.10 30.44
CA GLY B 51 -18.55 40.86 30.07
C GLY B 51 -18.74 40.71 28.57
N LEU B 52 -18.59 39.48 28.08
CA LEU B 52 -18.75 39.19 26.65
C LEU B 52 -19.51 37.87 26.52
N PHE B 53 -20.72 37.94 25.96
CA PHE B 53 -21.55 36.76 25.80
C PHE B 53 -22.11 36.70 24.39
N PRO B 54 -22.23 35.50 23.82
CA PRO B 54 -22.81 35.36 22.46
C PRO B 54 -24.33 35.38 22.50
N VAL B 55 -24.89 36.56 22.77
CA VAL B 55 -26.34 36.70 22.89
C VAL B 55 -27.02 36.38 21.57
N HIS B 56 -26.47 36.85 20.46
CA HIS B 56 -27.01 36.60 19.13
C HIS B 56 -26.06 35.72 18.34
N GLY B 57 -26.62 34.89 17.46
CA GLY B 57 -25.83 34.02 16.64
C GLY B 57 -25.11 34.77 15.53
N ARG B 58 -24.23 34.05 14.84
CA ARG B 58 -23.47 34.64 13.75
C ARG B 58 -24.40 34.96 12.59
N GLY B 59 -24.30 36.19 12.08
CA GLY B 59 -25.19 36.61 11.01
C GLY B 59 -24.77 36.09 9.66
N SER B 60 -25.76 35.84 8.80
CA SER B 60 -25.53 35.37 7.46
C SER B 60 -25.38 36.53 6.49
N GLU B 61 -24.68 36.28 5.38
CA GLU B 61 -24.41 37.27 4.34
C GLU B 61 -23.68 38.43 4.99
N GLY B 62 -24.11 39.68 4.79
CA GLY B 62 -23.47 40.83 5.38
C GLY B 62 -24.02 41.27 6.73
N LYS B 63 -25.05 40.60 7.23
CA LYS B 63 -25.60 40.96 8.53
C LYS B 63 -24.65 40.55 9.64
N PRO B 64 -24.33 41.44 10.58
CA PRO B 64 -23.41 41.05 11.65
C PRO B 64 -24.02 40.09 12.65
N CYS B 65 -25.27 40.32 13.06
CA CYS B 65 -25.94 39.50 14.06
C CYS B 65 -27.09 38.73 13.43
N GLY B 66 -27.20 37.46 13.79
CA GLY B 66 -28.23 36.60 13.23
C GLY B 66 -29.40 36.33 14.16
N GLU B 67 -29.49 35.09 14.65
CA GLU B 67 -30.61 34.66 15.47
C GLU B 67 -30.22 34.65 16.94
N LEU B 68 -31.17 34.99 17.80
CA LEU B 68 -30.92 35.02 19.24
C LEU B 68 -30.66 33.62 19.76
N LYS B 69 -29.76 33.53 20.74
CA LYS B 69 -29.40 32.27 21.38
C LYS B 69 -30.01 32.26 22.77
N LYS B 70 -31.03 31.42 22.97
CA LYS B 70 -31.77 31.39 24.22
C LYS B 70 -31.00 30.72 25.35
N GLU B 71 -30.05 29.84 25.03
CA GLU B 71 -29.29 29.13 26.05
C GLU B 71 -27.82 29.55 26.09
N LYS B 72 -27.14 29.56 24.94
CA LYS B 72 -25.73 29.93 24.92
C LYS B 72 -25.54 31.40 25.21
N GLY B 73 -26.52 32.24 24.89
CA GLY B 73 -26.38 33.67 25.07
C GLY B 73 -27.17 34.25 26.23
N ILE B 74 -28.38 33.78 26.44
CA ILE B 74 -29.27 34.34 27.45
C ILE B 74 -29.00 33.73 28.82
N HIS B 75 -28.92 32.40 28.90
CA HIS B 75 -28.70 31.74 30.18
C HIS B 75 -27.34 32.11 30.75
N ARG B 76 -26.30 32.17 29.92
CA ARG B 76 -24.97 32.51 30.41
C ARG B 76 -24.91 33.97 30.85
N LEU B 77 -25.57 34.87 30.11
CA LEU B 77 -25.56 36.28 30.49
C LEU B 77 -26.24 36.49 31.83
N GLU B 78 -27.38 35.84 32.06
CA GLU B 78 -28.08 35.97 33.34
C GLU B 78 -27.30 35.35 34.48
N ALA B 79 -26.40 34.40 34.19
CA ALA B 79 -25.55 33.85 35.24
C ALA B 79 -24.62 34.92 35.82
N MET B 80 -24.05 35.76 34.96
CA MET B 80 -23.26 36.89 35.45
C MET B 80 -24.09 37.84 36.28
N LEU B 81 -25.30 38.15 35.82
CA LEU B 81 -26.18 39.03 36.59
C LEU B 81 -26.57 38.41 37.92
N PHE B 82 -26.86 37.10 37.91
CA PHE B 82 -27.20 36.41 39.15
C PHE B 82 -26.02 36.38 40.11
N ALA B 83 -24.82 36.13 39.59
CA ALA B 83 -23.63 36.07 40.43
C ALA B 83 -23.30 37.43 41.02
N LEU B 84 -23.41 38.50 40.21
CA LEU B 84 -23.12 39.84 40.70
C LEU B 84 -24.11 40.26 41.78
N ASP B 85 -25.40 39.94 41.59
CA ASP B 85 -26.39 40.26 42.60
C ASP B 85 -26.21 39.42 43.86
N ARG B 86 -25.49 38.31 43.77
CA ARG B 86 -25.21 37.48 44.93
C ARG B 86 -23.93 37.89 45.65
N ILE B 87 -22.93 38.33 44.91
CA ILE B 87 -21.70 38.84 45.53
C ILE B 87 -21.97 40.18 46.21
N ASN B 88 -22.73 41.06 45.56
CA ASN B 88 -23.04 42.36 46.12
C ASN B 88 -23.90 42.28 47.37
N ASN B 89 -24.56 41.15 47.61
CA ASN B 89 -25.36 40.94 48.81
C ASN B 89 -24.68 40.01 49.80
N ASP B 90 -23.38 39.76 49.62
CA ASP B 90 -22.63 38.89 50.51
C ASP B 90 -21.73 39.73 51.40
N PRO B 91 -22.00 39.83 52.69
CA PRO B 91 -21.14 40.65 53.56
C PRO B 91 -19.70 40.18 53.64
N ASP B 92 -19.47 38.86 53.52
CA ASP B 92 -18.13 38.32 53.64
C ASP B 92 -17.29 38.47 52.37
N LEU B 93 -17.90 38.86 51.26
CA LEU B 93 -17.19 39.05 50.00
C LEU B 93 -17.32 40.50 49.57
N LEU B 94 -16.20 41.22 49.58
CA LEU B 94 -16.13 42.62 49.21
C LEU B 94 -17.14 43.45 49.99
N PRO B 95 -16.95 43.63 51.30
CA PRO B 95 -17.93 44.37 52.09
C PRO B 95 -17.95 45.85 51.72
N ASN B 96 -19.15 46.42 51.65
CA ASN B 96 -19.40 47.82 51.36
C ASN B 96 -18.92 48.25 49.97
N ILE B 97 -18.52 47.29 49.13
CA ILE B 97 -18.05 47.58 47.78
C ILE B 97 -19.00 46.91 46.80
N THR B 98 -19.58 47.70 45.91
CA THR B 98 -20.50 47.18 44.90
C THR B 98 -19.75 46.94 43.59
N LEU B 99 -20.19 45.92 42.86
CA LEU B 99 -19.59 45.54 41.59
C LEU B 99 -20.52 45.90 40.45
N GLY B 100 -20.03 46.68 39.50
CA GLY B 100 -20.78 47.03 38.32
C GLY B 100 -20.46 46.08 37.16
N ALA B 101 -21.22 46.24 36.08
CA ALA B 101 -21.08 45.39 34.90
C ALA B 101 -21.30 46.20 33.64
N ARG B 102 -20.45 45.95 32.63
CA ARG B 102 -20.62 46.48 31.29
C ARG B 102 -20.59 45.27 30.35
N ILE B 103 -21.75 44.66 30.16
CA ILE B 103 -21.86 43.42 29.38
C ILE B 103 -22.19 43.78 27.94
N LEU B 104 -21.36 43.32 27.01
CA LEU B 104 -21.54 43.57 25.59
C LEU B 104 -22.07 42.33 24.90
N ASP B 105 -22.34 42.46 23.60
CA ASP B 105 -22.85 41.38 22.78
C ASP B 105 -21.73 40.89 21.87
N THR B 106 -21.26 39.66 22.13
CA THR B 106 -20.23 39.08 21.29
C THR B 106 -20.74 38.85 19.88
N CYS B 107 -22.00 38.42 19.75
CA CYS B 107 -22.64 38.12 18.46
C CYS B 107 -21.96 36.95 17.75
N SER B 108 -21.22 36.12 18.50
CA SER B 108 -20.56 34.92 17.99
C SER B 108 -19.62 35.22 16.83
N ARG B 109 -19.21 36.47 16.66
CA ARG B 109 -18.32 36.88 15.57
C ARG B 109 -17.04 37.42 16.17
N ASP B 110 -15.90 36.93 15.66
CA ASP B 110 -14.61 37.35 16.19
C ASP B 110 -14.36 38.84 15.93
N THR B 111 -14.69 39.32 14.73
CA THR B 111 -14.45 40.72 14.40
C THR B 111 -15.43 41.65 15.11
N HIS B 112 -16.68 41.20 15.30
CA HIS B 112 -17.68 42.05 15.93
C HIS B 112 -17.35 42.30 17.39
N ALA B 113 -16.79 41.31 18.09
CA ALA B 113 -16.45 41.49 19.49
C ALA B 113 -15.28 42.46 19.68
N LEU B 114 -14.41 42.57 18.67
CA LEU B 114 -13.25 43.45 18.79
C LEU B 114 -13.68 44.92 18.89
N GLU B 115 -14.65 45.34 18.06
CA GLU B 115 -15.09 46.72 18.10
C GLU B 115 -15.86 47.03 19.38
N GLN B 116 -16.62 46.06 19.90
CA GLN B 116 -17.28 46.25 21.19
C GLN B 116 -16.26 46.35 22.32
N SER B 117 -15.20 45.53 22.26
CA SER B 117 -14.17 45.55 23.29
C SER B 117 -13.40 46.87 23.30
N LEU B 118 -13.51 47.67 22.25
CA LEU B 118 -12.85 48.96 22.24
C LEU B 118 -13.40 49.88 23.32
N THR B 119 -14.66 49.70 23.71
CA THR B 119 -15.24 50.49 24.78
C THR B 119 -14.53 50.23 26.11
N PHE B 120 -14.01 49.02 26.30
CA PHE B 120 -13.31 48.70 27.55
C PHE B 120 -11.96 49.39 27.67
N VAL B 121 -11.41 49.88 26.55
CA VAL B 121 -10.08 50.46 26.55
C VAL B 121 -10.02 51.84 25.91
N GLN B 122 -11.16 52.38 25.46
CA GLN B 122 -11.16 53.70 24.86
C GLN B 122 -10.80 54.78 25.88
N ALA B 123 -11.26 54.63 27.12
CA ALA B 123 -10.98 55.63 28.14
C ALA B 123 -9.53 55.60 28.59
N LEU B 124 -8.86 54.44 28.47
CA LEU B 124 -7.48 54.33 28.90
C LEU B 124 -6.57 55.23 28.09
N ILE B 125 -6.76 55.26 26.76
CA ILE B 125 -5.97 56.11 25.89
C ILE B 125 -6.89 56.94 24.99
N ARG B 147 -14.34 52.80 33.75
CA ARG B 147 -13.14 51.99 33.67
C ARG B 147 -13.43 50.56 34.15
N VAL B 148 -12.88 49.58 33.44
CA VAL B 148 -13.08 48.17 33.74
C VAL B 148 -11.75 47.58 34.20
N VAL B 149 -11.78 46.84 35.31
CA VAL B 149 -10.57 46.20 35.82
C VAL B 149 -10.33 44.84 35.18
N GLY B 150 -11.37 44.21 34.65
CA GLY B 150 -11.25 42.91 34.01
C GLY B 150 -12.57 42.54 33.40
N VAL B 151 -12.54 41.52 32.55
CA VAL B 151 -13.73 41.10 31.82
C VAL B 151 -13.93 39.60 32.02
N ILE B 152 -15.15 39.16 31.76
CA ILE B 152 -15.48 37.74 31.70
C ILE B 152 -15.36 37.31 30.24
N GLY B 153 -14.44 36.39 29.97
CA GLY B 153 -14.09 36.09 28.59
C GLY B 153 -15.25 35.48 27.82
N ALA B 154 -15.12 35.51 26.50
CA ALA B 154 -16.17 35.05 25.61
C ALA B 154 -16.23 33.52 25.61
N SER B 155 -17.12 32.97 24.78
CA SER B 155 -17.30 31.54 24.67
C SER B 155 -16.40 30.94 23.59
N GLY B 156 -16.43 31.52 22.39
CA GLY B 156 -15.62 31.00 21.30
C GLY B 156 -14.14 31.24 21.54
N SER B 157 -13.32 30.23 21.20
CA SER B 157 -11.89 30.36 21.36
C SER B 157 -11.32 31.44 20.45
N SER B 158 -11.80 31.52 19.21
CA SER B 158 -11.32 32.55 18.30
C SER B 158 -11.70 33.94 18.79
N VAL B 159 -12.91 34.08 19.34
CA VAL B 159 -13.35 35.38 19.85
C VAL B 159 -12.47 35.83 21.00
N SER B 160 -12.14 34.91 21.92
CA SER B 160 -11.34 35.27 23.08
C SER B 160 -9.91 35.67 22.69
N ILE B 161 -9.41 35.16 21.56
CA ILE B 161 -8.02 35.40 21.19
C ILE B 161 -7.79 36.87 20.84
N MET B 162 -8.66 37.45 20.02
CA MET B 162 -8.51 38.87 19.69
C MET B 162 -8.78 39.76 20.90
N VAL B 163 -9.70 39.35 21.78
CA VAL B 163 -9.91 40.10 23.01
C VAL B 163 -8.69 39.98 23.92
N ALA B 164 -8.07 38.81 23.95
CA ALA B 164 -6.92 38.59 24.82
C ALA B 164 -5.74 39.46 24.41
N ASN B 165 -5.37 39.44 23.13
CA ASN B 165 -4.21 40.20 22.68
C ASN B 165 -4.45 41.71 22.68
N ILE B 166 -5.70 42.15 22.83
CA ILE B 166 -5.99 43.58 22.95
C ILE B 166 -6.07 44.00 24.41
N LEU B 167 -6.69 43.17 25.26
CA LEU B 167 -6.77 43.51 26.68
C LEU B 167 -5.42 43.34 27.37
N ARG B 168 -4.66 42.30 27.01
CA ARG B 168 -3.29 42.20 27.48
C ARG B 168 -2.46 43.39 27.04
N LEU B 169 -2.77 43.93 25.86
CA LEU B 169 -2.12 45.14 25.37
C LEU B 169 -2.44 46.35 26.24
N PHE B 170 -3.51 46.29 27.02
CA PHE B 170 -3.90 47.36 27.93
C PHE B 170 -3.84 46.93 29.38
N LYS B 171 -3.22 45.79 29.68
CA LYS B 171 -3.10 45.27 31.05
C LYS B 171 -4.46 45.06 31.69
N ILE B 172 -5.31 44.29 31.01
CA ILE B 172 -6.64 43.95 31.52
C ILE B 172 -6.77 42.44 31.60
N PRO B 173 -6.84 41.87 32.81
CA PRO B 173 -7.01 40.42 32.93
C PRO B 173 -8.34 39.95 32.36
N GLN B 174 -8.34 38.74 31.83
CA GLN B 174 -9.52 38.13 31.21
C GLN B 174 -9.69 36.71 31.72
N ILE B 175 -10.91 36.38 32.13
CA ILE B 175 -11.25 35.03 32.58
C ILE B 175 -12.40 34.53 31.71
N SER B 176 -12.19 33.42 31.02
CA SER B 176 -13.19 32.85 30.13
C SER B 176 -13.88 31.67 30.79
N TYR B 177 -15.17 31.52 30.48
CA TYR B 177 -15.98 30.44 31.04
C TYR B 177 -16.17 29.27 30.09
N ALA B 178 -15.91 29.45 28.80
CA ALA B 178 -16.15 28.38 27.83
C ALA B 178 -15.07 28.26 26.77
N SER B 179 -13.98 29.02 26.86
CA SER B 179 -12.94 28.99 25.85
C SER B 179 -11.99 27.84 26.14
N THR B 180 -12.10 26.76 25.36
CA THR B 180 -11.25 25.59 25.47
C THR B 180 -10.38 25.52 24.23
N ALA B 181 -9.12 25.89 24.36
CA ALA B 181 -8.18 25.84 23.26
C ALA B 181 -6.75 25.81 23.76
N PRO B 182 -5.92 24.89 23.28
CA PRO B 182 -4.50 24.88 23.70
C PRO B 182 -3.74 26.12 23.28
N ASP B 183 -4.21 26.84 22.26
CA ASP B 183 -3.52 28.05 21.82
C ASP B 183 -3.52 29.12 22.91
N LEU B 184 -4.64 29.29 23.59
CA LEU B 184 -4.73 30.29 24.65
C LEU B 184 -3.96 29.89 25.91
N SER B 185 -3.49 28.65 25.99
CA SER B 185 -2.72 28.20 27.14
C SER B 185 -1.28 28.70 27.12
N ASP B 186 -0.82 29.28 26.01
CA ASP B 186 0.54 29.78 25.93
C ASP B 186 0.70 31.02 26.79
N ASN B 187 1.71 31.00 27.67
CA ASN B 187 1.93 32.11 28.59
C ASN B 187 2.66 33.28 27.94
N SER B 188 3.27 33.07 26.77
CA SER B 188 4.00 34.16 26.13
C SER B 188 3.06 35.18 25.50
N ARG B 189 1.98 34.72 24.87
CA ARG B 189 1.06 35.59 24.15
C ARG B 189 -0.17 35.96 24.98
N TYR B 190 -0.59 35.13 25.91
CA TYR B 190 -1.82 35.31 26.66
C TYR B 190 -1.55 35.19 28.16
N ASP B 191 -0.52 35.90 28.63
CA ASP B 191 -0.20 35.87 30.06
C ASP B 191 -1.30 36.52 30.89
N PHE B 192 -2.06 37.44 30.32
CA PHE B 192 -3.17 38.09 31.01
C PHE B 192 -4.48 37.36 30.84
N PHE B 193 -4.49 36.22 30.16
CA PHE B 193 -5.70 35.44 29.92
C PHE B 193 -5.74 34.24 30.86
N SER B 194 -6.94 33.97 31.40
CA SER B 194 -7.15 32.85 32.30
C SER B 194 -8.47 32.17 31.94
N ARG B 195 -8.58 30.90 32.32
CA ARG B 195 -9.76 30.11 32.01
C ARG B 195 -10.13 29.25 33.20
N VAL B 196 -11.42 28.93 33.31
CA VAL B 196 -11.94 28.09 34.39
C VAL B 196 -12.33 26.69 33.90
N VAL B 197 -12.05 26.36 32.65
CA VAL B 197 -12.41 25.08 32.07
C VAL B 197 -11.15 24.40 31.53
N PRO B 198 -11.12 23.07 31.45
CA PRO B 198 -9.92 22.40 30.92
C PRO B 198 -9.72 22.68 29.44
N SER B 199 -8.46 22.62 29.02
CA SER B 199 -8.09 22.83 27.64
C SER B 199 -8.46 21.62 26.78
N ASP B 200 -8.42 21.81 25.46
CA ASP B 200 -8.73 20.73 24.54
C ASP B 200 -7.69 19.62 24.56
N THR B 201 -6.49 19.89 25.08
CA THR B 201 -5.46 18.85 25.15
C THR B 201 -5.92 17.70 26.04
N TYR B 202 -6.52 18.01 27.19
CA TYR B 202 -7.07 16.95 28.04
C TYR B 202 -8.31 16.34 27.42
N GLN B 203 -9.13 17.16 26.76
CA GLN B 203 -10.33 16.64 26.10
C GLN B 203 -9.96 15.70 24.95
N ALA B 204 -8.94 16.05 24.17
CA ALA B 204 -8.52 15.19 23.07
C ALA B 204 -8.02 13.85 23.58
N GLN B 205 -7.26 13.85 24.67
CA GLN B 205 -6.81 12.60 25.27
C GLN B 205 -8.00 11.78 25.79
N ALA B 206 -9.00 12.46 26.35
CA ALA B 206 -10.19 11.76 26.81
C ALA B 206 -10.96 11.13 25.66
N MET B 207 -11.04 11.83 24.52
CA MET B 207 -11.81 11.32 23.39
C MET B 207 -11.21 10.04 22.85
N VAL B 208 -9.88 9.99 22.70
CA VAL B 208 -9.25 8.80 22.15
C VAL B 208 -9.37 7.62 23.12
N ASP B 209 -9.43 7.89 24.43
CA ASP B 209 -9.62 6.82 25.39
C ASP B 209 -10.99 6.17 25.22
N ILE B 210 -12.02 6.97 24.95
CA ILE B 210 -13.35 6.42 24.70
C ILE B 210 -13.36 5.61 23.41
N VAL B 211 -12.61 6.07 22.40
CA VAL B 211 -12.51 5.33 21.14
C VAL B 211 -11.87 3.96 21.36
N ARG B 212 -10.81 3.91 22.17
CA ARG B 212 -10.16 2.64 22.45
C ARG B 212 -11.09 1.68 23.19
N ALA B 213 -11.83 2.19 24.18
CA ALA B 213 -12.66 1.33 25.01
C ALA B 213 -13.88 0.80 24.27
N LEU B 214 -14.30 1.46 23.19
CA LEU B 214 -15.50 1.07 22.47
C LEU B 214 -15.22 0.15 21.28
N LYS B 215 -13.96 -0.28 21.12
CA LYS B 215 -13.60 -1.36 20.20
C LYS B 215 -13.74 -0.98 18.73
N TRP B 216 -13.58 0.29 18.41
CA TRP B 216 -13.38 0.71 17.02
C TRP B 216 -12.18 1.64 16.97
N ASN B 217 -11.43 1.58 15.87
CA ASN B 217 -10.18 2.31 15.75
C ASN B 217 -10.02 2.98 14.39
N TYR B 218 -11.11 3.12 13.63
CA TYR B 218 -11.09 3.71 12.30
C TYR B 218 -12.22 4.73 12.22
N VAL B 219 -11.88 6.01 12.41
CA VAL B 219 -12.87 7.07 12.55
C VAL B 219 -12.50 8.25 11.65
N SER B 220 -13.45 9.17 11.49
CA SER B 220 -13.27 10.39 10.73
C SER B 220 -13.40 11.60 11.66
N THR B 221 -12.81 12.71 11.23
CA THR B 221 -12.80 13.96 12.00
C THR B 221 -13.51 15.05 11.22
N VAL B 222 -14.39 15.78 11.91
CA VAL B 222 -15.13 16.91 11.36
C VAL B 222 -14.84 18.13 12.22
N ALA B 223 -14.47 19.25 11.58
CA ALA B 223 -14.12 20.46 12.29
C ALA B 223 -14.65 21.67 11.53
N SER B 224 -14.69 22.81 12.23
CA SER B 224 -15.12 24.08 11.65
C SER B 224 -13.95 25.06 11.63
N GLU B 225 -14.15 26.15 10.90
CA GLU B 225 -13.14 27.21 10.85
C GLU B 225 -13.01 27.87 12.21
N GLY B 226 -11.77 28.17 12.59
CA GLY B 226 -11.49 28.83 13.85
C GLY B 226 -10.33 28.22 14.60
N SER B 227 -10.03 28.75 15.77
CA SER B 227 -8.94 28.24 16.61
C SER B 227 -9.38 27.12 17.53
N TYR B 228 -10.67 26.77 17.55
CA TYR B 228 -11.17 25.70 18.39
C TYR B 228 -11.36 24.40 17.60
N GLY B 229 -12.14 24.45 16.53
CA GLY B 229 -12.36 23.24 15.74
C GLY B 229 -11.11 22.74 15.06
N GLU B 230 -10.34 23.65 14.44
CA GLU B 230 -9.11 23.24 13.77
C GLU B 230 -8.09 22.70 14.76
N SER B 231 -7.92 23.37 15.90
CA SER B 231 -6.98 22.90 16.91
C SER B 231 -7.51 21.71 17.71
N GLY B 232 -8.82 21.47 17.67
CA GLY B 232 -9.40 20.35 18.38
C GLY B 232 -9.12 19.02 17.70
N VAL B 233 -9.39 18.94 16.40
CA VAL B 233 -9.11 17.72 15.65
C VAL B 233 -7.60 17.50 15.55
N GLU B 234 -6.83 18.58 15.42
CA GLU B 234 -5.39 18.46 15.36
C GLU B 234 -4.82 17.88 16.65
N ALA B 235 -5.35 18.32 17.80
CA ALA B 235 -4.91 17.77 19.07
C ALA B 235 -5.28 16.30 19.19
N PHE B 236 -6.50 15.94 18.77
CA PHE B 236 -6.91 14.54 18.81
C PHE B 236 -6.08 13.69 17.86
N ILE B 237 -5.78 14.21 16.66
CA ILE B 237 -4.96 13.49 15.71
C ILE B 237 -3.55 13.26 16.27
N GLN B 238 -2.99 14.29 16.90
CA GLN B 238 -1.65 14.16 17.48
C GLN B 238 -1.63 13.10 18.58
N LYS B 239 -2.66 13.09 19.44
CA LYS B 239 -2.75 12.04 20.45
C LYS B 239 -3.02 10.68 19.83
N SER B 240 -3.73 10.65 18.70
CA SER B 240 -3.96 9.38 18.02
C SER B 240 -2.68 8.80 17.46
N ARG B 241 -1.77 9.66 16.98
CA ARG B 241 -0.49 9.17 16.46
C ARG B 241 0.32 8.50 17.55
N GLU B 242 0.30 9.05 18.77
CA GLU B 242 0.97 8.40 19.89
C GLU B 242 0.33 7.05 20.20
N ASP B 243 -1.00 6.97 20.11
CA ASP B 243 -1.69 5.70 20.29
C ASP B 243 -1.27 4.69 19.23
N GLY B 244 -1.25 5.11 17.97
CA GLY B 244 -0.84 4.24 16.88
C GLY B 244 -1.93 3.32 16.37
N GLY B 245 -2.80 2.87 17.28
CA GLY B 245 -3.86 1.95 16.90
C GLY B 245 -5.07 2.59 16.25
N VAL B 246 -5.20 3.91 16.36
CA VAL B 246 -6.34 4.64 15.83
C VAL B 246 -5.86 5.57 14.73
N CYS B 247 -6.58 5.57 13.60
CA CYS B 247 -6.23 6.35 12.44
C CYS B 247 -7.43 7.13 11.95
N ILE B 248 -7.17 8.23 11.25
CA ILE B 248 -8.22 9.08 10.67
C ILE B 248 -8.34 8.76 9.19
N ALA B 249 -9.54 8.36 8.76
CA ALA B 249 -9.76 8.07 7.36
C ALA B 249 -9.69 9.34 6.52
N GLN B 250 -10.39 10.38 6.94
CA GLN B 250 -10.34 11.67 6.27
C GLN B 250 -10.77 12.75 7.26
N SER B 251 -10.44 13.99 6.91
CA SER B 251 -10.77 15.15 7.73
C SER B 251 -11.64 16.11 6.93
N VAL B 252 -12.73 16.56 7.53
CA VAL B 252 -13.68 17.47 6.91
C VAL B 252 -13.65 18.78 7.69
N LYS B 253 -13.46 19.89 6.98
CA LYS B 253 -13.36 21.22 7.59
C LYS B 253 -14.50 22.07 7.05
N ILE B 254 -15.46 22.39 7.92
CA ILE B 254 -16.63 23.17 7.51
C ILE B 254 -16.24 24.65 7.43
N PRO B 255 -16.46 25.30 6.29
CA PRO B 255 -16.19 26.74 6.22
C PRO B 255 -17.09 27.54 7.14
N ARG B 256 -16.57 28.65 7.66
CA ARG B 256 -17.35 29.50 8.54
C ARG B 256 -18.41 30.30 7.81
N GLU B 257 -18.33 30.38 6.48
CA GLU B 257 -19.35 31.01 5.65
C GLU B 257 -19.72 30.05 4.52
N PRO B 258 -20.42 28.96 4.85
CA PRO B 258 -20.71 27.94 3.83
C PRO B 258 -21.70 28.45 2.80
N LYS B 259 -21.60 27.89 1.59
CA LYS B 259 -22.51 28.21 0.50
C LYS B 259 -23.75 27.33 0.61
N ALA B 260 -24.63 27.42 -0.39
CA ALA B 260 -25.84 26.61 -0.39
C ALA B 260 -25.50 25.16 -0.66
N GLY B 261 -26.05 24.27 0.15
CA GLY B 261 -25.81 22.85 -0.03
C GLY B 261 -24.45 22.35 0.40
N GLU B 262 -23.68 23.17 1.13
CA GLU B 262 -22.36 22.74 1.58
C GLU B 262 -22.45 21.58 2.56
N PHE B 263 -23.42 21.64 3.49
CA PHE B 263 -23.56 20.57 4.48
C PHE B 263 -24.05 19.28 3.84
N ASP B 264 -24.75 19.37 2.71
CA ASP B 264 -25.14 18.16 1.98
C ASP B 264 -23.92 17.51 1.33
N LYS B 265 -22.93 18.31 0.92
CA LYS B 265 -21.76 17.76 0.25
C LYS B 265 -20.87 17.00 1.23
N ILE B 266 -20.69 17.52 2.44
CA ILE B 266 -19.79 16.88 3.40
C ILE B 266 -20.33 15.54 3.88
N ILE B 267 -21.65 15.32 3.82
CA ILE B 267 -22.21 14.02 4.15
C ILE B 267 -21.72 12.96 3.17
N ARG B 268 -21.72 13.30 1.88
CA ARG B 268 -21.22 12.37 0.88
C ARG B 268 -19.74 12.10 1.06
N ARG B 269 -18.99 13.08 1.58
CA ARG B 269 -17.57 12.85 1.87
C ARG B 269 -17.41 11.78 2.94
N LEU B 270 -18.23 11.83 3.98
CA LEU B 270 -18.21 10.76 4.98
C LEU B 270 -18.85 9.48 4.45
N LEU B 271 -19.81 9.61 3.52
CA LEU B 271 -20.46 8.44 2.96
C LEU B 271 -19.56 7.68 1.99
N GLU B 272 -18.51 8.33 1.47
CA GLU B 272 -17.58 7.63 0.59
C GLU B 272 -16.87 6.51 1.32
N THR B 273 -16.44 6.74 2.55
CA THR B 273 -15.79 5.72 3.37
C THR B 273 -16.85 5.14 4.32
N SER B 274 -17.55 4.12 3.84
CA SER B 274 -18.58 3.49 4.65
C SER B 274 -18.01 2.71 5.84
N ASN B 275 -16.72 2.39 5.80
CA ASN B 275 -16.10 1.68 6.92
C ASN B 275 -16.09 2.52 8.18
N ALA B 276 -15.80 3.81 8.06
CA ALA B 276 -15.74 4.72 9.20
C ALA B 276 -17.17 5.17 9.53
N ARG B 277 -17.91 4.28 10.15
CA ARG B 277 -19.28 4.59 10.54
C ARG B 277 -19.33 5.53 11.74
N ALA B 278 -18.25 5.63 12.51
CA ALA B 278 -18.17 6.52 13.66
C ALA B 278 -17.31 7.73 13.30
N VAL B 279 -17.85 8.93 13.48
CA VAL B 279 -17.16 10.16 13.16
C VAL B 279 -17.08 11.02 14.41
N ILE B 280 -16.05 11.87 14.45
CA ILE B 280 -15.82 12.78 15.56
C ILE B 280 -15.94 14.21 15.04
N ILE B 281 -16.82 15.00 15.67
CA ILE B 281 -17.14 16.34 15.22
C ILE B 281 -16.69 17.34 16.27
N PHE B 282 -16.00 18.39 15.81
CA PHE B 282 -15.56 19.48 16.67
C PHE B 282 -16.24 20.80 16.30
N ALA B 283 -17.35 20.73 15.58
CA ALA B 283 -18.03 21.92 15.10
C ALA B 283 -18.77 22.62 16.24
N ASN B 284 -19.20 23.85 15.96
CA ASN B 284 -19.94 24.64 16.94
C ASN B 284 -21.41 24.21 16.97
N GLU B 285 -22.19 24.89 17.81
CA GLU B 285 -23.58 24.51 18.01
C GLU B 285 -24.39 24.66 16.73
N ASP B 286 -24.18 25.75 15.99
CA ASP B 286 -24.95 25.98 14.78
C ASP B 286 -24.61 24.95 13.69
N ASP B 287 -23.34 24.60 13.56
CA ASP B 287 -22.93 23.68 12.50
C ASP B 287 -23.44 22.27 12.75
N ILE B 288 -23.47 21.85 14.02
CA ILE B 288 -23.94 20.50 14.34
C ILE B 288 -25.41 20.34 13.97
N ARG B 289 -26.21 21.37 14.22
CA ARG B 289 -27.63 21.32 13.85
C ARG B 289 -27.80 21.15 12.34
N ARG B 290 -26.99 21.85 11.55
CA ARG B 290 -27.08 21.73 10.11
C ARG B 290 -26.50 20.42 9.60
N VAL B 291 -25.44 19.92 10.24
CA VAL B 291 -24.88 18.63 9.85
C VAL B 291 -25.88 17.51 10.11
N LEU B 292 -26.54 17.55 11.28
CA LEU B 292 -27.55 16.54 11.59
C LEU B 292 -28.72 16.62 10.62
N GLU B 293 -29.12 17.84 10.25
CA GLU B 293 -30.20 18.00 9.27
C GLU B 293 -29.82 17.42 7.92
N ALA B 294 -28.57 17.64 7.49
CA ALA B 294 -28.13 17.11 6.20
C ALA B 294 -28.11 15.59 6.20
N ALA B 295 -27.86 14.97 7.35
CA ALA B 295 -27.90 13.51 7.41
C ALA B 295 -29.30 12.99 7.16
N ARG B 296 -30.32 13.70 7.63
CA ARG B 296 -31.70 13.29 7.39
C ARG B 296 -32.05 13.38 5.91
N ARG B 297 -31.51 14.37 5.19
CA ARG B 297 -31.77 14.48 3.77
C ARG B 297 -31.24 13.28 3.00
N ALA B 298 -30.07 12.77 3.41
CA ALA B 298 -29.45 11.63 2.74
C ALA B 298 -29.97 10.29 3.25
N ASN B 299 -30.93 10.29 4.16
CA ASN B 299 -31.51 9.07 4.73
C ASN B 299 -30.43 8.20 5.37
N GLN B 300 -29.52 8.83 6.11
CA GLN B 300 -28.41 8.14 6.77
C GLN B 300 -28.60 8.10 8.28
N THR B 301 -29.85 8.09 8.75
CA THR B 301 -30.11 8.04 10.17
C THR B 301 -29.72 6.67 10.72
N GLY B 302 -28.92 6.68 11.80
CA GLY B 302 -28.44 5.46 12.40
C GLY B 302 -27.15 4.93 11.82
N HIS B 303 -26.74 5.39 10.64
CA HIS B 303 -25.50 4.94 10.04
C HIS B 303 -24.28 5.57 10.70
N PHE B 304 -24.41 6.82 11.15
CA PHE B 304 -23.28 7.56 11.72
C PHE B 304 -23.33 7.52 13.24
N PHE B 305 -22.17 7.30 13.85
CA PHE B 305 -22.01 7.33 15.29
C PHE B 305 -21.24 8.60 15.65
N TRP B 306 -21.93 9.57 16.23
CA TRP B 306 -21.37 10.88 16.48
C TRP B 306 -20.58 10.91 17.78
N MET B 307 -19.46 11.63 17.77
CA MET B 307 -18.61 11.83 18.93
C MET B 307 -18.49 13.33 19.16
N GLY B 308 -19.44 13.88 19.92
CA GLY B 308 -19.47 15.32 20.12
C GLY B 308 -18.40 15.79 21.08
N SER B 309 -17.96 17.03 20.88
CA SER B 309 -16.98 17.67 21.73
C SER B 309 -17.69 18.45 22.84
N ASP B 310 -16.94 19.30 23.55
CA ASP B 310 -17.54 20.11 24.60
C ASP B 310 -18.55 21.11 24.07
N SER B 311 -18.46 21.48 22.78
CA SER B 311 -19.47 22.34 22.17
C SER B 311 -20.83 21.68 22.10
N TRP B 312 -20.87 20.34 22.11
CA TRP B 312 -22.12 19.57 22.16
C TRP B 312 -21.95 18.55 23.27
N GLY B 313 -22.18 18.96 24.51
CA GLY B 313 -22.14 18.03 25.62
C GLY B 313 -23.52 17.62 26.11
N SER B 314 -24.38 18.62 26.34
CA SER B 314 -25.75 18.35 26.76
C SER B 314 -26.73 19.35 26.16
N LYS B 315 -26.31 20.16 25.20
CA LYS B 315 -27.18 21.19 24.65
C LYS B 315 -28.34 20.57 23.88
N ILE B 316 -29.54 21.12 24.09
CA ILE B 316 -30.72 20.62 23.40
C ILE B 316 -30.93 21.29 22.05
N ALA B 317 -30.28 22.43 21.79
CA ALA B 317 -30.44 23.11 20.51
C ALA B 317 -29.96 22.28 19.32
N PRO B 318 -28.76 21.68 19.34
CA PRO B 318 -28.35 20.87 18.17
C PRO B 318 -29.20 19.63 17.95
N VAL B 319 -29.93 19.17 18.96
CA VAL B 319 -30.75 17.97 18.84
C VAL B 319 -32.24 18.28 18.88
N LEU B 320 -32.63 19.55 18.91
CA LEU B 320 -34.04 19.90 18.91
C LEU B 320 -34.68 19.53 17.58
N HIS B 321 -35.85 18.91 17.65
CA HIS B 321 -36.61 18.44 16.48
C HIS B 321 -35.82 17.43 15.66
N LEU B 322 -34.79 16.83 16.24
CA LEU B 322 -33.94 15.85 15.57
C LEU B 322 -33.66 14.67 16.48
N GLU B 323 -34.67 14.23 17.23
CA GLU B 323 -34.48 13.15 18.17
C GLU B 323 -34.19 11.83 17.46
N GLU B 324 -34.87 11.57 16.34
CA GLU B 324 -34.69 10.31 15.63
C GLU B 324 -33.26 10.14 15.13
N VAL B 325 -32.69 11.21 14.57
CA VAL B 325 -31.30 11.16 14.11
C VAL B 325 -30.37 11.44 15.28
N ALA B 326 -29.11 11.02 15.13
CA ALA B 326 -28.08 11.18 16.17
C ALA B 326 -28.49 10.51 17.47
N GLU B 327 -29.11 9.34 17.36
CA GLU B 327 -29.43 8.53 18.54
C GLU B 327 -28.19 7.78 18.99
N GLY B 328 -27.95 7.78 20.30
CA GLY B 328 -26.78 7.10 20.82
C GLY B 328 -25.48 7.85 20.65
N ALA B 329 -25.54 9.14 20.32
CA ALA B 329 -24.32 9.92 20.14
C ALA B 329 -23.59 10.09 21.46
N VAL B 330 -22.29 9.85 21.45
CA VAL B 330 -21.45 9.98 22.64
C VAL B 330 -20.91 11.40 22.71
N THR B 331 -21.18 12.09 23.80
CA THR B 331 -20.79 13.48 23.98
C THR B 331 -19.95 13.63 25.23
N ILE B 332 -19.05 14.60 25.21
CA ILE B 332 -18.17 14.88 26.33
C ILE B 332 -18.40 16.32 26.79
N LEU B 333 -18.08 16.56 28.06
CA LEU B 333 -18.29 17.86 28.67
C LEU B 333 -17.52 17.92 30.00
N PRO B 334 -16.97 19.07 30.37
CA PRO B 334 -16.29 19.19 31.67
C PRO B 334 -17.26 18.92 32.82
N LYS B 335 -16.72 18.38 33.90
CA LYS B 335 -17.53 18.04 35.07
C LYS B 335 -18.26 19.27 35.58
N ARG B 336 -19.55 19.10 35.87
CA ARG B 336 -20.39 20.21 36.28
C ARG B 336 -21.53 19.67 37.13
N MET B 337 -22.20 20.59 37.84
CA MET B 337 -23.39 20.28 38.59
C MET B 337 -24.41 21.40 38.38
N SER B 338 -25.68 21.03 38.44
CA SER B 338 -26.75 22.01 38.24
C SER B 338 -26.85 22.92 39.45
N VAL B 339 -26.96 24.22 39.20
CA VAL B 339 -27.07 25.21 40.27
C VAL B 339 -28.55 25.43 40.56
N ARG B 340 -28.96 25.12 41.78
CA ARG B 340 -30.36 25.26 42.17
C ARG B 340 -30.75 26.71 42.43
N GLY B 341 -29.78 27.59 42.70
CA GLY B 341 -30.10 28.99 42.91
C GLY B 341 -30.36 29.75 41.63
N PHE B 342 -29.71 29.35 40.54
CA PHE B 342 -29.94 30.02 39.26
C PHE B 342 -31.29 29.64 38.67
N ASP B 343 -31.70 28.38 38.86
CA ASP B 343 -33.00 27.94 38.33
C ASP B 343 -34.14 28.72 38.95
N ARG B 344 -34.09 28.91 40.27
CA ARG B 344 -35.11 29.72 40.93
C ARG B 344 -35.03 31.18 40.50
N TYR B 345 -33.81 31.71 40.35
CA TYR B 345 -33.65 33.09 39.92
C TYR B 345 -34.17 33.30 38.50
N PHE B 346 -33.84 32.39 37.58
CA PHE B 346 -34.23 32.57 36.19
C PHE B 346 -35.73 32.35 35.99
N SER B 347 -36.29 31.35 36.66
CA SER B 347 -37.71 31.05 36.48
C SER B 347 -38.62 32.13 37.04
N SER B 348 -38.12 32.97 37.93
CA SER B 348 -38.90 34.05 38.54
C SER B 348 -38.66 35.39 37.86
N ARG B 349 -38.39 35.39 36.56
CA ARG B 349 -38.14 36.60 35.80
C ARG B 349 -39.27 36.80 34.79
N THR B 350 -39.78 38.03 34.73
CA THR B 350 -40.83 38.39 33.78
C THR B 350 -40.41 39.64 33.02
N LEU B 351 -41.31 40.13 32.17
CA LEU B 351 -41.02 41.31 31.35
C LEU B 351 -40.97 42.60 32.16
N ASP B 352 -41.38 42.58 33.42
CA ASP B 352 -41.43 43.78 34.25
C ASP B 352 -40.27 43.86 35.22
N ASN B 353 -40.04 42.82 36.03
CA ASN B 353 -38.96 42.86 37.01
C ASN B 353 -37.60 42.85 36.34
N ASN B 354 -37.45 42.09 35.25
CA ASN B 354 -36.17 41.95 34.56
C ASN B 354 -36.14 42.92 33.38
N ARG B 355 -35.91 44.19 33.69
CA ARG B 355 -35.70 45.21 32.67
C ARG B 355 -34.24 45.63 32.57
N ARG B 356 -33.38 45.10 33.44
CA ARG B 356 -31.95 45.41 33.37
C ARG B 356 -31.32 44.81 32.12
N ASN B 357 -31.81 43.65 31.68
CA ASN B 357 -31.30 42.99 30.48
C ASN B 357 -32.08 43.49 29.27
N ILE B 358 -31.40 44.20 28.36
CA ILE B 358 -32.06 44.77 27.20
C ILE B 358 -32.56 43.66 26.27
N TRP B 359 -31.81 42.57 26.17
CA TRP B 359 -32.19 41.47 25.28
C TRP B 359 -33.23 40.54 25.89
N PHE B 360 -33.60 40.74 27.15
CA PHE B 360 -34.61 39.87 27.76
C PHE B 360 -35.97 40.05 27.10
N ALA B 361 -36.29 41.27 26.66
CA ALA B 361 -37.55 41.49 25.95
C ALA B 361 -37.59 40.68 24.66
N GLU B 362 -36.48 40.65 23.93
CA GLU B 362 -36.41 39.82 22.71
C GLU B 362 -36.48 38.33 23.04
N PHE B 363 -35.95 37.93 24.20
CA PHE B 363 -35.98 36.52 24.58
C PHE B 363 -37.40 36.02 24.79
N TRP B 364 -38.33 36.91 25.13
CA TRP B 364 -39.70 36.48 25.40
C TRP B 364 -40.37 35.91 24.15
N GLU B 365 -40.18 36.56 23.00
CA GLU B 365 -40.80 36.07 21.78
C GLU B 365 -40.21 34.73 21.36
N ASP B 366 -38.89 34.58 21.44
CA ASP B 366 -38.26 33.34 21.01
C ASP B 366 -38.64 32.18 21.90
N ASN B 367 -38.71 32.40 23.22
CA ASN B 367 -38.99 31.31 24.15
C ASN B 367 -40.43 30.83 24.04
N PHE B 368 -41.38 31.77 24.02
CA PHE B 368 -42.80 31.44 24.07
C PHE B 368 -43.46 31.42 22.70
N HIS B 369 -42.72 31.70 21.63
CA HIS B 369 -43.24 31.69 20.26
C HIS B 369 -44.46 32.62 20.14
N CYS B 370 -44.22 33.90 20.40
CA CYS B 370 -45.27 34.91 20.38
C CYS B 370 -44.67 36.22 19.90
N LYS B 371 -45.44 37.30 20.03
CA LYS B 371 -44.97 38.62 19.65
C LYS B 371 -45.72 39.67 20.46
N LEU B 372 -45.08 40.83 20.61
CA LEU B 372 -45.67 41.93 21.37
C LEU B 372 -46.16 43.03 20.44
N VAL B 383 -47.62 36.96 14.32
CA VAL B 383 -48.04 35.71 14.93
C VAL B 383 -49.03 35.97 16.06
N LYS B 384 -49.20 34.99 16.93
CA LYS B 384 -50.14 35.11 18.03
C LYS B 384 -49.69 36.19 19.01
N LYS B 385 -50.67 36.86 19.61
CA LYS B 385 -50.39 37.91 20.58
C LYS B 385 -49.83 37.31 21.87
N CYS B 386 -49.14 38.14 22.64
CA CYS B 386 -48.49 37.73 23.87
C CYS B 386 -49.20 38.35 25.06
N THR B 387 -49.54 37.52 26.04
CA THR B 387 -50.11 37.99 27.30
C THR B 387 -49.00 38.11 28.34
N ASN B 388 -48.99 39.22 29.06
CA ASN B 388 -47.92 39.48 30.02
C ASN B 388 -48.19 38.76 31.34
N ARG B 389 -48.47 37.46 31.28
CA ARG B 389 -48.65 36.65 32.47
C ARG B 389 -48.00 35.27 32.34
N GLU B 390 -47.16 35.06 31.34
CA GLU B 390 -46.57 33.76 31.10
C GLU B 390 -45.35 33.54 31.99
N ARG B 391 -45.07 32.26 32.27
CA ARG B 391 -43.94 31.88 33.11
C ARG B 391 -43.00 30.97 32.33
N ILE B 392 -41.71 31.11 32.60
CA ILE B 392 -40.70 30.36 31.86
C ILE B 392 -40.75 28.88 32.21
N GLY B 393 -40.92 28.55 33.50
CA GLY B 393 -40.76 27.19 33.95
C GLY B 393 -41.86 26.23 33.56
N GLN B 394 -43.06 26.74 33.26
CA GLN B 394 -44.20 25.86 32.97
C GLN B 394 -44.74 26.02 31.56
N ASP B 395 -44.78 27.25 31.02
CA ASP B 395 -45.31 27.45 29.69
C ASP B 395 -44.31 27.11 28.59
N SER B 396 -43.07 26.79 28.94
CA SER B 396 -42.07 26.38 27.96
C SER B 396 -41.05 25.49 28.64
N ALA B 397 -40.34 24.71 27.83
CA ALA B 397 -39.30 23.83 28.36
C ALA B 397 -38.10 24.66 28.82
N TYR B 398 -37.64 24.41 30.04
CA TYR B 398 -36.53 25.16 30.61
C TYR B 398 -35.50 24.19 31.18
N GLU B 399 -34.25 24.34 30.74
CA GLU B 399 -33.14 23.59 31.31
C GLU B 399 -31.90 24.46 31.17
N GLN B 400 -31.24 24.76 32.30
CA GLN B 400 -30.16 25.73 32.29
C GLN B 400 -28.96 25.20 31.50
N GLU B 401 -28.22 26.15 30.93
CA GLU B 401 -27.03 25.80 30.14
C GLU B 401 -25.98 25.11 31.00
N GLY B 402 -25.25 24.18 30.39
CA GLY B 402 -24.22 23.47 31.12
C GLY B 402 -23.10 24.37 31.61
N LYS B 403 -22.77 25.41 30.86
CA LYS B 403 -21.68 26.31 31.21
C LYS B 403 -22.10 27.42 32.16
N VAL B 404 -23.33 27.38 32.67
CA VAL B 404 -23.78 28.41 33.61
C VAL B 404 -22.93 28.38 34.88
N GLN B 405 -22.60 27.18 35.35
CA GLN B 405 -21.76 27.05 36.55
C GLN B 405 -20.40 27.68 36.35
N PHE B 406 -19.80 27.49 35.17
CA PHE B 406 -18.49 28.06 34.89
C PHE B 406 -18.54 29.58 34.82
N VAL B 407 -19.69 30.15 34.43
CA VAL B 407 -19.84 31.60 34.46
C VAL B 407 -19.85 32.11 35.90
N ILE B 408 -20.48 31.36 36.80
CA ILE B 408 -20.48 31.74 38.22
C ILE B 408 -19.06 31.69 38.77
N ASP B 409 -18.32 30.63 38.44
CA ASP B 409 -16.95 30.50 38.94
C ASP B 409 -16.05 31.61 38.42
N ALA B 410 -16.20 31.98 37.16
CA ALA B 410 -15.37 33.05 36.60
C ALA B 410 -15.65 34.38 37.29
N VAL B 411 -16.92 34.68 37.56
CA VAL B 411 -17.26 35.92 38.26
C VAL B 411 -16.75 35.89 39.69
N TYR B 412 -16.93 34.75 40.38
CA TYR B 412 -16.48 34.66 41.76
C TYR B 412 -14.96 34.66 41.87
N ALA B 413 -14.26 34.08 40.90
CA ALA B 413 -12.80 34.08 40.92
C ALA B 413 -12.24 35.50 40.86
N MET B 414 -12.80 36.34 39.99
CA MET B 414 -12.37 37.73 39.92
C MET B 414 -12.78 38.49 41.17
N GLY B 415 -13.97 38.21 41.70
CA GLY B 415 -14.40 38.87 42.92
C GLY B 415 -13.57 38.45 44.12
N HIS B 416 -13.20 37.16 44.20
CA HIS B 416 -12.37 36.69 45.30
C HIS B 416 -10.98 37.33 45.25
N ALA B 417 -10.42 37.47 44.05
CA ALA B 417 -9.11 38.11 43.91
C ALA B 417 -9.15 39.57 44.33
N LEU B 418 -10.24 40.27 43.97
CA LEU B 418 -10.39 41.66 44.40
C LEU B 418 -10.48 41.76 45.91
N HIS B 419 -11.22 40.84 46.54
CA HIS B 419 -11.27 40.82 48.00
C HIS B 419 -9.91 40.47 48.60
N ALA B 420 -9.19 39.55 47.98
CA ALA B 420 -7.84 39.21 48.45
C ALA B 420 -6.88 40.38 48.28
N MET B 421 -7.05 41.15 47.20
CA MET B 421 -6.20 42.32 47.01
C MET B 421 -6.63 43.48 47.91
N HIS B 422 -7.91 43.54 48.27
CA HIS B 422 -8.38 44.65 49.11
C HIS B 422 -7.88 44.53 50.54
N ARG B 423 -7.84 43.32 51.09
CA ARG B 423 -7.41 43.13 52.46
C ARG B 423 -5.93 43.45 52.66
N ASP B 424 -5.13 43.41 51.60
CA ASP B 424 -3.72 43.78 51.70
C ASP B 424 -3.48 45.23 51.32
N LEU B 425 -4.10 45.69 50.23
CA LEU B 425 -3.89 47.06 49.77
C LEU B 425 -4.62 48.08 50.63
N CYS B 426 -5.80 47.73 51.16
CA CYS B 426 -6.60 48.64 51.98
C CYS B 426 -6.98 47.95 53.28
N PRO B 427 -6.02 47.78 54.20
CA PRO B 427 -6.34 47.10 55.46
C PRO B 427 -7.29 47.89 56.34
N GLY B 428 -6.96 49.16 56.60
CA GLY B 428 -7.80 49.97 57.47
C GLY B 428 -9.11 50.39 56.82
N ARG B 429 -9.06 50.73 55.53
CA ARG B 429 -10.26 51.22 54.85
C ARG B 429 -11.27 50.10 54.67
N VAL B 430 -12.54 50.44 54.88
CA VAL B 430 -13.62 49.47 54.68
C VAL B 430 -14.07 49.45 53.22
N GLY B 431 -13.91 50.57 52.51
CA GLY B 431 -14.29 50.65 51.12
C GLY B 431 -13.09 50.59 50.19
N LEU B 432 -12.95 51.59 49.33
CA LEU B 432 -11.82 51.68 48.40
C LEU B 432 -10.84 52.72 48.93
N CYS B 433 -9.65 52.27 49.33
CA CYS B 433 -8.62 53.18 49.81
C CYS B 433 -8.00 53.93 48.63
N PRO B 434 -7.39 55.10 48.90
CA PRO B 434 -6.87 55.92 47.80
C PRO B 434 -5.84 55.21 46.92
N ARG B 435 -5.03 54.31 47.48
CA ARG B 435 -4.02 53.61 46.71
C ARG B 435 -4.55 52.34 46.04
N MET B 436 -5.86 52.27 45.81
CA MET B 436 -6.46 51.15 45.10
C MET B 436 -7.39 51.58 43.98
N ASP B 437 -7.83 52.82 43.93
CA ASP B 437 -8.73 53.27 42.86
C ASP B 437 -8.11 53.07 41.48
N PRO B 438 -6.84 53.41 41.22
CA PRO B 438 -6.25 53.02 39.92
C PRO B 438 -5.73 51.59 39.95
N VAL B 439 -6.65 50.63 39.76
CA VAL B 439 -6.28 49.23 39.75
C VAL B 439 -5.41 48.95 38.53
N ASP B 440 -4.26 48.30 38.76
CA ASP B 440 -3.37 47.90 37.69
C ASP B 440 -3.52 46.41 37.42
N GLY B 441 -3.58 46.06 36.14
CA GLY B 441 -3.79 44.66 35.78
C GLY B 441 -2.68 43.74 36.22
N THR B 442 -1.44 44.26 36.25
CA THR B 442 -0.30 43.43 36.64
C THR B 442 -0.45 42.92 38.07
N GLN B 443 -0.86 43.78 38.99
CA GLN B 443 -1.07 43.36 40.37
C GLN B 443 -2.34 42.54 40.52
N LEU B 444 -3.40 42.89 39.77
CA LEU B 444 -4.63 42.13 39.83
C LEU B 444 -4.44 40.72 39.30
N LEU B 445 -3.61 40.56 38.27
CA LEU B 445 -3.44 39.25 37.63
C LEU B 445 -2.82 38.24 38.59
N LYS B 446 -1.83 38.65 39.38
CA LYS B 446 -1.19 37.71 40.29
C LYS B 446 -2.14 37.27 41.39
N TYR B 447 -3.15 38.08 41.72
CA TYR B 447 -4.19 37.66 42.65
C TYR B 447 -5.24 36.78 41.98
N ILE B 448 -5.42 36.91 40.67
CA ILE B 448 -6.32 36.01 39.94
C ILE B 448 -5.81 34.58 40.01
N ARG B 449 -4.51 34.39 39.84
CA ARG B 449 -3.92 33.06 39.80
C ARG B 449 -3.77 32.44 41.18
N ASN B 450 -4.06 33.17 42.26
CA ASN B 450 -3.84 32.66 43.59
C ASN B 450 -5.13 32.62 44.41
N VAL B 451 -6.20 32.13 43.81
CA VAL B 451 -7.48 31.95 44.50
C VAL B 451 -7.74 30.45 44.63
N ASN B 452 -8.11 30.03 45.83
CA ASN B 452 -8.36 28.62 46.13
C ASN B 452 -9.66 28.47 46.91
N PHE B 453 -10.70 29.13 46.44
CA PHE B 453 -12.00 29.08 47.09
C PHE B 453 -12.83 27.94 46.50
N SER B 454 -14.00 27.71 47.08
CA SER B 454 -14.95 26.70 46.61
C SER B 454 -16.19 27.41 46.08
N GLY B 455 -16.55 27.11 44.84
CA GLY B 455 -17.70 27.73 44.21
C GLY B 455 -18.99 27.01 44.56
N ILE B 456 -20.05 27.38 43.85
CA ILE B 456 -21.33 26.73 44.04
C ILE B 456 -21.21 25.26 43.64
N ALA B 457 -21.98 24.41 44.32
CA ALA B 457 -21.98 22.95 44.18
C ALA B 457 -20.70 22.32 44.71
N GLY B 458 -19.83 23.08 45.37
CA GLY B 458 -18.69 22.54 46.07
C GLY B 458 -17.49 22.21 45.21
N ASN B 459 -17.51 22.51 43.92
CA ASN B 459 -16.38 22.18 43.06
C ASN B 459 -15.22 23.10 43.39
N PRO B 460 -14.00 22.58 43.58
CA PRO B 460 -12.84 23.44 43.83
C PRO B 460 -12.31 24.02 42.53
N VAL B 461 -12.09 25.33 42.53
CA VAL B 461 -11.61 26.05 41.36
C VAL B 461 -10.24 26.63 41.69
N THR B 462 -9.26 26.39 40.83
CA THR B 462 -7.90 26.88 41.02
C THR B 462 -7.29 27.14 39.65
N PHE B 463 -6.37 28.10 39.61
CA PHE B 463 -5.68 28.47 38.38
C PHE B 463 -4.21 28.08 38.47
N ASN B 464 -3.70 27.49 37.40
CA ASN B 464 -2.30 27.07 37.35
C ASN B 464 -1.43 28.27 36.99
N GLU B 465 -0.15 28.00 36.68
CA GLU B 465 0.76 29.07 36.30
C GLU B 465 0.33 29.73 34.99
N ASN B 466 -0.17 28.94 34.06
CA ASN B 466 -0.67 29.45 32.78
C ASN B 466 -2.10 29.97 32.87
N GLY B 467 -2.74 29.87 34.02
CA GLY B 467 -4.12 30.30 34.15
C GLY B 467 -5.13 29.30 33.64
N ASP B 468 -4.83 28.01 33.74
CA ASP B 468 -5.71 26.96 33.27
C ASP B 468 -6.36 26.25 34.45
N ALA B 469 -7.36 25.42 34.14
CA ALA B 469 -8.08 24.67 35.15
C ALA B 469 -7.70 23.19 35.08
N PRO B 470 -7.78 22.47 36.20
CA PRO B 470 -7.47 21.03 36.17
C PRO B 470 -8.40 20.28 35.23
N GLY B 471 -7.83 19.30 34.53
CA GLY B 471 -8.59 18.53 33.57
C GLY B 471 -9.61 17.61 34.20
N ARG B 472 -10.88 17.95 34.08
CA ARG B 472 -11.99 17.15 34.59
C ARG B 472 -13.05 17.03 33.52
N TYR B 473 -13.51 15.81 33.27
CA TYR B 473 -14.48 15.58 32.20
C TYR B 473 -15.41 14.45 32.60
N ASP B 474 -16.59 14.45 31.97
CA ASP B 474 -17.54 13.36 32.09
C ASP B 474 -18.23 13.16 30.74
N ILE B 475 -18.81 11.98 30.55
CA ILE B 475 -19.31 11.54 29.26
C ILE B 475 -20.81 11.34 29.34
N TYR B 476 -21.54 11.88 28.37
CA TYR B 476 -22.97 11.69 28.24
C TYR B 476 -23.27 10.85 27.00
N GLN B 477 -24.52 10.40 26.90
CA GLN B 477 -25.02 9.72 25.72
C GLN B 477 -26.47 10.09 25.51
N TYR B 478 -26.84 10.38 24.26
CA TYR B 478 -28.20 10.77 23.91
C TYR B 478 -29.01 9.51 23.65
N GLN B 479 -30.01 9.27 24.50
CA GLN B 479 -30.84 8.07 24.41
C GLN B 479 -32.31 8.47 24.34
N LEU B 480 -33.10 7.60 23.72
CA LEU B 480 -34.54 7.79 23.59
C LEU B 480 -35.27 6.71 24.36
N ARG B 481 -36.28 7.11 25.12
CA ARG B 481 -37.06 6.17 25.92
C ARG B 481 -38.51 6.63 26.04
N ALA B 485 -35.67 11.07 25.60
CA ALA B 485 -34.92 12.11 24.88
C ALA B 485 -34.13 12.99 25.84
N GLU B 486 -33.06 12.44 26.40
CA GLU B 486 -32.23 13.18 27.34
C GLU B 486 -30.84 12.56 27.36
N TYR B 487 -29.88 13.35 27.84
CA TYR B 487 -28.50 12.90 27.96
C TYR B 487 -28.32 12.16 29.28
N LYS B 488 -27.68 11.00 29.22
CA LYS B 488 -27.43 10.17 30.38
C LYS B 488 -25.93 9.99 30.58
N VAL B 489 -25.48 10.06 31.83
CA VAL B 489 -24.07 9.92 32.13
C VAL B 489 -23.65 8.47 31.99
N ILE B 490 -22.61 8.23 31.19
CA ILE B 490 -22.12 6.89 30.93
C ILE B 490 -20.68 6.68 31.38
N GLY B 491 -20.04 7.71 31.92
CA GLY B 491 -18.66 7.57 32.35
C GLY B 491 -18.11 8.91 32.80
N SER B 492 -16.80 8.91 33.06
CA SER B 492 -16.11 10.11 33.50
C SER B 492 -14.64 10.00 33.14
N TRP B 493 -13.97 11.15 33.11
CA TRP B 493 -12.54 11.23 32.81
C TRP B 493 -11.88 12.10 33.87
N THR B 494 -10.98 11.50 34.65
CA THR B 494 -10.25 12.18 35.71
C THR B 494 -8.77 11.82 35.62
N ASP B 495 -8.23 11.92 34.40
CA ASP B 495 -6.92 11.52 33.89
C ASP B 495 -6.91 10.04 33.51
N HIS B 496 -8.00 9.32 33.73
CA HIS B 496 -8.14 7.94 33.29
C HIS B 496 -9.62 7.66 33.06
N LEU B 497 -9.91 6.84 32.07
CA LEU B 497 -11.28 6.60 31.65
C LEU B 497 -12.00 5.67 32.63
N HIS B 498 -13.26 6.00 32.90
CA HIS B 498 -14.14 5.21 33.77
C HIS B 498 -15.47 4.95 33.07
N LEU B 499 -15.38 4.53 31.81
CA LEU B 499 -16.57 4.32 31.00
C LEU B 499 -17.40 3.15 31.53
N ARG B 500 -18.71 3.27 31.38
CA ARG B 500 -19.67 2.24 31.78
C ARG B 500 -20.43 1.80 30.54
N ILE B 501 -19.90 0.80 29.84
CA ILE B 501 -20.49 0.36 28.58
C ILE B 501 -21.87 -0.28 28.81
N GLU B 502 -22.08 -0.89 29.98
CA GLU B 502 -23.33 -1.60 30.23
C GLU B 502 -24.54 -0.67 30.16
N ARG B 503 -24.35 0.62 30.45
CA ARG B 503 -25.43 1.60 30.34
C ARG B 503 -25.51 2.24 28.97
N MET B 504 -24.51 2.06 28.12
CA MET B 504 -24.53 2.66 26.79
C MET B 504 -25.47 1.88 25.87
N HIS B 505 -26.32 2.60 25.14
CA HIS B 505 -27.31 1.98 24.28
C HIS B 505 -27.41 2.78 22.98
N TRP B 506 -27.32 2.08 21.85
CA TRP B 506 -27.48 2.70 20.55
C TRP B 506 -28.83 2.32 19.93
N GLN B 511 -28.69 -2.44 16.52
CA GLN B 511 -27.24 -2.59 16.53
C GLN B 511 -26.72 -2.77 17.95
N GLN B 512 -26.13 -3.94 18.21
CA GLN B 512 -25.56 -4.26 19.51
C GLN B 512 -24.05 -4.12 19.44
N LEU B 513 -23.51 -3.21 20.26
CA LEU B 513 -22.08 -2.89 20.29
C LEU B 513 -21.59 -2.57 18.89
N PRO B 514 -21.95 -1.40 18.34
CA PRO B 514 -21.52 -1.05 16.98
C PRO B 514 -20.00 -0.99 16.87
N ARG B 515 -19.50 -1.39 15.72
CA ARG B 515 -18.07 -1.39 15.45
C ARG B 515 -17.79 -0.65 14.14
N SER B 516 -16.72 0.15 14.15
CA SER B 516 -16.27 0.90 12.97
C SER B 516 -14.79 0.61 12.79
N ILE B 517 -14.47 -0.48 12.09
CA ILE B 517 -13.09 -0.93 11.92
C ILE B 517 -12.83 -1.17 10.44
N CYS B 518 -11.58 -0.98 10.04
CA CYS B 518 -11.16 -1.21 8.67
C CYS B 518 -10.57 -2.61 8.50
N SER B 519 -10.96 -3.28 7.42
CA SER B 519 -10.40 -4.58 7.04
C SER B 519 -10.58 -5.60 8.17
N LEU B 520 -11.86 -5.92 8.40
CA LEU B 520 -12.30 -6.85 9.45
C LEU B 520 -11.39 -8.07 9.53
N PRO B 521 -11.06 -8.53 10.73
CA PRO B 521 -10.02 -9.56 10.87
C PRO B 521 -10.42 -10.88 10.22
N CYS B 522 -9.43 -11.55 9.66
CA CYS B 522 -9.57 -12.88 9.09
C CYS B 522 -8.50 -13.77 9.68
N GLN B 523 -8.90 -14.95 10.17
CA GLN B 523 -7.90 -15.88 10.69
C GLN B 523 -8.31 -17.33 10.52
N PRO B 524 -8.46 -17.83 9.29
CA PRO B 524 -8.59 -19.28 9.09
C PRO B 524 -7.27 -20.02 9.18
N GLY B 525 -6.17 -19.32 9.46
CA GLY B 525 -4.84 -19.87 9.41
C GLY B 525 -4.15 -19.64 8.07
N GLU B 526 -4.88 -19.88 6.98
CA GLU B 526 -4.32 -19.64 5.66
C GLU B 526 -4.19 -18.16 5.35
N ARG B 527 -5.11 -17.33 5.85
CA ARG B 527 -5.13 -15.92 5.53
C ARG B 527 -4.03 -15.18 6.27
N LYS B 528 -3.10 -14.59 5.50
CA LYS B 528 -2.05 -13.77 6.08
C LYS B 528 -2.59 -12.36 6.36
N LYS B 529 -1.83 -11.60 7.15
CA LYS B 529 -2.18 -10.23 7.50
C LYS B 529 -1.23 -9.29 6.76
N THR B 530 -1.76 -8.55 5.79
CA THR B 530 -0.99 -7.59 5.03
C THR B 530 -1.33 -6.18 5.48
N VAL B 531 -0.29 -5.36 5.69
CA VAL B 531 -0.45 -4.02 6.20
C VAL B 531 -0.45 -3.05 5.02
N LYS B 532 -1.51 -2.26 4.91
CA LYS B 532 -1.63 -1.25 3.87
C LYS B 532 -0.93 0.03 4.34
N GLY B 533 -1.16 1.13 3.62
CA GLY B 533 -0.60 2.41 4.05
C GLY B 533 -1.10 2.83 5.42
N MET B 534 -2.38 2.66 5.68
CA MET B 534 -2.92 2.90 7.00
C MET B 534 -2.74 1.66 7.87
N PRO B 535 -2.14 1.78 9.05
CA PRO B 535 -1.96 0.60 9.92
C PRO B 535 -3.27 -0.01 10.38
N CYS B 536 -4.39 0.71 10.29
CA CYS B 536 -5.67 0.16 10.70
C CYS B 536 -6.16 -0.94 9.78
N CYS B 537 -5.92 -0.78 8.47
CA CYS B 537 -6.50 -1.67 7.46
C CYS B 537 -5.52 -2.82 7.23
N TRP B 538 -5.84 -3.99 7.77
CA TRP B 538 -5.03 -5.19 7.62
C TRP B 538 -5.57 -5.98 6.45
N HIS B 539 -4.91 -5.88 5.30
CA HIS B 539 -5.35 -6.60 4.11
C HIS B 539 -5.25 -8.10 4.32
N CYS B 540 -6.18 -8.83 3.73
CA CYS B 540 -6.33 -10.26 3.96
C CYS B 540 -5.91 -11.02 2.71
N GLU B 541 -4.96 -11.93 2.87
CA GLU B 541 -4.47 -12.73 1.74
C GLU B 541 -4.18 -14.16 2.18
N PRO B 542 -4.78 -15.15 1.54
CA PRO B 542 -4.54 -16.54 1.92
C PRO B 542 -3.14 -17.01 1.52
N CYS B 543 -2.66 -18.03 2.23
CA CYS B 543 -1.43 -18.71 1.89
C CYS B 543 -1.77 -20.05 1.22
N THR B 544 -1.02 -20.37 0.17
CA THR B 544 -1.30 -21.56 -0.62
C THR B 544 -1.02 -22.83 0.19
N GLY B 545 -1.40 -23.97 -0.39
CA GLY B 545 -1.24 -25.25 0.26
C GLY B 545 0.16 -25.81 0.15
N TYR B 546 1.16 -24.96 0.38
CA TYR B 546 2.56 -25.37 0.34
C TYR B 546 3.36 -24.85 1.52
N GLN B 547 2.84 -23.87 2.27
CA GLN B 547 3.58 -23.24 3.35
C GLN B 547 2.67 -23.10 4.56
N TYR B 548 3.29 -23.00 5.74
CA TYR B 548 2.58 -22.95 7.00
C TYR B 548 2.61 -21.55 7.60
N GLN B 549 1.56 -21.22 8.34
CA GLN B 549 1.44 -19.91 8.98
C GLN B 549 2.15 -19.96 10.33
N VAL B 550 3.42 -19.58 10.35
CA VAL B 550 4.14 -19.47 11.62
C VAL B 550 3.53 -18.36 12.48
N ASP B 551 3.17 -17.24 11.86
CA ASP B 551 2.53 -16.13 12.54
C ASP B 551 1.58 -15.45 11.58
N ARG B 552 0.72 -14.60 12.15
CA ARG B 552 -0.23 -13.86 11.31
C ARG B 552 0.47 -12.89 10.37
N TYR B 553 1.67 -12.42 10.75
CA TYR B 553 2.38 -11.47 9.91
C TYR B 553 2.86 -12.12 8.61
N THR B 554 3.41 -13.34 8.70
CA THR B 554 3.95 -14.01 7.53
C THR B 554 3.85 -15.52 7.71
N CYS B 555 3.66 -16.22 6.60
CA CYS B 555 3.58 -17.68 6.58
C CYS B 555 4.78 -18.26 5.84
N LYS B 556 5.33 -19.33 6.38
CA LYS B 556 6.59 -19.90 5.91
C LYS B 556 6.41 -21.35 5.47
N THR B 557 7.35 -21.81 4.66
CA THR B 557 7.23 -23.14 4.05
C THR B 557 7.38 -24.25 5.08
N CYS B 558 6.57 -25.30 4.92
CA CYS B 558 6.71 -26.50 5.72
C CYS B 558 7.96 -27.27 5.28
N PRO B 559 8.48 -28.15 6.14
CA PRO B 559 9.54 -29.05 5.70
C PRO B 559 9.06 -29.95 4.55
N TYR B 560 10.00 -30.31 3.68
CA TYR B 560 9.65 -31.08 2.50
C TYR B 560 9.06 -32.44 2.84
N ASP B 561 9.39 -32.97 4.02
CA ASP B 561 8.82 -34.26 4.47
C ASP B 561 7.59 -33.98 5.34
N MET B 562 7.17 -32.72 5.42
CA MET B 562 6.00 -32.34 6.26
C MET B 562 4.89 -31.78 5.36
N ARG B 563 3.65 -32.24 5.57
CA ARG B 563 2.51 -31.71 4.78
C ARG B 563 1.71 -30.76 5.68
N PRO B 564 1.39 -29.52 5.21
CA PRO B 564 0.69 -28.55 6.04
C PRO B 564 -0.57 -29.14 6.70
N THR B 565 -0.84 -28.79 7.96
CA THR B 565 -2.03 -29.26 8.64
C THR B 565 -3.27 -28.85 7.85
N GLU B 566 -4.43 -29.39 8.25
CA GLU B 566 -5.70 -29.02 7.62
C GLU B 566 -5.88 -27.50 7.62
N ASN B 567 -5.59 -26.85 8.75
CA ASN B 567 -5.42 -25.41 8.79
C ASN B 567 -3.96 -25.09 8.51
N ARG B 568 -3.72 -24.01 7.76
CA ARG B 568 -2.36 -23.70 7.32
C ARG B 568 -1.41 -23.45 8.49
N THR B 569 -1.92 -23.08 9.66
CA THR B 569 -1.06 -22.85 10.80
C THR B 569 -0.38 -24.15 11.24
N GLY B 570 0.93 -24.21 11.04
CA GLY B 570 1.70 -25.38 11.41
C GLY B 570 1.70 -26.46 10.35
N CYS B 571 2.52 -27.50 10.57
CA CYS B 571 2.64 -28.58 9.54
C CYS B 571 2.12 -29.90 10.11
N ARG B 572 2.15 -30.96 9.29
CA ARG B 572 1.67 -32.30 9.73
C ARG B 572 2.46 -33.39 8.98
N PRO B 573 2.63 -34.62 9.53
CA PRO B 573 3.45 -35.65 8.88
C PRO B 573 2.92 -36.10 7.51
N ILE B 574 3.80 -36.23 6.52
CA ILE B 574 3.38 -36.74 5.18
C ILE B 574 3.17 -38.26 5.27
N PRO B 575 2.14 -38.82 4.61
CA PRO B 575 1.88 -40.26 4.64
C PRO B 575 2.92 -41.06 3.82
N ILE B 576 2.65 -42.35 3.58
CA ILE B 576 3.58 -43.20 2.78
C ILE B 576 2.77 -44.26 2.04
N ILE B 577 3.36 -44.89 1.02
CA ILE B 577 2.64 -45.94 0.24
C ILE B 577 3.54 -47.18 0.15
N LYS B 578 3.36 -48.14 1.08
CA LYS B 578 4.22 -49.35 1.11
C LYS B 578 3.71 -50.38 0.08
N LEU B 579 4.53 -51.39 -0.21
CA LEU B 579 4.13 -52.46 -1.18
C LEU B 579 3.61 -53.67 -0.40
N GLU B 580 2.32 -53.99 -0.55
CA GLU B 580 1.73 -55.09 0.18
C GLU B 580 0.75 -55.82 -0.74
N TRP B 581 0.46 -57.07 -0.40
CA TRP B 581 -0.47 -57.87 -1.18
C TRP B 581 -1.87 -57.26 -1.15
N GLY B 582 -2.64 -57.57 -2.18
CA GLY B 582 -3.95 -57.00 -2.36
C GLY B 582 -4.02 -55.91 -3.42
N SER B 583 -2.88 -55.43 -3.90
CA SER B 583 -2.86 -54.44 -4.96
C SER B 583 -3.30 -55.08 -6.28
N PRO B 584 -3.85 -54.27 -7.20
CA PRO B 584 -4.27 -54.83 -8.49
C PRO B 584 -3.15 -55.49 -9.28
N TRP B 585 -1.91 -55.00 -9.14
CA TRP B 585 -0.77 -55.56 -9.86
C TRP B 585 0.01 -56.57 -9.04
N ALA B 586 0.12 -56.35 -7.72
CA ALA B 586 0.91 -57.24 -6.88
C ALA B 586 0.27 -58.61 -6.69
N VAL B 587 -1.02 -58.76 -7.01
CA VAL B 587 -1.70 -60.03 -6.82
C VAL B 587 -1.11 -61.10 -7.74
N LEU B 588 -0.85 -60.75 -9.00
CA LEU B 588 -0.37 -61.74 -9.96
C LEU B 588 0.98 -62.36 -9.58
N PRO B 589 2.01 -61.60 -9.20
CA PRO B 589 3.28 -62.25 -8.83
C PRO B 589 3.13 -63.24 -7.67
N LEU B 590 2.26 -62.94 -6.70
CA LEU B 590 2.03 -63.88 -5.61
C LEU B 590 1.40 -65.17 -6.11
N PHE B 591 0.43 -65.05 -7.03
CA PHE B 591 -0.21 -66.25 -7.58
C PHE B 591 0.76 -67.08 -8.41
N LEU B 592 1.57 -66.41 -9.24
CA LEU B 592 2.54 -67.13 -10.06
C LEU B 592 3.65 -67.73 -9.21
N ALA B 593 4.04 -67.04 -8.13
CA ALA B 593 5.06 -67.60 -7.24
C ALA B 593 4.57 -68.89 -6.59
N VAL B 594 3.31 -68.92 -6.16
CA VAL B 594 2.76 -70.14 -5.58
C VAL B 594 2.72 -71.26 -6.62
N VAL B 595 2.29 -70.94 -7.83
CA VAL B 595 2.27 -71.95 -8.90
C VAL B 595 3.69 -72.37 -9.25
N GLY B 596 4.61 -71.41 -9.36
CA GLY B 596 5.98 -71.74 -9.70
C GLY B 596 6.66 -72.56 -8.62
N ILE B 597 6.46 -72.19 -7.35
CA ILE B 597 7.06 -72.95 -6.25
C ILE B 597 6.48 -74.36 -6.19
N ALA B 598 5.17 -74.48 -6.36
CA ALA B 598 4.54 -75.80 -6.34
C ALA B 598 5.02 -76.66 -7.51
N ALA B 599 5.14 -76.06 -8.69
CA ALA B 599 5.58 -76.81 -9.87
C ALA B 599 7.01 -77.30 -9.71
N THR B 600 7.90 -76.43 -9.20
CA THR B 600 9.30 -76.83 -9.02
C THR B 600 9.49 -77.76 -7.82
N LEU B 601 8.58 -77.73 -6.85
CA LEU B 601 8.68 -78.64 -5.72
C LEU B 601 8.24 -80.05 -6.09
N PHE B 602 7.23 -80.17 -6.94
CA PHE B 602 6.74 -81.49 -7.35
C PHE B 602 7.78 -82.23 -8.19
N VAL B 603 8.44 -81.52 -9.11
CA VAL B 603 9.39 -82.18 -10.02
C VAL B 603 10.63 -82.63 -9.26
N VAL B 604 11.12 -81.80 -8.33
CA VAL B 604 12.31 -82.19 -7.57
C VAL B 604 12.00 -83.35 -6.63
N ILE B 605 10.79 -83.38 -6.07
CA ILE B 605 10.38 -84.51 -5.26
C ILE B 605 10.20 -85.76 -6.11
N THR B 606 9.69 -85.58 -7.34
CA THR B 606 9.49 -86.72 -8.23
C THR B 606 10.82 -87.38 -8.59
N PHE B 607 11.84 -86.58 -8.86
CA PHE B 607 13.16 -87.13 -9.17
C PHE B 607 13.75 -87.86 -7.97
N VAL B 608 13.58 -87.31 -6.77
CA VAL B 608 14.08 -87.94 -5.57
C VAL B 608 13.32 -89.23 -5.27
N ARG B 609 12.00 -89.22 -5.54
CA ARG B 609 11.17 -90.39 -5.25
C ARG B 609 11.67 -91.61 -6.01
N TYR B 610 11.63 -91.56 -7.35
CA TYR B 610 12.17 -92.62 -8.19
C TYR B 610 13.20 -91.99 -9.12
N ASN B 611 14.47 -92.39 -8.97
CA ASN B 611 15.56 -91.83 -9.75
C ASN B 611 15.98 -92.85 -10.79
N ASP B 612 15.31 -92.81 -11.94
CA ASP B 612 15.65 -93.71 -13.04
C ASP B 612 17.01 -93.35 -13.62
N THR B 613 17.77 -94.39 -13.99
CA THR B 613 19.11 -94.15 -14.52
C THR B 613 19.14 -93.49 -15.90
N PRO B 614 18.18 -93.71 -16.82
CA PRO B 614 18.31 -93.01 -18.11
C PRO B 614 18.02 -91.52 -18.01
N ILE B 615 17.04 -91.13 -17.19
CA ILE B 615 16.70 -89.72 -17.06
C ILE B 615 17.79 -88.96 -16.33
N VAL B 616 18.36 -89.57 -15.27
CA VAL B 616 19.37 -88.88 -14.49
C VAL B 616 20.67 -88.71 -15.28
N LYS B 617 20.91 -89.60 -16.25
CA LYS B 617 22.12 -89.49 -17.06
C LYS B 617 22.13 -88.21 -17.88
N ALA B 618 21.00 -87.86 -18.49
CA ALA B 618 20.89 -86.61 -19.23
C ALA B 618 20.88 -85.41 -18.29
N SER B 619 20.22 -85.53 -17.14
CA SER B 619 20.17 -84.43 -16.19
C SER B 619 21.56 -84.11 -15.62
N GLY B 620 22.32 -85.15 -15.28
CA GLY B 620 23.64 -85.00 -14.70
C GLY B 620 23.68 -85.21 -13.20
N ARG B 621 22.52 -85.24 -12.54
CA ARG B 621 22.39 -85.48 -11.10
C ARG B 621 22.98 -84.34 -10.27
N GLU B 622 23.64 -83.40 -10.91
CA GLU B 622 24.16 -82.22 -10.22
C GLU B 622 23.72 -80.92 -10.87
N LEU B 623 23.65 -80.87 -12.20
CA LEU B 623 23.25 -79.65 -12.87
C LEU B 623 21.74 -79.42 -12.79
N SER B 624 20.96 -80.50 -12.90
CA SER B 624 19.51 -80.36 -12.84
C SER B 624 19.05 -79.90 -11.47
N TYR B 625 19.67 -80.40 -10.40
CA TYR B 625 19.24 -80.06 -9.05
C TYR B 625 19.43 -78.57 -8.76
N VAL B 626 20.59 -78.03 -9.14
CA VAL B 626 20.84 -76.62 -8.88
C VAL B 626 19.98 -75.73 -9.77
N LEU B 627 19.67 -76.19 -10.98
CA LEU B 627 18.73 -75.44 -11.83
C LEU B 627 17.35 -75.36 -11.19
N LEU B 628 16.87 -76.48 -10.63
CA LEU B 628 15.60 -76.46 -9.92
C LEU B 628 15.69 -75.58 -8.68
N ALA B 629 16.78 -75.70 -7.92
CA ALA B 629 16.98 -74.83 -6.77
C ALA B 629 17.14 -73.37 -7.18
N GLY B 630 17.91 -73.13 -8.25
CA GLY B 630 18.09 -71.77 -8.73
C GLY B 630 16.79 -71.15 -9.22
N ILE B 631 15.99 -71.93 -9.95
CA ILE B 631 14.69 -71.44 -10.38
C ILE B 631 13.77 -71.23 -9.19
N PHE B 632 13.82 -72.13 -8.20
CA PHE B 632 13.01 -71.96 -6.99
C PHE B 632 13.42 -70.73 -6.21
N LEU B 633 14.71 -70.35 -6.28
CA LEU B 633 15.15 -69.15 -5.60
C LEU B 633 14.53 -67.90 -6.22
N CYS B 634 14.32 -67.90 -7.53
CA CYS B 634 13.62 -66.79 -8.17
C CYS B 634 12.19 -66.68 -7.67
N TYR B 635 11.52 -67.83 -7.49
CA TYR B 635 10.19 -67.81 -6.89
C TYR B 635 10.24 -67.33 -5.45
N ALA B 636 11.32 -67.63 -4.73
CA ALA B 636 11.49 -67.07 -3.40
C ALA B 636 11.88 -65.60 -3.45
N THR B 637 12.53 -65.17 -4.54
CA THR B 637 12.94 -63.78 -4.66
C THR B 637 11.75 -62.84 -4.72
N THR B 638 10.74 -63.17 -5.53
CA THR B 638 9.57 -62.33 -5.63
C THR B 638 8.78 -62.28 -4.33
N PHE B 639 8.93 -63.31 -3.49
CA PHE B 639 8.29 -63.29 -2.17
C PHE B 639 8.82 -62.15 -1.31
N LEU B 640 10.14 -61.94 -1.33
CA LEU B 640 10.74 -60.86 -0.55
C LEU B 640 10.71 -59.53 -1.27
N MET B 641 10.44 -59.51 -2.58
CA MET B 641 10.27 -58.24 -3.28
C MET B 641 9.05 -57.50 -2.78
N ILE B 642 7.95 -58.21 -2.54
CA ILE B 642 6.71 -57.62 -2.06
C ILE B 642 6.57 -57.70 -0.55
N ALA B 643 7.57 -58.26 0.14
CA ALA B 643 7.51 -58.40 1.58
C ALA B 643 7.65 -57.04 2.26
N GLU B 644 7.67 -57.05 3.59
CA GLU B 644 7.76 -55.82 4.36
C GLU B 644 9.09 -55.12 4.07
N PRO B 645 9.08 -53.84 3.71
CA PRO B 645 10.34 -53.14 3.42
C PRO B 645 11.13 -52.89 4.69
N ASP B 646 12.30 -53.52 4.79
CA ASP B 646 13.20 -53.36 5.91
C ASP B 646 14.62 -53.15 5.41
N LEU B 647 15.44 -52.49 6.23
CA LEU B 647 16.80 -52.19 5.83
C LEU B 647 17.59 -53.45 5.53
N GLY B 648 17.46 -54.47 6.38
CA GLY B 648 18.13 -55.73 6.12
C GLY B 648 17.60 -56.45 4.89
N THR B 649 16.27 -56.48 4.73
CA THR B 649 15.69 -57.21 3.62
C THR B 649 15.87 -56.47 2.30
N CYS B 650 15.70 -55.15 2.32
CA CYS B 650 15.85 -54.37 1.09
C CYS B 650 17.28 -54.42 0.57
N SER B 651 18.26 -54.45 1.49
CA SER B 651 19.65 -54.62 1.07
C SER B 651 19.89 -56.01 0.49
N LEU B 652 19.17 -57.01 0.98
CA LEU B 652 19.33 -58.38 0.51
C LEU B 652 18.54 -58.67 -0.76
N ARG B 653 17.80 -57.70 -1.28
CA ARG B 653 17.04 -57.93 -2.51
C ARG B 653 17.96 -58.22 -3.68
N ARG B 654 19.09 -57.50 -3.78
CA ARG B 654 20.02 -57.75 -4.87
C ARG B 654 20.66 -59.13 -4.76
N ILE B 655 20.85 -59.64 -3.55
CA ILE B 655 21.42 -60.96 -3.37
C ILE B 655 20.48 -62.03 -3.91
N PHE B 656 19.18 -61.89 -3.64
CA PHE B 656 18.22 -62.90 -4.07
C PHE B 656 18.11 -62.96 -5.59
N LEU B 657 17.95 -61.79 -6.24
CA LEU B 657 17.84 -61.77 -7.69
C LEU B 657 19.18 -62.08 -8.35
N GLY B 658 20.28 -61.62 -7.77
CA GLY B 658 21.58 -61.89 -8.36
C GLY B 658 21.95 -63.36 -8.33
N LEU B 659 21.71 -64.02 -7.20
CA LEU B 659 22.05 -65.44 -7.09
C LEU B 659 21.15 -66.29 -7.96
N GLY B 660 19.85 -65.99 -7.98
CA GLY B 660 18.92 -66.79 -8.77
C GLY B 660 19.16 -66.68 -10.26
N MET B 661 19.38 -65.46 -10.75
CA MET B 661 19.62 -65.26 -12.18
C MET B 661 20.94 -65.88 -12.60
N SER B 662 21.99 -65.71 -11.79
CA SER B 662 23.30 -66.26 -12.13
C SER B 662 23.28 -67.78 -12.15
N ILE B 663 22.63 -68.40 -11.15
CA ILE B 663 22.61 -69.86 -11.07
C ILE B 663 21.90 -70.46 -12.27
N SER B 664 20.76 -69.90 -12.64
CA SER B 664 20.02 -70.42 -13.80
C SER B 664 20.80 -70.22 -15.09
N TYR B 665 21.42 -69.05 -15.26
CA TYR B 665 22.12 -68.76 -16.51
C TYR B 665 23.42 -69.53 -16.62
N ALA B 666 24.20 -69.60 -15.54
CA ALA B 666 25.51 -70.24 -15.60
C ALA B 666 25.41 -71.74 -15.88
N ALA B 667 24.51 -72.43 -15.17
CA ALA B 667 24.38 -73.87 -15.36
C ALA B 667 23.81 -74.20 -16.73
N LEU B 668 22.88 -73.38 -17.22
CA LEU B 668 22.34 -73.58 -18.56
C LEU B 668 23.43 -73.39 -19.62
N LEU B 669 24.30 -72.41 -19.43
CA LEU B 669 25.40 -72.19 -20.38
C LEU B 669 26.34 -73.39 -20.40
N THR B 670 26.64 -73.95 -19.24
CA THR B 670 27.52 -75.13 -19.18
C THR B 670 26.89 -76.32 -19.88
N LYS B 671 25.58 -76.52 -19.70
CA LYS B 671 24.90 -77.63 -20.36
C LYS B 671 24.93 -77.46 -21.88
N THR B 672 24.69 -76.24 -22.37
CA THR B 672 24.76 -76.01 -23.81
C THR B 672 26.18 -76.20 -24.34
N ASN B 673 27.18 -75.73 -23.59
CA ASN B 673 28.56 -75.88 -24.03
C ASN B 673 28.98 -77.34 -24.10
N ARG B 674 28.58 -78.13 -23.10
CA ARG B 674 28.92 -79.56 -23.10
C ARG B 674 28.27 -80.28 -24.27
N ILE B 675 26.99 -79.97 -24.54
CA ILE B 675 26.30 -80.59 -25.67
C ILE B 675 26.93 -80.15 -26.99
N TYR B 676 27.28 -78.86 -27.10
CA TYR B 676 27.93 -78.38 -28.31
C TYR B 676 29.30 -79.00 -28.49
N ARG B 677 30.05 -79.17 -27.40
CA ARG B 677 31.40 -79.72 -27.49
C ARG B 677 31.40 -81.15 -27.99
N ILE B 678 30.50 -81.99 -27.47
CA ILE B 678 30.45 -83.38 -27.91
C ILE B 678 29.91 -83.48 -29.32
N PHE B 679 29.02 -82.56 -29.72
CA PHE B 679 28.50 -82.57 -31.08
C PHE B 679 29.60 -82.32 -32.10
N GLU B 680 30.49 -81.38 -31.82
CA GLU B 680 31.58 -81.06 -32.72
C GLU B 680 32.93 -81.53 -32.15
N ILE B 692 35.10 -86.67 -14.41
CA ILE B 692 34.02 -86.88 -15.37
C ILE B 692 33.61 -85.56 -15.99
N SER B 693 32.94 -85.63 -17.15
CA SER B 693 32.48 -84.42 -17.82
C SER B 693 31.49 -83.62 -16.98
N PRO B 694 30.47 -84.21 -16.35
CA PRO B 694 29.60 -83.40 -15.47
C PRO B 694 30.35 -82.79 -14.30
N ALA B 695 31.40 -83.45 -13.81
CA ALA B 695 32.18 -82.89 -12.71
C ALA B 695 32.85 -81.59 -13.13
N SER B 696 33.38 -81.54 -14.35
CA SER B 696 33.97 -80.30 -14.84
C SER B 696 32.90 -79.25 -15.11
N GLN B 697 31.69 -79.66 -15.51
CA GLN B 697 30.62 -78.72 -15.80
C GLN B 697 30.20 -77.95 -14.55
N LEU B 698 30.06 -78.65 -13.42
CA LEU B 698 29.66 -77.98 -12.19
C LEU B 698 30.77 -77.08 -11.66
N ALA B 699 32.03 -77.45 -11.88
CA ALA B 699 33.13 -76.57 -11.49
C ALA B 699 33.10 -75.27 -12.28
N ILE B 700 32.80 -75.35 -13.57
CA ILE B 700 32.66 -74.13 -14.37
C ILE B 700 31.47 -73.32 -13.89
N THR B 701 30.35 -73.99 -13.59
CA THR B 701 29.19 -73.29 -13.06
C THR B 701 29.49 -72.65 -11.71
N PHE B 702 30.23 -73.37 -10.85
CA PHE B 702 30.65 -72.79 -9.57
C PHE B 702 31.57 -71.60 -9.79
N SER B 703 32.49 -71.70 -10.76
CA SER B 703 33.36 -70.58 -11.07
C SER B 703 32.56 -69.39 -11.61
N LEU B 704 31.56 -69.66 -12.46
CA LEU B 704 30.69 -68.60 -12.94
C LEU B 704 29.87 -68.00 -11.81
N ILE B 705 29.47 -68.83 -10.85
CA ILE B 705 28.78 -68.32 -9.66
C ILE B 705 29.74 -67.49 -8.80
N SER B 706 31.00 -67.92 -8.73
CA SER B 706 31.97 -67.21 -7.90
C SER B 706 32.21 -65.78 -8.41
N LEU B 707 32.36 -65.62 -9.72
CA LEU B 707 32.56 -64.28 -10.27
C LEU B 707 31.32 -63.42 -10.09
N GLN B 708 30.13 -64.02 -10.24
CA GLN B 708 28.90 -63.30 -9.94
C GLN B 708 28.83 -62.94 -8.46
N LEU B 709 29.22 -63.87 -7.59
CA LEU B 709 29.27 -63.56 -6.16
C LEU B 709 30.32 -62.50 -5.85
N LEU B 710 31.47 -62.57 -6.51
CA LEU B 710 32.50 -61.56 -6.32
C LEU B 710 32.00 -60.18 -6.75
N GLY B 711 31.32 -60.11 -7.88
CA GLY B 711 30.70 -58.86 -8.28
C GLY B 711 29.60 -58.41 -7.32
N ILE B 712 28.84 -59.38 -6.80
CA ILE B 712 27.80 -59.06 -5.83
C ILE B 712 28.41 -58.46 -4.56
N CYS B 713 29.54 -59.01 -4.12
CA CYS B 713 30.21 -58.47 -2.94
C CYS B 713 30.66 -57.04 -3.17
N VAL B 714 31.11 -56.73 -4.39
CA VAL B 714 31.47 -55.35 -4.72
C VAL B 714 30.24 -54.45 -4.63
N TRP B 715 29.10 -54.90 -5.17
CA TRP B 715 27.87 -54.15 -5.05
C TRP B 715 27.29 -54.19 -3.65
N PHE B 716 27.63 -55.21 -2.86
CA PHE B 716 27.12 -55.31 -1.49
C PHE B 716 27.65 -54.18 -0.62
N VAL B 717 28.93 -53.83 -0.78
CA VAL B 717 29.55 -52.82 0.07
C VAL B 717 29.64 -51.45 -0.58
N VAL B 718 29.31 -51.33 -1.87
CA VAL B 718 29.43 -50.04 -2.54
C VAL B 718 28.43 -49.03 -1.98
N ASP B 719 27.23 -49.51 -1.59
CA ASP B 719 26.22 -48.63 -1.01
C ASP B 719 25.18 -49.45 -0.25
N PRO B 720 25.48 -49.89 0.99
CA PRO B 720 24.46 -50.59 1.78
C PRO B 720 23.36 -49.67 2.25
N SER B 721 22.61 -49.08 1.31
CA SER B 721 21.55 -48.15 1.66
C SER B 721 20.43 -48.89 2.39
N HIS B 722 19.92 -48.26 3.45
CA HIS B 722 18.84 -48.87 4.23
C HIS B 722 17.57 -49.01 3.40
N SER B 723 17.00 -47.89 2.98
CA SER B 723 15.76 -47.87 2.20
C SER B 723 15.58 -46.47 1.61
N VAL B 724 14.52 -46.32 0.84
CA VAL B 724 14.14 -45.03 0.24
C VAL B 724 12.73 -44.70 0.67
N VAL B 725 12.54 -43.47 1.14
CA VAL B 725 11.24 -43.04 1.66
C VAL B 725 10.49 -42.25 0.61
N ASP B 726 11.07 -41.15 0.15
CA ASP B 726 10.41 -40.28 -0.81
C ASP B 726 10.56 -40.83 -2.21
N PHE B 727 9.45 -41.23 -2.83
CA PHE B 727 9.42 -41.64 -4.22
C PHE B 727 8.69 -40.61 -5.09
N GLN B 728 7.46 -40.26 -4.73
CA GLN B 728 6.78 -39.13 -5.33
C GLN B 728 6.83 -37.88 -4.48
N ASP B 729 7.29 -38.00 -3.22
CA ASP B 729 7.46 -36.85 -2.35
C ASP B 729 8.70 -36.04 -2.67
N GLN B 730 9.63 -36.62 -3.44
CA GLN B 730 10.81 -35.86 -3.85
C GLN B 730 10.42 -34.67 -4.72
N ARG B 731 9.44 -34.87 -5.60
CA ARG B 731 8.84 -33.78 -6.38
C ARG B 731 7.35 -33.78 -6.01
N THR B 732 7.03 -33.04 -4.94
CA THR B 732 5.68 -33.05 -4.41
C THR B 732 4.71 -32.38 -5.37
N LEU B 733 3.48 -32.88 -5.41
CA LEU B 733 2.46 -32.30 -6.25
C LEU B 733 1.96 -30.98 -5.65
N ASP B 734 1.31 -30.18 -6.50
CA ASP B 734 0.76 -28.90 -6.03
C ASP B 734 -0.26 -29.06 -4.91
N PRO B 735 -1.25 -29.97 -5.00
CA PRO B 735 -2.17 -30.15 -3.87
C PRO B 735 -1.53 -31.00 -2.78
N ARG B 736 -2.30 -31.22 -1.72
CA ARG B 736 -1.87 -32.02 -0.57
C ARG B 736 -2.79 -33.22 -0.34
N PHE B 737 -3.43 -33.70 -1.41
CA PHE B 737 -4.37 -34.81 -1.26
C PHE B 737 -3.65 -36.10 -0.86
N ALA B 738 -2.58 -36.45 -1.57
CA ALA B 738 -1.85 -37.68 -1.28
C ALA B 738 -0.47 -37.59 -1.91
N ARG B 739 0.57 -37.76 -1.09
CA ARG B 739 1.96 -37.72 -1.60
C ARG B 739 2.76 -38.83 -0.91
N GLY B 740 2.10 -39.61 -0.05
CA GLY B 740 2.78 -40.70 0.67
C GLY B 740 3.34 -41.75 -0.29
N VAL B 741 4.59 -42.15 -0.08
CA VAL B 741 5.22 -43.19 -0.94
C VAL B 741 6.22 -43.99 -0.08
N LEU B 742 6.30 -45.31 -0.30
CA LEU B 742 7.29 -46.14 0.43
C LEU B 742 8.11 -46.93 -0.61
N LYS B 743 9.42 -46.71 -0.66
CA LYS B 743 10.24 -47.36 -1.67
C LYS B 743 11.24 -48.33 -1.01
N CYS B 744 12.14 -48.87 -1.82
CA CYS B 744 13.19 -49.77 -1.38
C CYS B 744 14.52 -49.28 -1.93
N ASP B 745 15.58 -49.44 -1.14
CA ASP B 745 16.90 -49.00 -1.55
C ASP B 745 17.36 -49.75 -2.79
N ILE B 746 17.43 -49.05 -3.92
CA ILE B 746 17.82 -49.66 -5.19
C ILE B 746 18.45 -48.58 -6.06
N SER B 747 19.38 -49.01 -6.91
CA SER B 747 20.09 -48.11 -7.81
C SER B 747 19.85 -48.55 -9.24
N ASP B 748 19.65 -47.57 -10.13
CA ASP B 748 19.42 -47.88 -11.54
C ASP B 748 20.63 -48.58 -12.15
N LEU B 749 21.84 -48.12 -11.83
CA LEU B 749 23.04 -48.76 -12.34
C LEU B 749 23.18 -50.18 -11.80
N SER B 750 22.88 -50.38 -10.52
CA SER B 750 23.01 -51.72 -9.93
C SER B 750 22.03 -52.70 -10.59
N LEU B 751 20.80 -52.26 -10.82
CA LEU B 751 19.81 -53.13 -11.46
C LEU B 751 20.23 -53.50 -12.87
N ILE B 752 20.74 -52.53 -13.64
CA ILE B 752 21.19 -52.81 -15.00
C ILE B 752 22.40 -53.75 -14.98
N CYS B 753 23.36 -53.49 -14.09
CA CYS B 753 24.54 -54.34 -14.01
C CYS B 753 24.18 -55.75 -13.59
N LEU B 754 23.27 -55.89 -12.61
CA LEU B 754 22.84 -57.22 -12.20
C LEU B 754 22.11 -57.94 -13.31
N LEU B 755 21.23 -57.23 -14.02
CA LEU B 755 20.52 -57.83 -15.15
C LEU B 755 21.45 -58.03 -16.33
N GLY B 756 22.42 -57.12 -16.52
CA GLY B 756 23.34 -57.25 -17.64
C GLY B 756 24.20 -58.49 -17.54
N TYR B 757 24.66 -58.82 -16.32
CA TYR B 757 25.46 -60.02 -16.14
C TYR B 757 24.67 -61.28 -16.49
N SER B 758 23.41 -61.34 -16.05
CA SER B 758 22.56 -62.46 -16.42
C SER B 758 22.25 -62.46 -17.91
N MET B 759 22.01 -61.28 -18.48
CA MET B 759 21.73 -61.20 -19.92
C MET B 759 22.96 -61.55 -20.75
N LEU B 760 24.16 -61.24 -20.26
CA LEU B 760 25.37 -61.60 -20.98
C LEU B 760 25.51 -63.11 -21.12
N LEU B 761 25.22 -63.85 -20.04
CA LEU B 761 25.24 -65.30 -20.11
C LEU B 761 24.17 -65.83 -21.06
N MET B 762 22.98 -65.20 -21.04
CA MET B 762 21.93 -65.60 -21.96
C MET B 762 22.31 -65.31 -23.41
N VAL B 763 23.12 -64.28 -23.64
CA VAL B 763 23.58 -63.97 -24.99
C VAL B 763 24.47 -65.10 -25.52
N THR B 764 25.30 -65.68 -24.64
CA THR B 764 26.12 -66.81 -25.04
C THR B 764 25.25 -68.01 -25.42
N CYS B 765 24.17 -68.24 -24.67
CA CYS B 765 23.26 -69.32 -25.02
C CYS B 765 22.55 -69.05 -26.34
N THR B 766 22.30 -67.78 -26.65
CA THR B 766 21.66 -67.44 -27.93
C THR B 766 22.55 -67.84 -29.10
N VAL B 767 23.85 -67.57 -29.00
CA VAL B 767 24.77 -67.94 -30.08
C VAL B 767 24.89 -69.45 -30.18
N TYR B 768 25.00 -70.13 -29.04
CA TYR B 768 25.14 -71.59 -29.05
C TYR B 768 23.88 -72.25 -29.61
N ALA B 769 22.70 -71.75 -29.25
CA ALA B 769 21.46 -72.35 -29.73
C ALA B 769 21.31 -72.16 -31.23
N ILE B 770 21.73 -71.02 -31.77
CA ILE B 770 21.61 -70.76 -33.20
C ILE B 770 22.45 -71.75 -33.99
N LYS B 771 23.69 -71.99 -33.55
CA LYS B 771 24.54 -72.95 -34.24
C LYS B 771 24.06 -74.38 -34.05
N THR B 772 23.49 -74.69 -32.88
CA THR B 772 23.00 -76.03 -32.61
C THR B 772 21.69 -76.33 -33.31
N ARG B 773 20.92 -75.30 -33.66
CA ARG B 773 19.62 -75.49 -34.30
C ARG B 773 19.72 -76.06 -35.71
N GLY B 774 20.91 -76.09 -36.30
CA GLY B 774 21.09 -76.62 -37.63
C GLY B 774 20.91 -78.12 -37.71
N THR B 778 21.73 -83.36 -30.07
CA THR B 778 20.67 -84.35 -29.92
C THR B 778 19.31 -83.67 -29.94
N PHE B 779 18.30 -84.35 -30.49
CA PHE B 779 16.97 -83.77 -30.59
C PHE B 779 16.38 -83.48 -29.22
N ASN B 780 16.59 -84.37 -28.26
CA ASN B 780 16.02 -84.20 -26.93
C ASN B 780 16.60 -82.98 -26.20
N GLU B 781 17.76 -82.49 -26.64
CA GLU B 781 18.38 -81.34 -26.00
C GLU B 781 18.15 -80.04 -26.78
N ALA B 782 18.21 -80.10 -28.11
CA ALA B 782 18.09 -78.90 -28.93
C ALA B 782 16.70 -78.28 -28.81
N LYS B 783 15.66 -79.11 -28.84
CA LYS B 783 14.29 -78.59 -28.81
C LYS B 783 13.97 -77.83 -27.52
N PRO B 784 14.25 -78.35 -26.32
CA PRO B 784 13.94 -77.56 -25.13
C PRO B 784 14.84 -76.35 -24.97
N ILE B 785 16.13 -76.49 -25.25
CA ILE B 785 17.06 -75.37 -25.09
C ILE B 785 16.68 -74.23 -26.02
N GLY B 786 16.32 -74.54 -27.27
CA GLY B 786 15.89 -73.51 -28.19
C GLY B 786 14.63 -72.80 -27.72
N PHE B 787 13.72 -73.54 -27.07
CA PHE B 787 12.51 -72.92 -26.55
C PHE B 787 12.81 -72.06 -25.33
N THR B 788 13.75 -72.47 -24.49
CA THR B 788 14.09 -71.68 -23.31
C THR B 788 14.64 -70.31 -23.70
N MET B 789 15.64 -70.28 -24.59
CA MET B 789 16.19 -69.01 -25.03
C MET B 789 15.16 -68.19 -25.79
N TYR B 790 14.20 -68.85 -26.44
CA TYR B 790 13.12 -68.12 -27.10
C TYR B 790 12.22 -67.41 -26.09
N THR B 791 11.96 -68.06 -24.95
CA THR B 791 11.11 -67.44 -23.93
C THR B 791 11.83 -66.33 -23.18
N THR B 792 13.11 -66.52 -22.87
CA THR B 792 13.85 -65.50 -22.13
C THR B 792 14.03 -64.24 -22.96
N CYS B 793 14.34 -64.39 -24.26
CA CYS B 793 14.61 -63.22 -25.08
C CYS B 793 13.37 -62.34 -25.23
N ILE B 794 12.20 -62.96 -25.43
CA ILE B 794 10.98 -62.18 -25.63
C ILE B 794 10.55 -61.51 -24.33
N VAL B 795 10.65 -62.22 -23.21
CA VAL B 795 10.22 -61.63 -21.94
C VAL B 795 11.18 -60.51 -21.52
N TRP B 796 12.46 -60.65 -21.82
CA TRP B 796 13.39 -59.56 -21.54
C TRP B 796 13.25 -58.43 -22.55
N LEU B 797 12.88 -58.74 -23.79
CA LEU B 797 12.68 -57.70 -24.80
C LEU B 797 11.58 -56.74 -24.39
N ALA B 798 10.55 -57.23 -23.70
CA ALA B 798 9.49 -56.37 -23.19
C ALA B 798 9.86 -55.69 -21.88
N PHE B 799 11.00 -56.04 -21.29
CA PHE B 799 11.40 -55.42 -20.02
C PHE B 799 11.91 -54.00 -20.23
N ILE B 800 12.68 -53.76 -21.31
CA ILE B 800 13.26 -52.44 -21.53
C ILE B 800 12.22 -51.33 -21.68
N PRO B 801 11.22 -51.44 -22.57
CA PRO B 801 10.30 -50.31 -22.72
C PRO B 801 9.38 -50.11 -21.52
N ILE B 802 9.07 -51.16 -20.77
CA ILE B 802 8.27 -50.99 -19.57
C ILE B 802 9.09 -50.34 -18.46
N PHE B 803 10.31 -50.84 -18.24
CA PHE B 803 11.13 -50.32 -17.14
C PHE B 803 11.63 -48.91 -17.43
N PHE B 804 12.17 -48.69 -18.63
CA PHE B 804 12.66 -47.36 -18.98
C PHE B 804 11.54 -46.40 -19.32
N GLY B 805 10.43 -46.90 -19.84
CA GLY B 805 9.31 -46.06 -20.22
C GLY B 805 8.39 -45.66 -19.10
N THR B 806 8.61 -46.15 -17.88
CA THR B 806 7.79 -45.78 -16.73
C THR B 806 8.22 -44.47 -16.10
N SER B 807 9.28 -43.85 -16.59
CA SER B 807 9.73 -42.57 -16.04
C SER B 807 8.71 -41.49 -16.34
N GLN B 808 8.54 -40.58 -15.37
CA GLN B 808 7.61 -39.45 -15.48
C GLN B 808 6.17 -39.91 -15.69
N SER B 809 5.84 -41.12 -15.23
CA SER B 809 4.50 -41.65 -15.30
C SER B 809 3.76 -41.34 -13.99
N ALA B 810 2.59 -41.94 -13.81
CA ALA B 810 1.84 -41.76 -12.57
C ALA B 810 2.62 -42.30 -11.38
N ASP B 811 3.23 -43.48 -11.53
CA ASP B 811 4.05 -44.05 -10.48
C ASP B 811 5.16 -44.88 -11.11
N LYS B 812 6.26 -45.03 -10.38
CA LYS B 812 7.42 -45.75 -10.86
C LYS B 812 7.76 -46.96 -10.01
N LEU B 813 7.82 -46.80 -8.69
CA LEU B 813 8.18 -47.91 -7.82
C LEU B 813 7.14 -49.03 -7.87
N TYR B 814 5.86 -48.66 -7.89
CA TYR B 814 4.80 -49.66 -7.91
C TYR B 814 4.85 -50.51 -9.18
N ILE B 815 5.05 -49.87 -10.33
CA ILE B 815 5.07 -50.59 -11.59
C ILE B 815 6.34 -51.40 -11.74
N GLN B 816 7.49 -50.82 -11.37
CA GLN B 816 8.78 -51.46 -11.65
C GLN B 816 8.93 -52.78 -10.91
N THR B 817 8.54 -52.83 -9.63
CA THR B 817 8.71 -54.05 -8.86
C THR B 817 7.85 -55.18 -9.40
N THR B 818 6.59 -54.89 -9.76
CA THR B 818 5.70 -55.94 -10.25
C THR B 818 6.20 -56.51 -11.57
N THR B 819 6.66 -55.65 -12.48
CA THR B 819 7.15 -56.13 -13.77
C THR B 819 8.45 -56.91 -13.62
N LEU B 820 9.31 -56.49 -12.69
CA LEU B 820 10.56 -57.21 -12.45
C LEU B 820 10.29 -58.62 -11.94
N THR B 821 9.34 -58.76 -11.02
CA THR B 821 9.05 -60.07 -10.44
C THR B 821 8.49 -61.03 -11.47
N VAL B 822 7.55 -60.57 -12.30
CA VAL B 822 6.93 -61.45 -13.29
C VAL B 822 7.91 -61.81 -14.38
N SER B 823 8.84 -60.91 -14.71
CA SER B 823 9.81 -61.19 -15.77
C SER B 823 10.74 -62.33 -15.38
N VAL B 824 11.30 -62.29 -14.17
CA VAL B 824 12.17 -63.36 -13.72
C VAL B 824 11.39 -64.63 -13.44
N SER B 825 10.14 -64.50 -12.98
CA SER B 825 9.33 -65.68 -12.71
C SER B 825 8.94 -66.39 -13.99
N LEU B 826 8.54 -65.63 -15.02
CA LEU B 826 8.17 -66.23 -16.29
C LEU B 826 9.36 -66.93 -16.94
N SER B 827 10.54 -66.30 -16.88
CA SER B 827 11.74 -66.91 -17.45
C SER B 827 12.08 -68.21 -16.72
N ALA B 828 12.00 -68.20 -15.39
CA ALA B 828 12.28 -69.42 -14.64
C ALA B 828 11.24 -70.50 -14.89
N SER B 829 9.96 -70.10 -14.92
CA SER B 829 8.89 -71.08 -15.15
C SER B 829 8.98 -71.69 -16.54
N VAL B 830 9.25 -70.86 -17.56
CA VAL B 830 9.34 -71.38 -18.92
C VAL B 830 10.55 -72.30 -19.07
N SER B 831 11.70 -71.89 -18.52
CA SER B 831 12.91 -72.70 -18.65
C SER B 831 12.78 -74.01 -17.90
N LEU B 832 12.34 -73.96 -16.64
CA LEU B 832 12.18 -75.19 -15.86
C LEU B 832 11.07 -76.06 -16.42
N GLY B 833 9.95 -75.45 -16.83
CA GLY B 833 8.84 -76.23 -17.35
C GLY B 833 9.18 -76.92 -18.66
N MET B 834 9.97 -76.26 -19.51
CA MET B 834 10.30 -76.84 -20.81
C MET B 834 11.15 -78.10 -20.68
N LEU B 835 11.96 -78.20 -19.61
CA LEU B 835 12.82 -79.36 -19.43
C LEU B 835 12.24 -80.39 -18.47
N TYR B 836 11.46 -79.95 -17.47
CA TYR B 836 10.94 -80.90 -16.49
C TYR B 836 9.79 -81.72 -17.07
N MET B 837 8.93 -81.09 -17.86
CA MET B 837 7.76 -81.80 -18.39
C MET B 837 8.12 -83.00 -19.26
N PRO B 838 9.02 -82.89 -20.25
CA PRO B 838 9.38 -84.09 -21.03
C PRO B 838 9.99 -85.20 -20.19
N LYS B 839 10.78 -84.85 -19.16
CA LYS B 839 11.38 -85.88 -18.32
C LYS B 839 10.31 -86.65 -17.55
N VAL B 840 9.32 -85.94 -17.00
CA VAL B 840 8.26 -86.62 -16.27
C VAL B 840 7.38 -87.42 -17.21
N TYR B 841 7.13 -86.89 -18.41
CA TYR B 841 6.28 -87.60 -19.37
C TYR B 841 6.98 -88.83 -19.92
N ILE B 842 8.29 -88.77 -20.12
CA ILE B 842 9.03 -89.91 -20.67
C ILE B 842 9.02 -91.07 -19.69
N ILE B 843 9.27 -90.79 -18.40
CA ILE B 843 9.27 -91.85 -17.41
C ILE B 843 7.85 -92.32 -17.11
N LEU B 844 6.84 -91.49 -17.38
CA LEU B 844 5.45 -91.92 -17.18
C LEU B 844 5.10 -93.08 -18.10
N PHE B 845 5.53 -93.02 -19.36
CA PHE B 845 5.26 -94.08 -20.32
C PHE B 845 6.29 -95.20 -20.25
N HIS B 846 7.33 -95.07 -19.43
CA HIS B 846 8.35 -96.10 -19.32
C HIS B 846 8.02 -97.07 -18.19
C1 NAG C . 9.03 12.64 -16.15
C2 NAG C . 7.80 12.57 -17.07
C3 NAG C . 8.27 12.52 -18.53
C4 NAG C . 9.22 13.67 -18.84
C5 NAG C . 10.38 13.65 -17.85
C6 NAG C . 11.31 14.82 -18.04
C7 NAG C . 5.75 11.25 -17.19
C8 NAG C . 5.08 9.95 -16.81
N2 NAG C . 6.99 11.41 -16.74
O3 NAG C . 7.15 12.55 -19.41
O4 NAG C . 9.73 13.52 -20.16
O5 NAG C . 9.85 13.75 -16.51
O6 NAG C . 12.40 14.78 -17.11
O7 NAG C . 5.17 12.09 -17.87
C1 NAG D . 29.61 61.83 5.30
C2 NAG D . 29.80 62.97 4.29
C3 NAG D . 31.28 63.15 4.00
C4 NAG D . 32.08 63.33 5.29
C5 NAG D . 31.78 62.17 6.24
C6 NAG D . 32.44 62.33 7.59
C7 NAG D . 28.21 63.67 2.57
C8 NAG D . 28.07 64.96 3.33
N2 NAG D . 29.05 62.78 3.08
O3 NAG D . 31.47 64.26 3.12
O4 NAG D . 33.47 63.36 5.00
O5 NAG D . 30.36 62.10 6.47
O6 NAG D . 32.11 61.25 8.45
O7 NAG D . 27.57 63.47 1.55
N GLU E . 6.02 37.09 2.37
CA GLU E . 6.04 36.28 3.56
C GLU E . 4.80 36.59 4.39
O GLU E . 4.88 36.75 5.62
CB GLU E . 7.29 36.64 4.34
CG GLU E . 7.47 38.15 4.37
CD GLU E . 8.82 38.55 3.82
OE1 GLU E . 9.63 39.17 4.55
OE2 GLU E . 9.11 38.27 2.64
OXT GLU E . 3.70 36.65 3.83
N GLU F . -15.47 25.31 24.02
CA GLU F . -15.82 25.78 22.69
C GLU F . -14.85 26.89 22.28
O GLU F . -13.86 27.17 23.01
CB GLU F . -17.27 26.23 22.66
CG GLU F . -17.85 26.45 24.05
CD GLU F . -19.28 26.96 24.00
OE1 GLU F . -19.50 28.20 24.01
OE2 GLU F . -20.24 26.14 23.96
OXT GLU F . -15.05 27.54 21.23
C1 NAG G . -6.26 24.46 47.79
C2 NAG G . -4.93 23.96 47.25
C3 NAG G . -4.30 23.00 48.24
C4 NAG G . -5.32 21.91 48.61
C5 NAG G . -6.56 22.56 49.21
C6 NAG G . -6.74 22.25 50.67
C7 NAG G . -4.50 23.75 44.85
C8 NAG G . -4.79 22.96 43.60
N2 NAG G . -5.10 23.32 45.96
O3 NAG G . -3.90 23.71 49.41
O4 NAG G . -5.69 21.22 47.42
O5 NAG G . -6.45 23.99 49.11
O6 NAG G . -5.63 22.71 51.45
O7 NAG G . -3.77 24.73 44.84
#